data_1B4R
#
_entry.id   1B4R
#
_cell.length_a   1.000
_cell.length_b   1.000
_cell.length_c   1.000
_cell.angle_alpha   90.00
_cell.angle_beta   90.00
_cell.angle_gamma   90.00
#
_symmetry.space_group_name_H-M   'P 1'
#
_entity_poly.entity_id   1
_entity_poly.type   'polypeptide(L)'
_entity_poly.pdbx_seq_one_letter_code
;ATLVGPHGPLASGQLAAFHIAAPLPVTATRWDFGDGSAEVDAAGPAASHRYVLPGRYHVTAVLALGAGSALLGTDVQVEA
;
_entity_poly.pdbx_strand_id   A
#
# COMPACT_ATOMS: atom_id res chain seq x y z
N ALA A 1 12.00 3.12 -0.90
CA ALA A 1 11.63 1.75 -1.34
C ALA A 1 10.85 1.84 -2.63
N THR A 2 10.83 0.79 -3.40
CA THR A 2 10.09 0.84 -4.68
C THR A 2 8.61 0.60 -4.41
N LEU A 3 7.78 1.25 -5.17
CA LEU A 3 6.32 1.15 -4.98
C LEU A 3 5.75 0.09 -5.92
N VAL A 4 5.74 -1.15 -5.52
CA VAL A 4 5.16 -2.19 -6.41
C VAL A 4 3.70 -2.41 -6.02
N GLY A 5 2.79 -1.87 -6.77
CA GLY A 5 1.35 -2.05 -6.42
C GLY A 5 0.63 -2.81 -7.53
N PRO A 6 0.84 -4.10 -7.55
CA PRO A 6 0.21 -4.99 -8.56
C PRO A 6 -1.28 -5.15 -8.28
N HIS A 7 -2.04 -5.30 -9.33
CA HIS A 7 -3.51 -5.47 -9.17
C HIS A 7 -4.16 -5.48 -10.57
N GLY A 8 -5.38 -5.92 -10.66
CA GLY A 8 -6.07 -5.92 -11.98
C GLY A 8 -6.77 -4.58 -12.13
N PRO A 9 -8.04 -4.62 -12.39
CA PRO A 9 -8.85 -3.40 -12.52
C PRO A 9 -9.20 -2.92 -11.11
N LEU A 10 -9.31 -1.65 -10.91
CA LEU A 10 -9.64 -1.15 -9.55
C LEU A 10 -11.02 -0.49 -9.59
N ALA A 11 -12.06 -1.28 -9.55
CA ALA A 11 -13.43 -0.72 -9.58
C ALA A 11 -13.88 -0.51 -8.13
N SER A 12 -15.00 0.13 -7.93
CA SER A 12 -15.48 0.35 -6.55
C SER A 12 -15.66 -0.99 -5.84
N GLY A 13 -14.93 -1.22 -4.80
CA GLY A 13 -15.05 -2.51 -4.06
C GLY A 13 -14.02 -3.50 -4.59
N GLN A 14 -12.79 -3.07 -4.73
CA GLN A 14 -11.74 -3.99 -5.25
C GLN A 14 -10.58 -4.11 -4.25
N LEU A 15 -9.90 -5.22 -4.26
CA LEU A 15 -8.76 -5.43 -3.32
C LEU A 15 -7.45 -5.43 -4.11
N ALA A 16 -6.80 -4.30 -4.18
CA ALA A 16 -5.49 -4.25 -4.90
C ALA A 16 -4.44 -4.89 -4.00
N ALA A 17 -3.34 -5.34 -4.55
CA ALA A 17 -2.32 -5.96 -3.66
C ALA A 17 -1.00 -5.23 -3.87
N PHE A 18 -0.49 -4.61 -2.84
CA PHE A 18 0.77 -3.83 -2.99
C PHE A 18 1.96 -4.56 -2.35
N HIS A 19 3.14 -4.04 -2.59
CA HIS A 19 4.38 -4.62 -2.01
C HIS A 19 5.52 -3.60 -2.21
N ILE A 20 6.35 -3.42 -1.23
CA ILE A 20 7.44 -2.41 -1.34
C ILE A 20 8.77 -3.13 -1.56
N ALA A 21 9.72 -2.51 -2.20
CA ALA A 21 11.02 -3.20 -2.45
C ALA A 21 12.22 -2.29 -2.14
N ALA A 22 13.02 -2.64 -1.18
CA ALA A 22 14.23 -1.82 -0.86
C ALA A 22 14.95 -2.39 0.37
N PRO A 23 14.28 -2.42 1.49
CA PRO A 23 14.85 -2.94 2.74
C PRO A 23 14.77 -4.47 2.74
N LEU A 24 15.46 -5.10 1.81
CA LEU A 24 15.46 -6.60 1.67
C LEU A 24 14.84 -7.32 2.88
N PRO A 25 15.48 -7.22 4.03
CA PRO A 25 14.98 -7.88 5.25
C PRO A 25 13.80 -7.12 5.86
N VAL A 26 12.64 -7.17 5.25
CA VAL A 26 11.47 -6.46 5.83
C VAL A 26 10.60 -7.44 6.60
N THR A 27 10.30 -7.15 7.82
CA THR A 27 9.44 -8.05 8.62
C THR A 27 8.08 -7.37 8.87
N ALA A 28 8.01 -6.09 8.64
CA ALA A 28 6.72 -5.37 8.85
C ALA A 28 6.76 -4.02 8.15
N THR A 29 5.63 -3.56 7.69
CA THR A 29 5.57 -2.24 6.99
C THR A 29 4.29 -1.52 7.43
N ARG A 30 4.21 -0.25 7.22
CA ARG A 30 2.98 0.49 7.62
C ARG A 30 2.47 1.29 6.42
N TRP A 31 1.47 0.78 5.76
CA TRP A 31 0.93 1.52 4.58
C TRP A 31 -0.14 2.50 5.04
N ASP A 32 -0.69 3.21 4.12
CA ASP A 32 -1.77 4.17 4.47
C ASP A 32 -2.72 4.21 3.28
N PHE A 33 -3.83 3.57 3.38
CA PHE A 33 -4.77 3.55 2.22
C PHE A 33 -5.58 4.84 2.17
N GLY A 34 -6.33 5.12 3.20
CA GLY A 34 -7.17 6.35 3.19
C GLY A 34 -8.53 6.04 2.58
N ASP A 35 -8.82 4.78 2.35
CA ASP A 35 -10.12 4.38 1.77
C ASP A 35 -11.03 3.92 2.91
N GLY A 36 -10.92 4.55 4.05
CA GLY A 36 -11.68 4.10 5.24
C GLY A 36 -10.65 3.47 6.17
N SER A 37 -9.70 2.76 5.59
CA SER A 37 -8.62 2.15 6.40
C SER A 37 -7.38 3.03 6.22
N ALA A 38 -7.16 3.94 7.14
CA ALA A 38 -6.00 4.86 7.01
C ALA A 38 -4.71 4.10 7.27
N GLU A 39 -4.27 4.07 8.51
CA GLU A 39 -3.01 3.36 8.87
C GLU A 39 -3.09 1.91 8.41
N VAL A 40 -1.98 1.34 8.03
CA VAL A 40 -2.00 -0.07 7.53
C VAL A 40 -0.84 -0.87 8.14
N ASP A 41 -1.13 -1.74 9.06
CA ASP A 41 -0.05 -2.57 9.65
C ASP A 41 0.12 -3.83 8.79
N ALA A 42 1.02 -3.80 7.84
CA ALA A 42 1.21 -4.97 6.95
C ALA A 42 2.43 -5.79 7.37
N ALA A 43 2.54 -6.99 6.85
CA ALA A 43 3.70 -7.86 7.19
C ALA A 43 4.77 -7.75 6.10
N GLY A 44 6.02 -7.91 6.49
CA GLY A 44 7.14 -7.82 5.50
C GLY A 44 6.92 -6.61 4.60
N PRO A 45 7.45 -6.68 3.41
CA PRO A 45 7.31 -5.61 2.43
C PRO A 45 6.04 -5.83 1.59
N ALA A 46 4.93 -6.24 2.17
CA ALA A 46 3.73 -6.45 1.32
C ALA A 46 2.44 -6.05 2.04
N ALA A 47 1.44 -5.70 1.26
CA ALA A 47 0.12 -5.30 1.84
C ALA A 47 -0.89 -5.31 0.69
N SER A 48 -2.06 -4.78 0.91
CA SER A 48 -3.08 -4.74 -0.16
C SER A 48 -4.08 -3.64 0.12
N HIS A 49 -4.60 -3.01 -0.90
CA HIS A 49 -5.55 -1.89 -0.68
C HIS A 49 -6.99 -2.36 -0.87
N ARG A 50 -7.85 -2.00 0.04
CA ARG A 50 -9.29 -2.38 -0.08
C ARG A 50 -10.07 -1.13 -0.45
N TYR A 51 -10.20 -0.86 -1.73
CA TYR A 51 -10.93 0.36 -2.15
C TYR A 51 -12.42 0.02 -2.30
N VAL A 52 -13.29 0.87 -1.81
CA VAL A 52 -14.74 0.57 -1.91
C VAL A 52 -15.51 1.75 -2.51
N LEU A 53 -14.91 2.91 -2.62
CA LEU A 53 -15.65 4.07 -3.19
C LEU A 53 -15.06 4.42 -4.57
N PRO A 54 -15.92 4.84 -5.46
CA PRO A 54 -15.51 5.21 -6.83
C PRO A 54 -14.87 6.61 -6.81
N GLY A 55 -13.61 6.70 -7.14
CA GLY A 55 -12.94 8.03 -7.14
C GLY A 55 -11.43 7.82 -7.16
N ARG A 56 -10.70 8.65 -6.47
CA ARG A 56 -9.22 8.50 -6.45
C ARG A 56 -8.76 8.21 -5.02
N TYR A 57 -7.59 7.66 -4.88
CA TYR A 57 -7.08 7.34 -3.52
C TYR A 57 -5.58 7.65 -3.45
N HIS A 58 -5.06 7.80 -2.26
CA HIS A 58 -3.60 8.09 -2.11
C HIS A 58 -2.97 6.99 -1.26
N VAL A 59 -1.77 6.57 -1.57
CA VAL A 59 -1.14 5.49 -0.76
C VAL A 59 0.23 5.93 -0.24
N THR A 60 0.60 5.41 0.90
CA THR A 60 1.93 5.74 1.49
C THR A 60 2.37 4.52 2.31
N ALA A 61 3.63 4.39 2.62
CA ALA A 61 4.07 3.20 3.41
C ALA A 61 5.31 3.52 4.24
N VAL A 62 5.48 2.82 5.32
CA VAL A 62 6.66 2.99 6.20
C VAL A 62 7.31 1.63 6.37
N LEU A 63 8.54 1.48 6.01
CA LEU A 63 9.17 0.13 6.14
C LEU A 63 9.77 -0.01 7.53
N ALA A 64 9.67 -1.16 8.13
CA ALA A 64 10.28 -1.32 9.47
C ALA A 64 11.14 -2.56 9.50
N LEU A 65 12.41 -2.37 9.55
CA LEU A 65 13.36 -3.52 9.60
C LEU A 65 13.89 -3.65 11.03
N GLY A 66 13.62 -2.67 11.85
CA GLY A 66 14.12 -2.69 13.24
C GLY A 66 15.17 -1.59 13.38
N ALA A 67 16.10 -1.55 12.47
CA ALA A 67 17.16 -0.49 12.51
C ALA A 67 17.09 0.36 11.23
N GLY A 68 16.25 0.00 10.30
CA GLY A 68 16.14 0.79 9.05
C GLY A 68 14.67 0.92 8.63
N SER A 69 14.36 1.83 7.74
CA SER A 69 12.95 2.01 7.31
C SER A 69 12.92 2.55 5.87
N ALA A 70 11.76 2.82 5.36
CA ALA A 70 11.64 3.35 3.97
C ALA A 70 10.35 4.17 3.86
N LEU A 71 10.30 5.11 2.96
CA LEU A 71 9.06 5.94 2.82
C LEU A 71 8.38 5.65 1.49
N LEU A 72 7.13 5.28 1.52
CA LEU A 72 6.41 4.98 0.26
C LEU A 72 5.30 5.99 0.04
N GLY A 73 4.92 6.17 -1.20
CA GLY A 73 3.84 7.13 -1.52
C GLY A 73 3.33 6.87 -2.95
N THR A 74 2.32 6.05 -3.09
CA THR A 74 1.79 5.75 -4.46
C THR A 74 0.44 6.45 -4.66
N ASP A 75 -0.11 6.35 -5.84
CA ASP A 75 -1.43 6.99 -6.11
C ASP A 75 -2.41 5.91 -6.58
N VAL A 76 -3.69 6.19 -6.50
CA VAL A 76 -4.70 5.15 -6.91
C VAL A 76 -5.90 5.83 -7.57
N GLN A 77 -6.52 5.16 -8.52
CA GLN A 77 -7.71 5.73 -9.21
C GLN A 77 -8.76 4.63 -9.38
N VAL A 78 -9.74 4.58 -8.51
CA VAL A 78 -10.77 3.51 -8.61
C VAL A 78 -12.01 4.03 -9.35
N GLU A 79 -12.58 3.21 -10.18
CA GLU A 79 -13.79 3.63 -10.95
C GLU A 79 -15.02 2.86 -10.45
N ALA A 80 -16.06 2.79 -11.24
CA ALA A 80 -17.27 2.06 -10.80
C ALA A 80 -17.96 1.46 -12.03
N ALA A 1 11.60 2.47 -0.18
CA ALA A 1 11.43 1.26 -1.04
C ALA A 1 10.65 1.66 -2.29
N THR A 2 10.81 0.91 -3.35
CA THR A 2 10.09 1.24 -4.62
C THR A 2 8.60 0.97 -4.44
N LEU A 3 7.80 1.73 -5.12
CA LEU A 3 6.32 1.61 -5.02
C LEU A 3 5.82 0.51 -5.97
N VAL A 4 5.40 -0.61 -5.46
CA VAL A 4 4.89 -1.66 -6.37
C VAL A 4 3.47 -2.03 -5.96
N GLY A 5 2.48 -1.58 -6.69
CA GLY A 5 1.07 -1.89 -6.32
C GLY A 5 0.39 -2.69 -7.45
N PRO A 6 0.73 -3.95 -7.52
CA PRO A 6 0.17 -4.86 -8.54
C PRO A 6 -1.29 -5.23 -8.25
N HIS A 7 -2.04 -5.48 -9.29
CA HIS A 7 -3.48 -5.87 -9.16
C HIS A 7 -4.17 -5.67 -10.50
N GLY A 8 -3.78 -4.64 -11.20
CA GLY A 8 -4.42 -4.35 -12.52
C GLY A 8 -5.27 -3.10 -12.35
N PRO A 9 -6.44 -3.11 -12.93
CA PRO A 9 -7.37 -1.99 -12.85
C PRO A 9 -8.07 -2.01 -11.50
N LEU A 10 -8.40 -0.88 -10.96
CA LEU A 10 -9.07 -0.85 -9.63
C LEU A 10 -10.52 -0.42 -9.79
N ALA A 11 -11.45 -1.29 -9.49
CA ALA A 11 -12.89 -0.92 -9.62
C ALA A 11 -13.46 -0.71 -8.22
N SER A 12 -14.56 -0.02 -8.11
CA SER A 12 -15.16 0.22 -6.77
C SER A 12 -15.41 -1.11 -6.08
N GLY A 13 -14.80 -1.33 -4.95
CA GLY A 13 -15.00 -2.61 -4.23
C GLY A 13 -13.94 -3.63 -4.69
N GLN A 14 -12.70 -3.22 -4.76
CA GLN A 14 -11.64 -4.18 -5.22
C GLN A 14 -10.49 -4.22 -4.19
N LEU A 15 -9.79 -5.33 -4.15
CA LEU A 15 -8.67 -5.47 -3.20
C LEU A 15 -7.34 -5.45 -3.98
N ALA A 16 -6.74 -4.30 -4.13
CA ALA A 16 -5.44 -4.24 -4.85
C ALA A 16 -4.38 -4.88 -3.95
N ALA A 17 -3.30 -5.37 -4.49
CA ALA A 17 -2.28 -5.98 -3.60
C ALA A 17 -0.96 -5.27 -3.82
N PHE A 18 -0.50 -4.55 -2.83
CA PHE A 18 0.75 -3.76 -2.99
C PHE A 18 1.96 -4.45 -2.36
N HIS A 19 3.10 -3.87 -2.58
CA HIS A 19 4.36 -4.37 -1.99
C HIS A 19 5.45 -3.33 -2.30
N ILE A 20 6.41 -3.19 -1.43
CA ILE A 20 7.47 -2.17 -1.66
C ILE A 20 8.78 -2.91 -1.92
N ALA A 21 9.73 -2.30 -2.58
CA ALA A 21 11.00 -3.05 -2.86
C ALA A 21 12.25 -2.23 -2.53
N ALA A 22 13.09 -2.76 -1.67
CA ALA A 22 14.36 -2.06 -1.32
C ALA A 22 15.04 -2.82 -0.16
N PRO A 23 14.46 -2.75 1.01
CA PRO A 23 14.99 -3.46 2.18
C PRO A 23 14.62 -4.93 2.07
N LEU A 24 15.32 -5.67 1.24
CA LEU A 24 15.01 -7.12 1.05
C LEU A 24 14.53 -7.77 2.37
N PRO A 25 15.33 -7.66 3.40
CA PRO A 25 14.99 -8.24 4.72
C PRO A 25 14.02 -7.33 5.49
N VAL A 26 12.75 -7.39 5.20
CA VAL A 26 11.77 -6.53 5.95
C VAL A 26 10.90 -7.43 6.83
N THR A 27 10.42 -6.92 7.93
CA THR A 27 9.56 -7.76 8.82
C THR A 27 8.16 -7.16 8.94
N ALA A 28 8.05 -5.87 8.80
CA ALA A 28 6.70 -5.24 8.92
C ALA A 28 6.70 -3.88 8.22
N THR A 29 5.61 -3.54 7.59
CA THR A 29 5.51 -2.23 6.89
C THR A 29 4.21 -1.55 7.32
N ARG A 30 4.14 -0.26 7.18
CA ARG A 30 2.90 0.46 7.56
C ARG A 30 2.43 1.29 6.36
N TRP A 31 1.42 0.84 5.69
CA TRP A 31 0.92 1.61 4.50
C TRP A 31 -0.12 2.61 4.96
N ASP A 32 -0.67 3.34 4.04
CA ASP A 32 -1.73 4.31 4.38
C ASP A 32 -2.69 4.40 3.20
N PHE A 33 -3.82 3.78 3.29
CA PHE A 33 -4.77 3.79 2.13
C PHE A 33 -5.57 5.10 2.11
N GLY A 34 -6.41 5.31 3.08
CA GLY A 34 -7.22 6.57 3.09
C GLY A 34 -8.63 6.27 2.54
N ASP A 35 -8.96 5.02 2.39
CA ASP A 35 -10.32 4.65 1.88
C ASP A 35 -11.21 4.32 3.08
N GLY A 36 -10.98 4.98 4.17
CA GLY A 36 -11.73 4.67 5.41
C GLY A 36 -10.70 4.06 6.37
N SER A 37 -9.77 3.33 5.81
CA SER A 37 -8.69 2.72 6.63
C SER A 37 -7.40 3.48 6.32
N ALA A 38 -7.00 4.39 7.17
CA ALA A 38 -5.77 5.17 6.91
C ALA A 38 -4.54 4.30 7.17
N GLU A 39 -4.10 4.28 8.41
CA GLU A 39 -2.91 3.47 8.79
C GLU A 39 -3.06 2.04 8.27
N VAL A 40 -1.98 1.43 7.87
CA VAL A 40 -2.09 0.05 7.34
C VAL A 40 -0.99 -0.85 7.96
N ASP A 41 -1.35 -1.71 8.85
CA ASP A 41 -0.34 -2.62 9.44
C ASP A 41 -0.15 -3.81 8.50
N ALA A 42 1.02 -3.96 7.94
CA ALA A 42 1.24 -5.09 6.98
C ALA A 42 2.50 -5.89 7.36
N ALA A 43 2.63 -7.07 6.82
CA ALA A 43 3.83 -7.91 7.13
C ALA A 43 4.88 -7.70 6.04
N GLY A 44 6.14 -7.86 6.41
CA GLY A 44 7.24 -7.68 5.40
C GLY A 44 6.98 -6.41 4.60
N PRO A 45 7.52 -6.37 3.42
CA PRO A 45 7.34 -5.23 2.51
C PRO A 45 6.08 -5.44 1.66
N ALA A 46 5.00 -5.97 2.19
CA ALA A 46 3.81 -6.18 1.32
C ALA A 46 2.50 -5.84 2.04
N ALA A 47 1.49 -5.50 1.27
CA ALA A 47 0.16 -5.16 1.85
C ALA A 47 -0.88 -5.20 0.73
N SER A 48 -2.06 -4.72 0.97
CA SER A 48 -3.10 -4.72 -0.10
C SER A 48 -4.11 -3.61 0.15
N HIS A 49 -4.59 -2.99 -0.89
CA HIS A 49 -5.56 -1.87 -0.73
C HIS A 49 -7.00 -2.38 -0.83
N ARG A 50 -7.83 -2.03 0.12
CA ARG A 50 -9.25 -2.45 0.07
C ARG A 50 -10.09 -1.23 -0.33
N TYR A 51 -10.22 -0.98 -1.60
CA TYR A 51 -11.00 0.22 -2.04
C TYR A 51 -12.46 -0.17 -2.27
N VAL A 52 -13.37 0.62 -1.77
CA VAL A 52 -14.81 0.31 -1.95
C VAL A 52 -15.57 1.50 -2.54
N LEU A 53 -14.93 2.62 -2.76
CA LEU A 53 -15.66 3.79 -3.33
C LEU A 53 -15.04 4.15 -4.69
N PRO A 54 -15.89 4.50 -5.61
CA PRO A 54 -15.47 4.88 -6.97
C PRO A 54 -14.91 6.30 -6.97
N GLY A 55 -13.63 6.45 -7.14
CA GLY A 55 -13.03 7.82 -7.15
C GLY A 55 -11.51 7.70 -7.11
N ARG A 56 -10.85 8.61 -6.43
CA ARG A 56 -9.37 8.55 -6.36
C ARG A 56 -8.93 8.18 -4.94
N TYR A 57 -7.72 7.75 -4.80
CA TYR A 57 -7.20 7.36 -3.45
C TYR A 57 -5.71 7.70 -3.39
N HIS A 58 -5.14 7.71 -2.23
CA HIS A 58 -3.67 8.01 -2.12
C HIS A 58 -3.00 6.87 -1.35
N VAL A 59 -1.74 6.64 -1.57
CA VAL A 59 -1.07 5.52 -0.86
C VAL A 59 0.28 5.97 -0.30
N THR A 60 0.64 5.44 0.84
CA THR A 60 1.95 5.78 1.45
C THR A 60 2.39 4.58 2.27
N ALA A 61 3.66 4.44 2.57
CA ALA A 61 4.09 3.26 3.36
C ALA A 61 5.35 3.58 4.17
N VAL A 62 5.57 2.84 5.22
CA VAL A 62 6.78 3.06 6.05
C VAL A 62 7.17 1.71 6.67
N LEU A 63 8.25 1.13 6.22
CA LEU A 63 8.64 -0.19 6.79
C LEU A 63 9.55 0.04 7.98
N ALA A 64 9.55 -0.86 8.93
CA ALA A 64 10.43 -0.69 10.11
C ALA A 64 11.21 -1.96 10.36
N LEU A 65 12.50 -1.87 10.30
CA LEU A 65 13.36 -3.06 10.55
C LEU A 65 14.07 -2.91 11.88
N GLY A 66 14.05 -1.74 12.44
CA GLY A 66 14.74 -1.50 13.74
C GLY A 66 15.99 -0.66 13.45
N ALA A 67 16.75 -1.05 12.46
CA ALA A 67 17.98 -0.28 12.10
C ALA A 67 17.80 0.34 10.71
N GLY A 68 16.72 0.03 10.03
CA GLY A 68 16.51 0.61 8.67
C GLY A 68 15.01 0.75 8.40
N SER A 69 14.63 1.60 7.48
CA SER A 69 13.19 1.78 7.18
C SER A 69 13.02 2.19 5.71
N ALA A 70 11.81 2.16 5.22
CA ALA A 70 11.59 2.55 3.79
C ALA A 70 10.28 3.34 3.68
N LEU A 71 10.30 4.46 3.00
CA LEU A 71 9.05 5.28 2.88
C LEU A 71 8.41 5.06 1.51
N LEU A 72 7.10 5.11 1.46
CA LEU A 72 6.39 4.90 0.18
C LEU A 72 5.33 5.98 -0.02
N GLY A 73 4.90 6.17 -1.24
CA GLY A 73 3.86 7.20 -1.52
C GLY A 73 3.37 7.04 -2.96
N THR A 74 2.35 6.22 -3.17
CA THR A 74 1.83 6.02 -4.56
C THR A 74 0.43 6.64 -4.69
N ASP A 75 -0.12 6.62 -5.87
CA ASP A 75 -1.48 7.17 -6.08
C ASP A 75 -2.42 6.05 -6.54
N VAL A 76 -3.70 6.18 -6.31
CA VAL A 76 -4.64 5.11 -6.74
C VAL A 76 -5.86 5.72 -7.42
N GLN A 77 -6.38 5.07 -8.43
CA GLN A 77 -7.57 5.59 -9.14
C GLN A 77 -8.60 4.46 -9.29
N VAL A 78 -9.63 4.47 -8.50
CA VAL A 78 -10.66 3.40 -8.59
C VAL A 78 -11.89 3.91 -9.33
N GLU A 79 -12.39 3.16 -10.28
CA GLU A 79 -13.58 3.60 -11.06
C GLU A 79 -14.81 2.85 -10.54
N ALA A 80 -15.87 2.80 -11.32
CA ALA A 80 -17.10 2.08 -10.88
C ALA A 80 -17.70 1.33 -12.06
N ALA A 1 11.87 3.35 -1.26
CA ALA A 1 11.64 1.94 -1.70
C ALA A 1 10.87 1.94 -3.02
N THR A 2 10.68 0.80 -3.59
CA THR A 2 9.92 0.72 -4.87
C THR A 2 8.45 0.57 -4.54
N LEU A 3 7.62 1.24 -5.29
CA LEU A 3 6.16 1.20 -5.04
C LEU A 3 5.50 0.18 -5.96
N VAL A 4 5.41 -1.05 -5.54
CA VAL A 4 4.77 -2.06 -6.43
C VAL A 4 3.33 -2.27 -5.97
N GLY A 5 2.37 -1.88 -6.77
CA GLY A 5 0.95 -2.06 -6.38
C GLY A 5 0.20 -2.85 -7.46
N PRO A 6 0.52 -4.12 -7.54
CA PRO A 6 -0.09 -5.04 -8.52
C PRO A 6 -1.54 -5.39 -8.16
N HIS A 7 -2.33 -5.66 -9.17
CA HIS A 7 -3.76 -6.03 -8.96
C HIS A 7 -4.49 -6.01 -10.31
N GLY A 8 -4.17 -5.05 -11.12
CA GLY A 8 -4.84 -4.92 -12.44
C GLY A 8 -5.75 -3.70 -12.41
N PRO A 9 -6.92 -3.83 -12.96
CA PRO A 9 -7.90 -2.74 -12.97
C PRO A 9 -8.56 -2.65 -11.59
N LEU A 10 -8.92 -1.47 -11.18
CA LEU A 10 -9.54 -1.32 -9.83
C LEU A 10 -10.96 -0.78 -9.99
N ALA A 11 -11.94 -1.65 -9.95
CA ALA A 11 -13.34 -1.18 -10.08
C ALA A 11 -13.85 -0.82 -8.69
N SER A 12 -14.95 -0.13 -8.60
CA SER A 12 -15.50 0.24 -7.27
C SER A 12 -15.82 -1.02 -6.48
N GLY A 13 -15.12 -1.26 -5.41
CA GLY A 13 -15.39 -2.48 -4.59
C GLY A 13 -14.30 -3.52 -4.88
N GLN A 14 -13.08 -3.10 -5.01
CA GLN A 14 -11.97 -4.08 -5.28
C GLN A 14 -10.77 -3.78 -4.39
N LEU A 15 -9.96 -4.77 -4.12
CA LEU A 15 -8.77 -4.53 -3.26
C LEU A 15 -7.49 -4.78 -4.08
N ALA A 16 -6.60 -3.83 -4.07
CA ALA A 16 -5.33 -4.00 -4.83
C ALA A 16 -4.28 -4.58 -3.89
N ALA A 17 -3.36 -5.37 -4.36
CA ALA A 17 -2.35 -5.90 -3.43
C ALA A 17 -1.04 -5.16 -3.67
N PHE A 18 -0.53 -4.52 -2.65
CA PHE A 18 0.71 -3.72 -2.82
C PHE A 18 1.93 -4.42 -2.22
N HIS A 19 3.09 -3.88 -2.49
CA HIS A 19 4.36 -4.43 -1.92
C HIS A 19 5.47 -3.39 -2.15
N ILE A 20 6.33 -3.22 -1.18
CA ILE A 20 7.42 -2.20 -1.30
C ILE A 20 8.76 -2.92 -1.47
N ALA A 21 9.69 -2.33 -2.17
CA ALA A 21 11.00 -3.03 -2.37
C ALA A 21 12.20 -2.10 -2.12
N ALA A 22 13.06 -2.45 -1.21
CA ALA A 22 14.27 -1.60 -0.94
C ALA A 22 15.05 -2.17 0.25
N PRO A 23 14.41 -2.20 1.39
CA PRO A 23 15.03 -2.73 2.61
C PRO A 23 14.98 -4.26 2.60
N LEU A 24 15.74 -4.87 1.71
CA LEU A 24 15.76 -6.37 1.56
C LEU A 24 15.15 -7.11 2.77
N PRO A 25 15.74 -6.99 3.92
CA PRO A 25 15.24 -7.67 5.14
C PRO A 25 14.04 -6.92 5.73
N VAL A 26 12.88 -6.99 5.11
CA VAL A 26 11.70 -6.30 5.67
C VAL A 26 10.87 -7.28 6.49
N THR A 27 10.41 -6.86 7.64
CA THR A 27 9.58 -7.74 8.49
C THR A 27 8.17 -7.15 8.62
N ALA A 28 8.01 -5.91 8.27
CA ALA A 28 6.67 -5.27 8.36
C ALA A 28 6.75 -3.82 7.86
N THR A 29 5.68 -3.32 7.31
CA THR A 29 5.68 -1.91 6.83
C THR A 29 4.35 -1.26 7.24
N ARG A 30 4.39 -0.03 7.66
CA ARG A 30 3.12 0.64 8.06
C ARG A 30 2.56 1.41 6.87
N TRP A 31 1.49 0.95 6.30
CA TRP A 31 0.91 1.67 5.13
C TRP A 31 -0.16 2.64 5.60
N ASP A 32 -0.74 3.33 4.68
CA ASP A 32 -1.85 4.26 5.01
C ASP A 32 -2.75 4.33 3.79
N PHE A 33 -3.89 3.72 3.84
CA PHE A 33 -4.75 3.72 2.62
C PHE A 33 -5.53 5.03 2.49
N GLY A 34 -6.45 5.29 3.37
CA GLY A 34 -7.26 6.53 3.26
C GLY A 34 -8.62 6.18 2.62
N ASP A 35 -8.79 4.94 2.22
CA ASP A 35 -10.08 4.50 1.61
C ASP A 35 -11.01 3.99 2.71
N GLY A 36 -10.80 4.43 3.92
CA GLY A 36 -11.61 3.93 5.05
C GLY A 36 -10.62 3.34 6.05
N SER A 37 -9.59 2.69 5.54
CA SER A 37 -8.55 2.12 6.44
C SER A 37 -7.38 3.10 6.46
N ALA A 38 -7.26 3.89 7.49
CA ALA A 38 -6.15 4.88 7.55
C ALA A 38 -4.82 4.16 7.78
N GLU A 39 -4.37 4.11 9.00
CA GLU A 39 -3.07 3.45 9.34
C GLU A 39 -3.11 1.99 8.88
N VAL A 40 -1.98 1.45 8.53
CA VAL A 40 -1.95 0.04 8.04
C VAL A 40 -0.75 -0.70 8.61
N ASP A 41 -0.95 -1.89 9.12
CA ASP A 41 0.18 -2.69 9.66
C ASP A 41 0.38 -3.91 8.76
N ALA A 42 1.20 -3.78 7.75
CA ALA A 42 1.40 -4.92 6.80
C ALA A 42 2.60 -5.78 7.22
N ALA A 43 2.56 -7.03 6.85
CA ALA A 43 3.69 -7.95 7.19
C ALA A 43 4.75 -7.88 6.09
N GLY A 44 6.00 -8.09 6.44
CA GLY A 44 7.09 -8.02 5.42
C GLY A 44 6.88 -6.77 4.60
N PRO A 45 7.40 -6.77 3.40
CA PRO A 45 7.26 -5.64 2.48
C PRO A 45 5.98 -5.80 1.64
N ALA A 46 4.85 -6.20 2.21
CA ALA A 46 3.65 -6.36 1.35
C ALA A 46 2.35 -6.02 2.11
N ALA A 47 1.40 -5.43 1.41
CA ALA A 47 0.09 -5.08 2.03
C ALA A 47 -0.99 -5.15 0.95
N SER A 48 -2.17 -4.68 1.25
CA SER A 48 -3.27 -4.70 0.22
C SER A 48 -4.24 -3.56 0.50
N HIS A 49 -4.70 -2.88 -0.51
CA HIS A 49 -5.64 -1.74 -0.29
C HIS A 49 -7.08 -2.14 -0.61
N ARG A 50 -8.00 -1.77 0.24
CA ARG A 50 -9.43 -2.09 -0.04
C ARG A 50 -10.11 -0.84 -0.60
N TYR A 51 -10.18 -0.72 -1.91
CA TYR A 51 -10.81 0.48 -2.52
C TYR A 51 -12.28 0.17 -2.84
N VAL A 52 -13.19 0.91 -2.26
CA VAL A 52 -14.63 0.63 -2.52
C VAL A 52 -15.31 1.83 -3.19
N LEU A 53 -14.86 3.04 -2.94
CA LEU A 53 -15.52 4.21 -3.58
C LEU A 53 -14.84 4.52 -4.90
N PRO A 54 -15.62 4.92 -5.87
CA PRO A 54 -15.12 5.25 -7.21
C PRO A 54 -14.44 6.63 -7.20
N GLY A 55 -13.28 6.72 -7.79
CA GLY A 55 -12.54 8.01 -7.80
C GLY A 55 -11.04 7.74 -7.70
N ARG A 56 -10.35 8.47 -6.87
CA ARG A 56 -8.89 8.23 -6.72
C ARG A 56 -8.54 8.04 -5.25
N TYR A 57 -7.37 7.52 -4.96
CA TYR A 57 -6.96 7.31 -3.55
C TYR A 57 -5.47 7.61 -3.41
N HIS A 58 -5.04 8.00 -2.23
CA HIS A 58 -3.59 8.28 -2.03
C HIS A 58 -3.04 7.23 -1.06
N VAL A 59 -1.93 6.61 -1.40
CA VAL A 59 -1.35 5.58 -0.51
C VAL A 59 0.01 6.00 0.00
N THR A 60 0.37 5.55 1.17
CA THR A 60 1.70 5.88 1.76
C THR A 60 2.18 4.69 2.59
N ALA A 61 3.46 4.53 2.79
CA ALA A 61 3.92 3.35 3.59
C ALA A 61 5.23 3.66 4.33
N VAL A 62 5.49 2.90 5.36
CA VAL A 62 6.75 3.09 6.15
C VAL A 62 7.39 1.71 6.29
N LEU A 63 8.62 1.56 5.93
CA LEU A 63 9.26 0.21 6.03
C LEU A 63 9.86 0.05 7.42
N ALA A 64 9.78 -1.11 8.00
CA ALA A 64 10.40 -1.29 9.33
C ALA A 64 11.26 -2.53 9.33
N LEU A 65 12.53 -2.33 9.41
CA LEU A 65 13.49 -3.47 9.44
C LEU A 65 14.02 -3.61 10.86
N GLY A 66 13.76 -2.65 11.68
CA GLY A 66 14.28 -2.68 13.08
C GLY A 66 15.35 -1.60 13.19
N ALA A 67 16.28 -1.59 12.27
CA ALA A 67 17.36 -0.57 12.29
C ALA A 67 17.28 0.30 11.03
N GLY A 68 16.41 -0.03 10.12
CA GLY A 68 16.29 0.78 8.86
C GLY A 68 14.82 0.92 8.48
N SER A 69 14.50 1.87 7.64
CA SER A 69 13.08 2.07 7.23
C SER A 69 13.03 2.66 5.82
N ALA A 70 11.85 2.91 5.32
CA ALA A 70 11.71 3.50 3.95
C ALA A 70 10.40 4.26 3.88
N LEU A 71 10.21 5.07 2.87
CA LEU A 71 8.94 5.84 2.76
C LEU A 71 8.22 5.48 1.46
N LEU A 72 6.94 5.22 1.55
CA LEU A 72 6.16 4.87 0.33
C LEU A 72 5.09 5.91 0.08
N GLY A 73 4.64 6.01 -1.14
CA GLY A 73 3.59 7.00 -1.47
C GLY A 73 3.06 6.74 -2.89
N THR A 74 1.98 6.02 -3.01
CA THR A 74 1.43 5.73 -4.37
C THR A 74 0.03 6.35 -4.50
N ASP A 75 -0.64 6.08 -5.58
CA ASP A 75 -2.01 6.62 -5.80
C ASP A 75 -2.80 5.64 -6.67
N VAL A 76 -4.10 5.61 -6.57
CA VAL A 76 -4.87 4.64 -7.40
C VAL A 76 -6.12 5.33 -7.97
N GLN A 77 -6.62 4.86 -9.08
CA GLN A 77 -7.84 5.46 -9.67
C GLN A 77 -8.90 4.36 -9.83
N VAL A 78 -9.84 4.30 -8.91
CA VAL A 78 -10.90 3.26 -9.00
C VAL A 78 -12.04 3.76 -9.89
N GLU A 79 -12.56 2.91 -10.74
CA GLU A 79 -13.66 3.33 -11.64
C GLU A 79 -14.93 2.58 -11.28
N ALA A 80 -16.08 3.13 -11.57
CA ALA A 80 -17.35 2.44 -11.23
C ALA A 80 -17.90 1.74 -12.48
N ALA A 1 11.39 2.70 -0.45
CA ALA A 1 11.24 1.44 -1.22
C ALA A 1 10.43 1.72 -2.48
N THR A 2 10.56 0.90 -3.47
CA THR A 2 9.80 1.12 -4.73
C THR A 2 8.33 0.82 -4.49
N LEU A 3 7.48 1.50 -5.21
CA LEU A 3 6.02 1.34 -5.05
C LEU A 3 5.50 0.27 -6.02
N VAL A 4 5.31 -0.93 -5.58
CA VAL A 4 4.77 -1.96 -6.51
C VAL A 4 3.33 -2.28 -6.09
N GLY A 5 2.37 -1.74 -6.78
CA GLY A 5 0.95 -2.00 -6.40
C GLY A 5 0.24 -2.77 -7.52
N PRO A 6 0.56 -4.04 -7.63
CA PRO A 6 -0.03 -4.91 -8.67
C PRO A 6 -1.50 -5.23 -8.36
N HIS A 7 -2.27 -5.42 -9.40
CA HIS A 7 -3.72 -5.75 -9.27
C HIS A 7 -4.43 -5.40 -10.58
N GLY A 8 -3.99 -4.35 -11.22
CA GLY A 8 -4.64 -3.92 -12.49
C GLY A 8 -5.54 -2.72 -12.20
N PRO A 9 -6.68 -2.70 -12.85
CA PRO A 9 -7.66 -1.62 -12.66
C PRO A 9 -8.41 -1.85 -11.36
N LEU A 10 -8.85 -0.80 -10.72
CA LEU A 10 -9.58 -0.97 -9.43
C LEU A 10 -10.99 -0.43 -9.57
N ALA A 11 -11.97 -1.28 -9.43
CA ALA A 11 -13.38 -0.81 -9.54
C ALA A 11 -13.89 -0.49 -8.13
N SER A 12 -15.02 0.14 -8.02
CA SER A 12 -15.55 0.48 -6.67
C SER A 12 -15.69 -0.80 -5.86
N GLY A 13 -14.99 -0.90 -4.76
CA GLY A 13 -15.07 -2.14 -3.94
C GLY A 13 -14.05 -3.14 -4.46
N GLN A 14 -12.86 -2.69 -4.78
CA GLN A 14 -11.83 -3.61 -5.32
C GLN A 14 -10.68 -3.80 -4.31
N LEU A 15 -10.05 -4.95 -4.35
CA LEU A 15 -8.92 -5.23 -3.44
C LEU A 15 -7.62 -5.30 -4.24
N ALA A 16 -6.83 -4.27 -4.19
CA ALA A 16 -5.53 -4.30 -4.94
C ALA A 16 -4.48 -4.95 -4.04
N ALA A 17 -3.44 -5.50 -4.58
CA ALA A 17 -2.42 -6.13 -3.70
C ALA A 17 -1.09 -5.42 -3.91
N PHE A 18 -0.67 -4.66 -2.93
CA PHE A 18 0.58 -3.86 -3.06
C PHE A 18 1.79 -4.58 -2.44
N HIS A 19 2.95 -4.06 -2.72
CA HIS A 19 4.22 -4.61 -2.16
C HIS A 19 5.32 -3.55 -2.41
N ILE A 20 6.22 -3.39 -1.48
CA ILE A 20 7.30 -2.35 -1.66
C ILE A 20 8.62 -3.06 -1.94
N ALA A 21 9.56 -2.38 -2.57
CA ALA A 21 10.86 -3.07 -2.88
C ALA A 21 12.08 -2.20 -2.55
N ALA A 22 12.93 -2.67 -1.68
CA ALA A 22 14.17 -1.92 -1.33
C ALA A 22 14.89 -2.61 -0.16
N PRO A 23 14.32 -2.51 1.02
CA PRO A 23 14.89 -3.15 2.21
C PRO A 23 14.61 -4.65 2.18
N LEU A 24 15.36 -5.37 1.39
CA LEU A 24 15.14 -6.85 1.27
C LEU A 24 14.71 -7.48 2.60
N PRO A 25 15.48 -7.26 3.64
CA PRO A 25 15.19 -7.81 4.97
C PRO A 25 14.08 -7.01 5.70
N VAL A 26 12.90 -6.93 5.15
CA VAL A 26 11.80 -6.19 5.84
C VAL A 26 11.05 -7.14 6.78
N THR A 27 10.59 -6.65 7.89
CA THR A 27 9.83 -7.52 8.84
C THR A 27 8.40 -7.02 8.99
N ALA A 28 8.21 -5.74 8.89
CA ALA A 28 6.84 -5.16 9.02
C ALA A 28 6.80 -3.81 8.32
N THR A 29 5.74 -3.55 7.62
CA THR A 29 5.62 -2.25 6.91
C THR A 29 4.33 -1.57 7.35
N ARG A 30 4.29 -0.27 7.32
CA ARG A 30 3.06 0.43 7.74
C ARG A 30 2.52 1.22 6.55
N TRP A 31 1.52 0.71 5.91
CA TRP A 31 0.95 1.46 4.74
C TRP A 31 -0.11 2.42 5.24
N ASP A 32 -0.69 3.13 4.32
CA ASP A 32 -1.77 4.07 4.67
C ASP A 32 -2.72 4.13 3.47
N PHE A 33 -3.82 3.45 3.55
CA PHE A 33 -4.74 3.44 2.37
C PHE A 33 -5.58 4.72 2.36
N GLY A 34 -6.35 4.96 3.39
CA GLY A 34 -7.20 6.17 3.41
C GLY A 34 -8.55 5.85 2.77
N ASP A 35 -8.90 4.59 2.69
CA ASP A 35 -10.21 4.20 2.11
C ASP A 35 -11.07 3.70 3.26
N GLY A 36 -11.25 2.41 3.38
CA GLY A 36 -12.02 1.88 4.52
C GLY A 36 -11.08 1.84 5.73
N SER A 37 -9.79 1.83 5.50
CA SER A 37 -8.82 1.79 6.64
C SER A 37 -7.67 2.78 6.36
N ALA A 38 -7.35 3.61 7.31
CA ALA A 38 -6.25 4.59 7.10
C ALA A 38 -4.90 3.91 7.35
N GLU A 39 -4.49 3.87 8.58
CA GLU A 39 -3.19 3.22 8.95
C GLU A 39 -3.18 1.77 8.46
N VAL A 40 -2.02 1.25 8.15
CA VAL A 40 -1.96 -0.15 7.66
C VAL A 40 -0.80 -0.91 8.29
N ASP A 41 -1.08 -1.88 9.12
CA ASP A 41 0.02 -2.67 9.73
C ASP A 41 0.22 -3.94 8.90
N ALA A 42 1.16 -3.92 7.99
CA ALA A 42 1.40 -5.11 7.13
C ALA A 42 2.70 -5.82 7.52
N ALA A 43 2.92 -6.98 6.95
CA ALA A 43 4.16 -7.75 7.26
C ALA A 43 5.15 -7.63 6.10
N GLY A 44 6.43 -7.76 6.38
CA GLY A 44 7.45 -7.66 5.29
C GLY A 44 7.14 -6.45 4.43
N PRO A 45 7.60 -6.48 3.23
CA PRO A 45 7.35 -5.39 2.27
C PRO A 45 6.04 -5.65 1.50
N ALA A 46 4.98 -6.10 2.13
CA ALA A 46 3.74 -6.36 1.33
C ALA A 46 2.46 -5.99 2.09
N ALA A 47 1.43 -5.65 1.35
CA ALA A 47 0.11 -5.28 1.95
C ALA A 47 -0.88 -5.05 0.81
N SER A 48 -2.15 -5.22 1.05
CA SER A 48 -3.14 -5.00 -0.05
C SER A 48 -4.02 -3.79 0.25
N HIS A 49 -4.67 -3.26 -0.74
CA HIS A 49 -5.53 -2.06 -0.55
C HIS A 49 -7.00 -2.41 -0.76
N ARG A 50 -7.87 -1.86 0.03
CA ARG A 50 -9.32 -2.14 -0.13
C ARG A 50 -10.02 -0.83 -0.50
N TYR A 51 -10.19 -0.58 -1.76
CA TYR A 51 -10.84 0.70 -2.18
C TYR A 51 -12.32 0.44 -2.43
N VAL A 52 -13.19 1.29 -1.92
CA VAL A 52 -14.64 1.07 -2.12
C VAL A 52 -15.27 2.20 -2.93
N LEU A 53 -14.91 3.43 -2.67
CA LEU A 53 -15.52 4.55 -3.45
C LEU A 53 -14.72 4.79 -4.73
N PRO A 54 -15.43 5.15 -5.78
CA PRO A 54 -14.81 5.44 -7.08
C PRO A 54 -14.16 6.84 -7.07
N GLY A 55 -12.93 6.93 -7.49
CA GLY A 55 -12.24 8.25 -7.50
C GLY A 55 -10.74 8.05 -7.44
N ARG A 56 -10.05 8.83 -6.63
CA ARG A 56 -8.58 8.68 -6.54
C ARG A 56 -8.16 8.63 -5.06
N TYR A 57 -7.44 7.62 -4.68
CA TYR A 57 -7.00 7.51 -3.26
C TYR A 57 -5.49 7.74 -3.18
N HIS A 58 -5.00 8.09 -2.02
CA HIS A 58 -3.54 8.31 -1.86
C HIS A 58 -2.98 7.20 -0.95
N VAL A 59 -1.90 6.59 -1.36
CA VAL A 59 -1.32 5.49 -0.54
C VAL A 59 0.06 5.89 0.00
N THR A 60 0.44 5.35 1.12
CA THR A 60 1.77 5.68 1.69
C THR A 60 2.27 4.43 2.44
N ALA A 61 3.56 4.31 2.66
CA ALA A 61 4.06 3.10 3.38
C ALA A 61 5.39 3.37 4.10
N VAL A 62 5.40 3.20 5.38
CA VAL A 62 6.68 3.39 6.14
C VAL A 62 7.10 2.02 6.67
N LEU A 63 8.17 1.47 6.16
CA LEU A 63 8.59 0.13 6.65
C LEU A 63 9.52 0.29 7.85
N ALA A 64 9.47 -0.61 8.79
CA ALA A 64 10.38 -0.51 9.95
C ALA A 64 11.17 -1.80 10.09
N LEU A 65 12.45 -1.71 9.95
CA LEU A 65 13.31 -2.92 10.06
C LEU A 65 14.02 -2.89 11.42
N GLY A 66 13.99 -1.77 12.08
CA GLY A 66 14.67 -1.66 13.40
C GLY A 66 15.80 -0.63 13.26
N ALA A 67 16.61 -0.80 12.25
CA ALA A 67 17.73 0.16 12.02
C ALA A 67 17.55 0.86 10.67
N GLY A 68 16.58 0.46 9.90
CA GLY A 68 16.36 1.10 8.57
C GLY A 68 14.86 1.20 8.29
N SER A 69 14.47 2.05 7.38
CA SER A 69 13.02 2.21 7.06
C SER A 69 12.86 2.64 5.60
N ALA A 70 11.66 2.60 5.09
CA ALA A 70 11.45 3.03 3.68
C ALA A 70 10.14 3.81 3.59
N LEU A 71 10.13 4.90 2.87
CA LEU A 71 8.88 5.72 2.77
C LEU A 71 8.19 5.46 1.43
N LEU A 72 6.91 5.24 1.45
CA LEU A 72 6.15 4.96 0.20
C LEU A 72 5.05 5.98 0.02
N GLY A 73 4.63 6.19 -1.20
CA GLY A 73 3.54 7.16 -1.49
C GLY A 73 2.94 6.87 -2.87
N THR A 74 1.96 6.02 -2.96
CA THR A 74 1.37 5.70 -4.30
C THR A 74 -0.01 6.38 -4.44
N ASP A 75 -0.69 6.11 -5.53
CA ASP A 75 -2.04 6.70 -5.75
C ASP A 75 -2.85 5.73 -6.61
N VAL A 76 -4.12 5.61 -6.37
CA VAL A 76 -4.93 4.66 -7.19
C VAL A 76 -6.17 5.36 -7.73
N GLN A 77 -6.62 4.95 -8.88
CA GLN A 77 -7.84 5.57 -9.48
C GLN A 77 -8.96 4.52 -9.55
N VAL A 78 -9.86 4.55 -8.60
CA VAL A 78 -10.96 3.55 -8.59
C VAL A 78 -12.10 4.03 -9.51
N GLU A 79 -12.74 3.11 -10.18
CA GLU A 79 -13.86 3.49 -11.10
C GLU A 79 -15.11 2.69 -10.74
N ALA A 80 -16.01 2.49 -11.69
CA ALA A 80 -17.25 1.71 -11.41
C ALA A 80 -18.01 2.30 -10.22
N ALA A 1 11.37 2.63 -0.23
CA ALA A 1 11.23 1.42 -1.09
C ALA A 1 10.43 1.79 -2.34
N THR A 2 10.59 1.07 -3.41
CA THR A 2 9.84 1.40 -4.65
C THR A 2 8.37 1.08 -4.45
N LEU A 3 7.54 1.83 -5.12
CA LEU A 3 6.06 1.65 -5.00
C LEU A 3 5.59 0.53 -5.92
N VAL A 4 5.18 -0.59 -5.40
CA VAL A 4 4.69 -1.68 -6.30
C VAL A 4 3.28 -2.08 -5.88
N GLY A 5 2.28 -1.63 -6.59
CA GLY A 5 0.88 -1.98 -6.24
C GLY A 5 0.26 -2.80 -7.38
N PRO A 6 0.63 -4.04 -7.47
CA PRO A 6 0.14 -4.96 -8.51
C PRO A 6 -1.32 -5.39 -8.28
N HIS A 7 -2.00 -5.65 -9.38
CA HIS A 7 -3.42 -6.11 -9.37
C HIS A 7 -4.08 -5.66 -10.67
N GLY A 8 -5.30 -6.05 -10.90
CA GLY A 8 -6.00 -5.62 -12.16
C GLY A 8 -6.49 -4.19 -12.00
N PRO A 9 -7.66 -3.93 -12.52
CA PRO A 9 -8.27 -2.60 -12.43
C PRO A 9 -8.84 -2.39 -11.03
N LEU A 10 -8.89 -1.18 -10.57
CA LEU A 10 -9.42 -0.93 -9.21
C LEU A 10 -10.86 -0.43 -9.34
N ALA A 11 -11.80 -1.33 -9.45
CA ALA A 11 -13.22 -0.89 -9.57
C ALA A 11 -13.77 -0.59 -8.18
N SER A 12 -14.89 0.06 -8.08
CA SER A 12 -15.47 0.36 -6.75
C SER A 12 -15.60 -0.93 -5.95
N GLY A 13 -14.91 -1.03 -4.85
CA GLY A 13 -14.98 -2.25 -4.02
C GLY A 13 -13.94 -3.25 -4.53
N GLN A 14 -12.75 -2.77 -4.81
CA GLN A 14 -11.68 -3.69 -5.33
C GLN A 14 -10.55 -3.84 -4.30
N LEU A 15 -9.97 -5.01 -4.24
CA LEU A 15 -8.85 -5.25 -3.29
C LEU A 15 -7.53 -5.30 -4.08
N ALA A 16 -6.84 -4.20 -4.19
CA ALA A 16 -5.55 -4.21 -4.93
C ALA A 16 -4.49 -4.85 -4.02
N ALA A 17 -3.42 -5.36 -4.54
CA ALA A 17 -2.41 -5.96 -3.62
C ALA A 17 -1.09 -5.22 -3.82
N PHE A 18 -0.61 -4.58 -2.79
CA PHE A 18 0.64 -3.78 -2.93
C PHE A 18 1.86 -4.48 -2.33
N HIS A 19 2.99 -3.86 -2.52
CA HIS A 19 4.27 -4.36 -1.97
C HIS A 19 5.34 -3.30 -2.30
N ILE A 20 6.34 -3.18 -1.47
CA ILE A 20 7.38 -2.13 -1.72
C ILE A 20 8.71 -2.84 -2.02
N ALA A 21 9.61 -2.20 -2.72
CA ALA A 21 10.89 -2.89 -3.05
C ALA A 21 12.13 -2.06 -2.69
N ALA A 22 12.98 -2.59 -1.86
CA ALA A 22 14.25 -1.88 -1.49
C ALA A 22 14.91 -2.64 -0.33
N PRO A 23 14.36 -2.54 0.86
CA PRO A 23 14.90 -3.25 2.02
C PRO A 23 14.51 -4.73 1.93
N LEU A 24 15.22 -5.47 1.13
CA LEU A 24 14.89 -6.92 0.95
C LEU A 24 14.52 -7.59 2.29
N PRO A 25 15.33 -7.42 3.30
CA PRO A 25 15.08 -8.02 4.62
C PRO A 25 14.07 -7.21 5.45
N VAL A 26 12.86 -7.04 4.97
CA VAL A 26 11.85 -6.27 5.76
C VAL A 26 11.07 -7.24 6.65
N THR A 27 10.64 -6.79 7.80
CA THR A 27 9.87 -7.68 8.71
C THR A 27 8.45 -7.16 8.86
N ALA A 28 8.26 -5.88 8.78
CA ALA A 28 6.89 -5.30 8.91
C ALA A 28 6.86 -3.92 8.23
N THR A 29 5.74 -3.60 7.63
CA THR A 29 5.63 -2.28 6.96
C THR A 29 4.35 -1.59 7.45
N ARG A 30 4.29 -0.30 7.30
CA ARG A 30 3.07 0.43 7.75
C ARG A 30 2.50 1.21 6.57
N TRP A 31 1.47 0.70 5.97
CA TRP A 31 0.89 1.42 4.80
C TRP A 31 -0.17 2.40 5.29
N ASP A 32 -0.75 3.12 4.38
CA ASP A 32 -1.83 4.05 4.72
C ASP A 32 -2.73 4.14 3.50
N PHE A 33 -3.86 3.48 3.53
CA PHE A 33 -4.74 3.51 2.34
C PHE A 33 -5.52 4.81 2.30
N GLY A 34 -6.31 5.06 3.31
CA GLY A 34 -7.12 6.31 3.32
C GLY A 34 -8.50 6.03 2.68
N ASP A 35 -8.87 4.78 2.59
CA ASP A 35 -10.19 4.43 2.00
C ASP A 35 -11.09 4.03 3.16
N GLY A 36 -11.32 2.76 3.34
CA GLY A 36 -12.13 2.32 4.49
C GLY A 36 -11.20 2.22 5.71
N SER A 37 -9.91 2.13 5.47
CA SER A 37 -8.95 2.05 6.61
C SER A 37 -7.75 2.97 6.33
N ALA A 38 -7.40 3.80 7.27
CA ALA A 38 -6.25 4.73 7.06
C ALA A 38 -4.94 4.00 7.32
N GLU A 39 -4.53 3.95 8.55
CA GLU A 39 -3.25 3.27 8.94
C GLU A 39 -3.26 1.82 8.46
N VAL A 40 -2.10 1.27 8.19
CA VAL A 40 -2.05 -0.15 7.71
C VAL A 40 -0.87 -0.89 8.34
N ASP A 41 -1.14 -1.97 9.01
CA ASP A 41 -0.04 -2.78 9.61
C ASP A 41 0.15 -4.03 8.76
N ALA A 42 1.21 -4.10 8.00
CA ALA A 42 1.41 -5.30 7.13
C ALA A 42 2.72 -6.02 7.48
N ALA A 43 2.92 -7.18 6.89
CA ALA A 43 4.16 -7.95 7.16
C ALA A 43 5.16 -7.74 6.01
N GLY A 44 6.43 -7.86 6.31
CA GLY A 44 7.46 -7.67 5.25
C GLY A 44 7.13 -6.40 4.46
N PRO A 45 7.61 -6.34 3.26
CA PRO A 45 7.36 -5.21 2.37
C PRO A 45 6.07 -5.46 1.56
N ALA A 46 5.01 -5.99 2.15
CA ALA A 46 3.79 -6.23 1.31
C ALA A 46 2.50 -5.90 2.05
N ALA A 47 1.45 -5.64 1.30
CA ALA A 47 0.12 -5.30 1.89
C ALA A 47 -0.91 -5.27 0.76
N SER A 48 -2.08 -4.76 1.01
CA SER A 48 -3.12 -4.68 -0.06
C SER A 48 -3.96 -3.43 0.14
N HIS A 49 -4.87 -3.15 -0.75
CA HIS A 49 -5.71 -1.93 -0.59
C HIS A 49 -7.18 -2.25 -0.84
N ARG A 50 -8.03 -1.80 0.04
CA ARG A 50 -9.49 -2.06 -0.13
C ARG A 50 -10.18 -0.75 -0.55
N TYR A 51 -10.25 -0.50 -1.82
CA TYR A 51 -10.90 0.76 -2.29
C TYR A 51 -12.37 0.50 -2.56
N VAL A 52 -13.24 1.28 -1.97
CA VAL A 52 -14.70 1.04 -2.17
C VAL A 52 -15.36 2.21 -2.92
N LEU A 53 -14.85 3.40 -2.82
CA LEU A 53 -15.49 4.54 -3.54
C LEU A 53 -14.73 4.81 -4.83
N PRO A 54 -15.46 5.21 -5.84
CA PRO A 54 -14.88 5.52 -7.15
C PRO A 54 -14.20 6.90 -7.12
N GLY A 55 -12.92 6.94 -7.36
CA GLY A 55 -12.20 8.25 -7.33
C GLY A 55 -10.70 7.99 -7.19
N ARG A 56 -9.95 8.98 -6.79
CA ARG A 56 -8.48 8.79 -6.64
C ARG A 56 -8.10 8.74 -5.17
N TYR A 57 -7.34 7.74 -4.78
CA TYR A 57 -6.92 7.61 -3.36
C TYR A 57 -5.41 7.82 -3.27
N HIS A 58 -4.91 8.14 -2.10
CA HIS A 58 -3.44 8.33 -1.94
C HIS A 58 -2.89 7.24 -1.01
N VAL A 59 -1.95 6.47 -1.47
CA VAL A 59 -1.38 5.38 -0.63
C VAL A 59 -0.02 5.82 -0.08
N THR A 60 0.37 5.30 1.05
CA THR A 60 1.69 5.65 1.64
C THR A 60 2.18 4.44 2.44
N ALA A 61 3.47 4.33 2.68
CA ALA A 61 3.97 3.17 3.47
C ALA A 61 5.22 3.54 4.27
N VAL A 62 5.47 2.80 5.33
CA VAL A 62 6.67 3.06 6.17
C VAL A 62 7.15 1.71 6.71
N LEU A 63 8.21 1.18 6.19
CA LEU A 63 8.68 -0.14 6.69
C LEU A 63 9.63 0.06 7.87
N ALA A 64 9.67 -0.87 8.77
CA ALA A 64 10.60 -0.74 9.92
C ALA A 64 11.43 -2.00 10.05
N LEU A 65 12.71 -1.87 9.89
CA LEU A 65 13.61 -3.04 10.01
C LEU A 65 14.36 -2.98 11.33
N GLY A 66 14.31 -1.85 11.98
CA GLY A 66 15.03 -1.68 13.27
C GLY A 66 16.05 -0.56 13.11
N ALA A 67 16.92 -0.68 12.15
CA ALA A 67 17.94 0.37 11.91
C ALA A 67 17.69 1.02 10.54
N GLY A 68 16.78 0.49 9.76
CA GLY A 68 16.51 1.08 8.42
C GLY A 68 14.99 1.12 8.18
N SER A 69 14.56 1.93 7.26
CA SER A 69 13.10 2.03 6.97
C SER A 69 12.89 2.41 5.50
N ALA A 70 11.68 2.35 5.03
CA ALA A 70 11.41 2.71 3.61
C ALA A 70 10.05 3.41 3.52
N LEU A 71 10.01 4.57 2.93
CA LEU A 71 8.72 5.30 2.82
C LEU A 71 8.05 5.03 1.48
N LEU A 72 6.75 5.11 1.43
CA LEU A 72 6.03 4.86 0.17
C LEU A 72 4.94 5.92 -0.02
N GLY A 73 4.52 6.12 -1.24
CA GLY A 73 3.47 7.14 -1.50
C GLY A 73 2.92 6.95 -2.92
N THR A 74 1.90 6.13 -3.09
CA THR A 74 1.33 5.92 -4.45
C THR A 74 -0.08 6.53 -4.54
N ASP A 75 -0.77 6.29 -5.62
CA ASP A 75 -2.16 6.82 -5.78
C ASP A 75 -2.95 5.84 -6.64
N VAL A 76 -4.23 5.73 -6.46
CA VAL A 76 -5.00 4.76 -7.28
C VAL A 76 -6.26 5.44 -7.84
N GLN A 77 -6.57 5.17 -9.08
CA GLN A 77 -7.78 5.78 -9.71
C GLN A 77 -8.89 4.73 -9.74
N VAL A 78 -9.61 4.58 -8.66
CA VAL A 78 -10.70 3.57 -8.62
C VAL A 78 -11.87 4.06 -9.47
N GLU A 79 -12.42 3.19 -10.28
CA GLU A 79 -13.56 3.60 -11.15
C GLU A 79 -14.84 2.90 -10.68
N ALA A 80 -15.94 3.14 -11.34
CA ALA A 80 -17.21 2.47 -10.94
C ALA A 80 -17.91 1.93 -12.20
N ALA A 1 11.52 2.43 -0.48
CA ALA A 1 11.36 1.20 -1.30
C ALA A 1 10.51 1.52 -2.52
N THR A 2 10.56 0.69 -3.54
CA THR A 2 9.77 0.96 -4.77
C THR A 2 8.31 0.62 -4.48
N LEU A 3 7.42 1.22 -5.23
CA LEU A 3 5.96 0.96 -4.99
C LEU A 3 5.46 -0.11 -5.95
N VAL A 4 5.51 -1.34 -5.56
CA VAL A 4 4.99 -2.41 -6.45
C VAL A 4 3.54 -2.68 -6.05
N GLY A 5 2.61 -2.08 -6.72
CA GLY A 5 1.18 -2.28 -6.35
C GLY A 5 0.42 -3.00 -7.47
N PRO A 6 0.65 -4.29 -7.58
CA PRO A 6 0.00 -5.13 -8.60
C PRO A 6 -1.48 -5.38 -8.26
N HIS A 7 -2.28 -5.53 -9.28
CA HIS A 7 -3.74 -5.78 -9.09
C HIS A 7 -4.47 -5.50 -10.41
N GLY A 8 -4.03 -4.50 -11.11
CA GLY A 8 -4.68 -4.13 -12.40
C GLY A 8 -5.56 -2.91 -12.15
N PRO A 9 -6.73 -2.91 -12.72
CA PRO A 9 -7.69 -1.81 -12.55
C PRO A 9 -8.34 -1.91 -11.17
N LEU A 10 -8.67 -0.80 -10.58
CA LEU A 10 -9.30 -0.86 -9.23
C LEU A 10 -10.74 -0.37 -9.31
N ALA A 11 -11.66 -1.24 -9.63
CA ALA A 11 -13.08 -0.81 -9.71
C ALA A 11 -13.58 -0.58 -8.28
N SER A 12 -14.65 0.16 -8.12
CA SER A 12 -15.17 0.42 -6.75
C SER A 12 -15.39 -0.89 -6.02
N GLY A 13 -14.77 -1.05 -4.88
CA GLY A 13 -14.94 -2.31 -4.12
C GLY A 13 -13.92 -3.34 -4.61
N GLN A 14 -12.68 -2.94 -4.72
CA GLN A 14 -11.64 -3.90 -5.21
C GLN A 14 -10.51 -4.00 -4.19
N LEU A 15 -9.86 -5.14 -4.16
CA LEU A 15 -8.74 -5.35 -3.20
C LEU A 15 -7.42 -5.37 -3.97
N ALA A 16 -6.76 -4.26 -4.09
CA ALA A 16 -5.47 -4.25 -4.82
C ALA A 16 -4.41 -4.84 -3.89
N ALA A 17 -3.34 -5.37 -4.42
CA ALA A 17 -2.32 -5.94 -3.51
C ALA A 17 -1.00 -5.22 -3.75
N PHE A 18 -0.46 -4.60 -2.74
CA PHE A 18 0.80 -3.83 -2.91
C PHE A 18 1.98 -4.54 -2.26
N HIS A 19 3.15 -4.04 -2.52
CA HIS A 19 4.40 -4.59 -1.92
C HIS A 19 5.52 -3.58 -2.22
N ILE A 20 6.34 -3.28 -1.25
CA ILE A 20 7.42 -2.28 -1.48
C ILE A 20 8.74 -3.03 -1.71
N ALA A 21 9.64 -2.48 -2.48
CA ALA A 21 10.91 -3.22 -2.75
C ALA A 21 12.16 -2.36 -2.49
N ALA A 22 13.06 -2.85 -1.69
CA ALA A 22 14.33 -2.12 -1.40
C ALA A 22 15.06 -2.80 -0.22
N PRO A 23 14.50 -2.70 0.96
CA PRO A 23 15.10 -3.32 2.15
C PRO A 23 14.79 -4.81 2.12
N LEU A 24 15.53 -5.55 1.36
CA LEU A 24 15.30 -7.03 1.25
C LEU A 24 14.84 -7.65 2.58
N PRO A 25 15.59 -7.42 3.63
CA PRO A 25 15.27 -7.97 4.97
C PRO A 25 14.18 -7.13 5.67
N VAL A 26 12.96 -7.16 5.20
CA VAL A 26 11.89 -6.37 5.88
C VAL A 26 11.09 -7.30 6.79
N THR A 27 10.58 -6.78 7.88
CA THR A 27 9.79 -7.64 8.82
C THR A 27 8.36 -7.10 8.94
N ALA A 28 8.19 -5.83 8.77
CA ALA A 28 6.82 -5.24 8.88
C ALA A 28 6.78 -3.90 8.17
N THR A 29 5.67 -3.60 7.56
CA THR A 29 5.54 -2.30 6.84
C THR A 29 4.25 -1.62 7.27
N ARG A 30 4.21 -0.32 7.24
CA ARG A 30 2.96 0.38 7.63
C ARG A 30 2.47 1.22 6.45
N TRP A 31 1.45 0.77 5.79
CA TRP A 31 0.93 1.53 4.63
C TRP A 31 -0.12 2.52 5.10
N ASP A 32 -0.68 3.23 4.18
CA ASP A 32 -1.76 4.20 4.50
C ASP A 32 -2.65 4.28 3.29
N PHE A 33 -3.76 3.61 3.29
CA PHE A 33 -4.63 3.64 2.09
C PHE A 33 -5.45 4.92 2.05
N GLY A 34 -6.20 5.20 3.08
CA GLY A 34 -7.03 6.43 3.09
C GLY A 34 -8.37 6.13 2.41
N ASP A 35 -8.74 4.89 2.33
CA ASP A 35 -10.04 4.52 1.71
C ASP A 35 -10.98 4.18 2.85
N GLY A 36 -11.24 2.91 3.06
CA GLY A 36 -12.10 2.53 4.20
C GLY A 36 -11.20 2.44 5.45
N SER A 37 -9.91 2.39 5.25
CA SER A 37 -8.97 2.31 6.39
C SER A 37 -7.77 3.23 6.11
N ALA A 38 -7.41 4.05 7.05
CA ALA A 38 -6.26 4.98 6.83
C ALA A 38 -4.95 4.24 7.06
N GLU A 39 -4.52 4.17 8.29
CA GLU A 39 -3.24 3.48 8.64
C GLU A 39 -3.30 2.02 8.18
N VAL A 40 -2.16 1.44 7.92
CA VAL A 40 -2.14 0.02 7.43
C VAL A 40 -1.00 -0.75 8.09
N ASP A 41 -1.31 -1.81 8.78
CA ASP A 41 -0.22 -2.63 9.40
C ASP A 41 -0.05 -3.90 8.56
N ALA A 42 1.11 -4.10 7.99
CA ALA A 42 1.31 -5.31 7.14
C ALA A 42 2.61 -6.03 7.50
N ALA A 43 2.75 -7.25 7.03
CA ALA A 43 3.98 -8.03 7.33
C ALA A 43 5.02 -7.83 6.21
N GLY A 44 6.28 -7.98 6.53
CA GLY A 44 7.35 -7.80 5.51
C GLY A 44 7.05 -6.54 4.70
N PRO A 45 7.57 -6.51 3.52
CA PRO A 45 7.37 -5.39 2.60
C PRO A 45 6.10 -5.61 1.75
N ALA A 46 5.03 -6.15 2.31
CA ALA A 46 3.84 -6.37 1.44
C ALA A 46 2.53 -6.00 2.16
N ALA A 47 1.54 -5.63 1.39
CA ALA A 47 0.21 -5.24 1.94
C ALA A 47 -0.82 -5.26 0.81
N SER A 48 -1.97 -4.71 1.04
CA SER A 48 -3.00 -4.70 -0.04
C SER A 48 -4.02 -3.58 0.22
N HIS A 49 -4.45 -2.92 -0.80
CA HIS A 49 -5.42 -1.81 -0.63
C HIS A 49 -6.85 -2.29 -0.80
N ARG A 50 -7.73 -1.85 0.06
CA ARG A 50 -9.15 -2.25 -0.06
C ARG A 50 -9.95 -1.00 -0.46
N TYR A 51 -10.07 -0.75 -1.73
CA TYR A 51 -10.81 0.46 -2.18
C TYR A 51 -12.29 0.12 -2.32
N VAL A 52 -13.16 1.02 -1.90
CA VAL A 52 -14.62 0.74 -1.99
C VAL A 52 -15.37 1.89 -2.66
N LEU A 53 -14.87 3.11 -2.57
CA LEU A 53 -15.60 4.24 -3.20
C LEU A 53 -14.99 4.55 -4.57
N PRO A 54 -15.83 4.93 -5.49
CA PRO A 54 -15.41 5.28 -6.86
C PRO A 54 -14.79 6.67 -6.88
N GLY A 55 -13.54 6.77 -7.21
CA GLY A 55 -12.89 8.11 -7.23
C GLY A 55 -11.37 7.93 -7.16
N ARG A 56 -10.66 8.91 -6.69
CA ARG A 56 -9.17 8.78 -6.59
C ARG A 56 -8.77 8.41 -5.16
N TYR A 57 -7.55 7.98 -4.99
CA TYR A 57 -7.07 7.60 -3.64
C TYR A 57 -5.57 7.88 -3.56
N HIS A 58 -5.01 7.86 -2.37
CA HIS A 58 -3.55 8.13 -2.23
C HIS A 58 -2.93 6.99 -1.40
N VAL A 59 -1.74 6.57 -1.74
CA VAL A 59 -1.11 5.46 -0.98
C VAL A 59 0.24 5.89 -0.40
N THR A 60 0.58 5.39 0.75
CA THR A 60 1.89 5.73 1.38
C THR A 60 2.32 4.55 2.26
N ALA A 61 3.59 4.40 2.52
CA ALA A 61 4.02 3.24 3.38
C ALA A 61 5.28 3.59 4.18
N VAL A 62 5.53 2.84 5.21
CA VAL A 62 6.75 3.07 6.04
C VAL A 62 7.16 1.73 6.64
N LEU A 63 8.21 1.13 6.14
CA LEU A 63 8.62 -0.19 6.69
C LEU A 63 9.59 0.01 7.84
N ALA A 64 9.53 -0.83 8.84
CA ALA A 64 10.47 -0.69 9.97
C ALA A 64 11.32 -1.94 10.08
N LEU A 65 12.60 -1.78 9.96
CA LEU A 65 13.53 -2.94 10.04
C LEU A 65 14.41 -2.81 11.28
N GLY A 66 14.35 -1.67 11.92
CA GLY A 66 15.19 -1.45 13.13
C GLY A 66 16.37 -0.58 12.69
N ALA A 67 16.31 0.71 12.99
CA ALA A 67 17.39 1.63 12.58
C ALA A 67 17.35 1.86 11.06
N GLY A 68 16.43 1.24 10.37
CA GLY A 68 16.33 1.42 8.90
C GLY A 68 14.85 1.36 8.51
N SER A 69 14.43 2.16 7.56
CA SER A 69 13.00 2.14 7.15
C SER A 69 12.87 2.53 5.68
N ALA A 70 11.74 2.26 5.10
CA ALA A 70 11.52 2.59 3.67
C ALA A 70 10.18 3.30 3.53
N LEU A 71 10.18 4.51 3.05
CA LEU A 71 8.89 5.25 2.90
C LEU A 71 8.27 4.99 1.53
N LEU A 72 6.98 5.03 1.45
CA LEU A 72 6.30 4.78 0.16
C LEU A 72 5.25 5.85 -0.11
N GLY A 73 4.87 6.00 -1.34
CA GLY A 73 3.85 7.02 -1.70
C GLY A 73 3.38 6.82 -3.13
N THR A 74 2.32 6.07 -3.33
CA THR A 74 1.82 5.86 -4.72
C THR A 74 0.45 6.54 -4.88
N ASP A 75 -0.09 6.52 -6.07
CA ASP A 75 -1.42 7.14 -6.29
C ASP A 75 -2.41 6.06 -6.74
N VAL A 76 -3.69 6.27 -6.54
CA VAL A 76 -4.67 5.23 -6.94
C VAL A 76 -5.89 5.87 -7.61
N GLN A 77 -6.39 5.24 -8.65
CA GLN A 77 -7.58 5.77 -9.37
C GLN A 77 -8.66 4.70 -9.39
N VAL A 78 -9.55 4.71 -8.44
CA VAL A 78 -10.62 3.68 -8.39
C VAL A 78 -11.81 4.12 -9.24
N GLU A 79 -12.35 3.22 -10.03
CA GLU A 79 -13.50 3.58 -10.89
C GLU A 79 -14.77 2.92 -10.33
N ALA A 80 -15.77 2.72 -11.16
CA ALA A 80 -17.02 2.07 -10.67
C ALA A 80 -17.53 1.10 -11.73
N ALA A 1 11.37 2.58 -0.37
CA ALA A 1 11.12 1.33 -1.13
C ALA A 1 10.29 1.69 -2.37
N THR A 2 10.47 0.98 -3.44
CA THR A 2 9.72 1.28 -4.68
C THR A 2 8.24 0.95 -4.48
N LEU A 3 7.39 1.67 -5.15
CA LEU A 3 5.92 1.47 -5.03
C LEU A 3 5.48 0.32 -5.93
N VAL A 4 5.15 -0.82 -5.37
CA VAL A 4 4.69 -1.94 -6.23
C VAL A 4 3.28 -2.35 -5.82
N GLY A 5 2.29 -1.84 -6.50
CA GLY A 5 0.89 -2.21 -6.12
C GLY A 5 0.22 -2.97 -7.27
N PRO A 6 0.51 -4.24 -7.35
CA PRO A 6 -0.04 -5.13 -8.38
C PRO A 6 -1.53 -5.43 -8.14
N HIS A 7 -2.26 -5.59 -9.22
CA HIS A 7 -3.73 -5.89 -9.15
C HIS A 7 -4.36 -5.52 -10.48
N GLY A 8 -3.87 -4.49 -11.10
CA GLY A 8 -4.44 -4.03 -12.39
C GLY A 8 -5.27 -2.78 -12.13
N PRO A 9 -6.38 -2.67 -12.81
CA PRO A 9 -7.29 -1.53 -12.64
C PRO A 9 -8.09 -1.71 -11.34
N LEU A 10 -8.44 -0.64 -10.70
CA LEU A 10 -9.21 -0.76 -9.43
C LEU A 10 -10.66 -0.39 -9.66
N ALA A 11 -11.55 -1.35 -9.63
CA ALA A 11 -12.99 -1.03 -9.83
C ALA A 11 -13.60 -0.70 -8.48
N SER A 12 -14.73 -0.05 -8.46
CA SER A 12 -15.36 0.30 -7.16
C SER A 12 -15.62 -0.98 -6.37
N GLY A 13 -14.98 -1.11 -5.23
CA GLY A 13 -15.19 -2.34 -4.40
C GLY A 13 -14.16 -3.40 -4.81
N GLN A 14 -12.92 -3.01 -4.97
CA GLN A 14 -11.89 -4.01 -5.38
C GLN A 14 -10.76 -4.08 -4.33
N LEU A 15 -10.11 -5.21 -4.24
CA LEU A 15 -9.00 -5.38 -3.27
C LEU A 15 -7.68 -5.42 -4.03
N ALA A 16 -6.98 -4.31 -4.08
CA ALA A 16 -5.67 -4.31 -4.80
C ALA A 16 -4.62 -4.91 -3.88
N ALA A 17 -3.58 -5.48 -4.39
CA ALA A 17 -2.55 -6.05 -3.49
C ALA A 17 -1.25 -5.27 -3.69
N PHE A 18 -0.69 -4.74 -2.64
CA PHE A 18 0.54 -3.92 -2.79
C PHE A 18 1.76 -4.58 -2.16
N HIS A 19 2.90 -3.99 -2.39
CA HIS A 19 4.17 -4.46 -1.80
C HIS A 19 5.24 -3.42 -2.17
N ILE A 20 6.22 -3.23 -1.34
CA ILE A 20 7.26 -2.21 -1.64
C ILE A 20 8.57 -2.92 -1.94
N ALA A 21 9.48 -2.29 -2.65
CA ALA A 21 10.75 -3.00 -2.99
C ALA A 21 12.00 -2.15 -2.71
N ALA A 22 12.88 -2.64 -1.88
CA ALA A 22 14.14 -1.92 -1.58
C ALA A 22 14.88 -2.63 -0.43
N PRO A 23 14.36 -2.53 0.77
CA PRO A 23 14.95 -3.20 1.93
C PRO A 23 14.59 -4.69 1.88
N LEU A 24 15.25 -5.43 1.03
CA LEU A 24 14.95 -6.89 0.88
C LEU A 24 14.56 -7.53 2.22
N PRO A 25 15.42 -7.39 3.21
CA PRO A 25 15.17 -7.96 4.55
C PRO A 25 14.24 -7.06 5.37
N VAL A 26 12.96 -7.07 5.08
CA VAL A 26 12.01 -6.23 5.87
C VAL A 26 11.20 -7.13 6.80
N THR A 27 10.80 -6.63 7.93
CA THR A 27 10.00 -7.47 8.88
C THR A 27 8.60 -6.91 9.03
N ALA A 28 8.43 -5.63 8.89
CA ALA A 28 7.07 -5.04 9.04
C ALA A 28 7.00 -3.68 8.33
N THR A 29 5.88 -3.40 7.73
CA THR A 29 5.71 -2.11 7.02
C THR A 29 4.41 -1.46 7.48
N ARG A 30 4.30 -0.18 7.38
CA ARG A 30 3.05 0.50 7.80
C ARG A 30 2.50 1.29 6.62
N TRP A 31 1.47 0.78 5.99
CA TRP A 31 0.89 1.50 4.83
C TRP A 31 -0.17 2.47 5.31
N ASP A 32 -0.77 3.18 4.40
CA ASP A 32 -1.85 4.11 4.76
C ASP A 32 -2.79 4.18 3.57
N PHE A 33 -3.92 3.53 3.64
CA PHE A 33 -4.84 3.53 2.47
C PHE A 33 -5.67 4.81 2.43
N GLY A 34 -6.54 5.00 3.37
CA GLY A 34 -7.40 6.22 3.37
C GLY A 34 -8.76 5.89 2.75
N ASP A 35 -9.00 4.63 2.48
CA ASP A 35 -10.31 4.19 1.89
C ASP A 35 -11.21 3.69 3.02
N GLY A 36 -11.11 4.29 4.17
CA GLY A 36 -11.87 3.82 5.33
C GLY A 36 -10.84 3.27 6.31
N SER A 37 -9.83 2.61 5.79
CA SER A 37 -8.74 2.09 6.68
C SER A 37 -7.50 2.95 6.44
N ALA A 38 -7.23 3.86 7.34
CA ALA A 38 -6.04 4.75 7.16
C ALA A 38 -4.76 3.99 7.47
N GLU A 39 -4.33 4.02 8.71
CA GLU A 39 -3.08 3.32 9.11
C GLU A 39 -3.12 1.86 8.66
N VAL A 40 -2.00 1.31 8.29
CA VAL A 40 -1.99 -0.10 7.80
C VAL A 40 -0.82 -0.87 8.41
N ASP A 41 -1.10 -1.81 9.27
CA ASP A 41 -0.01 -2.61 9.87
C ASP A 41 0.21 -3.85 8.99
N ALA A 42 1.27 -3.90 8.24
CA ALA A 42 1.51 -5.07 7.35
C ALA A 42 2.81 -5.79 7.71
N ALA A 43 2.98 -6.98 7.19
CA ALA A 43 4.22 -7.76 7.48
C ALA A 43 5.21 -7.57 6.32
N GLY A 44 6.49 -7.69 6.60
CA GLY A 44 7.52 -7.51 5.54
C GLY A 44 7.17 -6.28 4.72
N PRO A 45 7.64 -6.26 3.51
CA PRO A 45 7.37 -5.14 2.59
C PRO A 45 6.09 -5.42 1.80
N ALA A 46 5.03 -5.94 2.40
CA ALA A 46 3.82 -6.20 1.56
C ALA A 46 2.52 -5.86 2.28
N ALA A 47 1.47 -5.65 1.52
CA ALA A 47 0.13 -5.30 2.09
C ALA A 47 -0.91 -5.34 0.97
N SER A 48 -2.08 -4.82 1.20
CA SER A 48 -3.13 -4.83 0.14
C SER A 48 -4.14 -3.72 0.40
N HIS A 49 -4.63 -3.10 -0.65
CA HIS A 49 -5.61 -1.99 -0.48
C HIS A 49 -7.04 -2.44 -0.74
N ARG A 50 -7.97 -1.88 -0.03
CA ARG A 50 -9.41 -2.24 -0.24
C ARG A 50 -10.15 -0.97 -0.68
N TYR A 51 -10.23 -0.74 -1.96
CA TYR A 51 -10.92 0.48 -2.45
C TYR A 51 -12.39 0.18 -2.74
N VAL A 52 -13.28 0.98 -2.20
CA VAL A 52 -14.73 0.72 -2.41
C VAL A 52 -15.40 1.88 -3.16
N LEU A 53 -14.89 3.08 -3.03
CA LEU A 53 -15.54 4.23 -3.75
C LEU A 53 -14.72 4.57 -4.99
N PRO A 54 -15.41 5.01 -6.02
CA PRO A 54 -14.77 5.38 -7.29
C PRO A 54 -14.13 6.77 -7.16
N GLY A 55 -12.85 6.87 -7.38
CA GLY A 55 -12.17 8.18 -7.26
C GLY A 55 -10.67 7.96 -7.14
N ARG A 56 -9.95 8.96 -6.69
CA ARG A 56 -8.47 8.81 -6.57
C ARG A 56 -8.09 8.66 -5.09
N TYR A 57 -7.45 7.57 -4.74
CA TYR A 57 -7.03 7.38 -3.32
C TYR A 57 -5.53 7.61 -3.19
N HIS A 58 -5.08 8.04 -2.06
CA HIS A 58 -3.62 8.27 -1.88
C HIS A 58 -3.05 7.19 -0.96
N VAL A 59 -2.03 6.50 -1.42
CA VAL A 59 -1.44 5.41 -0.58
C VAL A 59 -0.06 5.85 -0.06
N THR A 60 0.33 5.34 1.07
CA THR A 60 1.67 5.68 1.64
C THR A 60 2.16 4.48 2.44
N ALA A 61 3.45 4.37 2.67
CA ALA A 61 3.95 3.21 3.46
C ALA A 61 5.24 3.57 4.20
N VAL A 62 5.52 2.88 5.27
CA VAL A 62 6.76 3.16 6.04
C VAL A 62 7.23 1.84 6.67
N LEU A 63 8.31 1.29 6.17
CA LEU A 63 8.79 0.00 6.74
C LEU A 63 9.74 0.28 7.89
N ALA A 64 9.80 -0.59 8.86
CA ALA A 64 10.74 -0.36 9.99
C ALA A 64 11.51 -1.64 10.29
N LEU A 65 12.80 -1.56 10.19
CA LEU A 65 13.65 -2.75 10.46
C LEU A 65 14.44 -2.50 11.75
N GLY A 66 14.45 -1.30 12.22
CA GLY A 66 15.22 -0.97 13.45
C GLY A 66 16.47 -0.17 13.03
N ALA A 67 17.18 -0.67 12.07
CA ALA A 67 18.40 0.05 11.59
C ALA A 67 18.17 0.57 10.16
N GLY A 68 17.08 0.18 9.55
CA GLY A 68 16.79 0.64 8.16
C GLY A 68 15.28 0.82 7.98
N SER A 69 14.88 1.68 7.10
CA SER A 69 13.42 1.90 6.89
C SER A 69 13.16 2.33 5.44
N ALA A 70 11.92 2.36 5.04
CA ALA A 70 11.60 2.76 3.65
C ALA A 70 10.28 3.55 3.65
N LEU A 71 10.08 4.40 2.69
CA LEU A 71 8.82 5.20 2.65
C LEU A 71 8.09 4.96 1.33
N LEU A 72 6.80 5.06 1.34
CA LEU A 72 6.02 4.83 0.10
C LEU A 72 4.94 5.91 -0.05
N GLY A 73 4.47 6.09 -1.25
CA GLY A 73 3.41 7.11 -1.50
C GLY A 73 2.83 6.90 -2.91
N THR A 74 1.84 6.05 -3.04
CA THR A 74 1.25 5.81 -4.39
C THR A 74 -0.13 6.47 -4.51
N ASP A 75 -0.81 6.24 -5.60
CA ASP A 75 -2.17 6.82 -5.80
C ASP A 75 -2.95 5.87 -6.71
N VAL A 76 -4.22 5.69 -6.48
CA VAL A 76 -4.99 4.75 -7.35
C VAL A 76 -6.25 5.46 -7.86
N GLN A 77 -6.64 5.16 -9.07
CA GLN A 77 -7.87 5.81 -9.64
C GLN A 77 -8.99 4.77 -9.73
N VAL A 78 -9.70 4.55 -8.66
CA VAL A 78 -10.81 3.55 -8.70
C VAL A 78 -11.95 4.06 -9.58
N GLU A 79 -12.45 3.24 -10.45
CA GLU A 79 -13.55 3.69 -11.35
C GLU A 79 -14.83 2.90 -11.04
N ALA A 80 -15.96 3.39 -11.47
CA ALA A 80 -17.25 2.66 -11.21
C ALA A 80 -17.99 2.46 -12.53
N ALA A 1 11.46 2.54 -0.35
CA ALA A 1 11.29 1.30 -1.15
C ALA A 1 10.49 1.62 -2.41
N THR A 2 10.62 0.81 -3.43
CA THR A 2 9.88 1.08 -4.69
C THR A 2 8.39 0.82 -4.47
N LEU A 3 7.58 1.56 -5.17
CA LEU A 3 6.10 1.45 -5.03
C LEU A 3 5.58 0.34 -5.94
N VAL A 4 5.24 -0.80 -5.39
CA VAL A 4 4.70 -1.88 -6.26
C VAL A 4 3.27 -2.18 -5.83
N GLY A 5 2.29 -1.74 -6.58
CA GLY A 5 0.87 -2.01 -6.21
C GLY A 5 0.20 -2.86 -7.29
N PRO A 6 0.55 -4.12 -7.32
CA PRO A 6 0.00 -5.08 -8.29
C PRO A 6 -1.45 -5.47 -7.99
N HIS A 7 -2.17 -5.81 -9.04
CA HIS A 7 -3.61 -6.22 -8.91
C HIS A 7 -4.29 -6.04 -10.27
N GLY A 8 -3.96 -4.98 -10.94
CA GLY A 8 -4.58 -4.69 -12.26
C GLY A 8 -5.43 -3.43 -12.13
N PRO A 9 -6.60 -3.45 -12.70
CA PRO A 9 -7.52 -2.32 -12.63
C PRO A 9 -8.22 -2.31 -11.27
N LEU A 10 -8.55 -1.16 -10.77
CA LEU A 10 -9.22 -1.09 -9.44
C LEU A 10 -10.67 -0.62 -9.62
N ALA A 11 -11.61 -1.52 -9.56
CA ALA A 11 -13.02 -1.11 -9.72
C ALA A 11 -13.58 -0.74 -8.35
N SER A 12 -14.71 -0.08 -8.31
CA SER A 12 -15.29 0.31 -7.01
C SER A 12 -15.49 -0.95 -6.14
N GLY A 13 -14.91 -0.98 -4.99
CA GLY A 13 -15.06 -2.17 -4.11
C GLY A 13 -14.05 -3.23 -4.54
N GLN A 14 -12.81 -2.85 -4.72
CA GLN A 14 -11.78 -3.84 -5.16
C GLN A 14 -10.65 -3.93 -4.12
N LEU A 15 -10.02 -5.08 -4.03
CA LEU A 15 -8.91 -5.26 -3.06
C LEU A 15 -7.59 -5.34 -3.84
N ALA A 16 -6.89 -4.24 -3.93
CA ALA A 16 -5.59 -4.26 -4.66
C ALA A 16 -4.53 -4.85 -3.72
N ALA A 17 -3.46 -5.39 -4.23
CA ALA A 17 -2.44 -5.96 -3.31
C ALA A 17 -1.12 -5.24 -3.56
N PHE A 18 -0.62 -4.54 -2.58
CA PHE A 18 0.63 -3.76 -2.78
C PHE A 18 1.85 -4.46 -2.19
N HIS A 19 2.99 -3.86 -2.40
CA HIS A 19 4.28 -4.38 -1.87
C HIS A 19 5.36 -3.35 -2.18
N ILE A 20 6.31 -3.17 -1.30
CA ILE A 20 7.37 -2.15 -1.54
C ILE A 20 8.70 -2.90 -1.76
N ALA A 21 9.62 -2.32 -2.48
CA ALA A 21 10.90 -3.07 -2.72
C ALA A 21 12.15 -2.23 -2.45
N ALA A 22 13.02 -2.69 -1.59
CA ALA A 22 14.29 -1.95 -1.30
C ALA A 22 15.02 -2.63 -0.13
N PRO A 23 14.46 -2.55 1.05
CA PRO A 23 15.06 -3.17 2.24
C PRO A 23 14.82 -4.68 2.22
N LEU A 24 15.59 -5.38 1.43
CA LEU A 24 15.43 -6.87 1.31
C LEU A 24 14.96 -7.50 2.63
N PRO A 25 15.68 -7.27 3.69
CA PRO A 25 15.35 -7.84 5.02
C PRO A 25 14.22 -7.06 5.71
N VAL A 26 13.05 -7.00 5.13
CA VAL A 26 11.93 -6.26 5.80
C VAL A 26 11.21 -7.19 6.79
N THR A 27 10.62 -6.64 7.81
CA THR A 27 9.89 -7.48 8.81
C THR A 27 8.47 -6.95 8.97
N ALA A 28 8.28 -5.68 8.86
CA ALA A 28 6.92 -5.09 9.01
C ALA A 28 6.88 -3.73 8.31
N THR A 29 5.79 -3.44 7.65
CA THR A 29 5.66 -2.14 6.95
C THR A 29 4.37 -1.47 7.40
N ARG A 30 4.33 -0.17 7.39
CA ARG A 30 3.09 0.53 7.81
C ARG A 30 2.55 1.32 6.62
N TRP A 31 1.53 0.82 5.99
CA TRP A 31 0.96 1.55 4.82
C TRP A 31 -0.10 2.54 5.30
N ASP A 32 -0.68 3.24 4.38
CA ASP A 32 -1.76 4.19 4.72
C ASP A 32 -2.67 4.26 3.51
N PHE A 33 -3.79 3.58 3.55
CA PHE A 33 -4.68 3.61 2.35
C PHE A 33 -5.49 4.90 2.32
N GLY A 34 -6.31 5.12 3.31
CA GLY A 34 -7.14 6.35 3.32
C GLY A 34 -8.50 6.04 2.68
N ASP A 35 -8.85 4.79 2.56
CA ASP A 35 -10.16 4.41 1.97
C ASP A 35 -11.05 3.97 3.14
N GLY A 36 -11.24 2.69 3.30
CA GLY A 36 -12.03 2.21 4.44
C GLY A 36 -11.09 2.09 5.64
N SER A 37 -9.81 2.05 5.40
CA SER A 37 -8.83 1.94 6.52
C SER A 37 -7.69 2.93 6.28
N ALA A 38 -7.40 3.77 7.23
CA ALA A 38 -6.30 4.76 7.05
C ALA A 38 -4.95 4.09 7.32
N GLU A 39 -4.54 4.05 8.55
CA GLU A 39 -3.24 3.41 8.91
C GLU A 39 -3.24 1.96 8.45
N VAL A 40 -2.07 1.42 8.18
CA VAL A 40 -2.01 0.01 7.70
C VAL A 40 -0.84 -0.73 8.35
N ASP A 41 -1.13 -1.77 9.09
CA ASP A 41 -0.02 -2.56 9.72
C ASP A 41 0.19 -3.82 8.88
N ALA A 42 1.19 -3.85 8.04
CA ALA A 42 1.42 -5.04 7.17
C ALA A 42 2.71 -5.76 7.57
N ALA A 43 2.91 -6.94 7.04
CA ALA A 43 4.14 -7.72 7.35
C ALA A 43 5.13 -7.60 6.19
N GLY A 44 6.40 -7.77 6.47
CA GLY A 44 7.43 -7.67 5.40
C GLY A 44 7.15 -6.43 4.56
N PRO A 45 7.62 -6.46 3.35
CA PRO A 45 7.41 -5.36 2.41
C PRO A 45 6.10 -5.58 1.62
N ALA A 46 5.03 -6.04 2.24
CA ALA A 46 3.80 -6.26 1.41
C ALA A 46 2.52 -5.88 2.17
N ALA A 47 1.48 -5.58 1.42
CA ALA A 47 0.17 -5.21 2.03
C ALA A 47 -0.90 -5.23 0.93
N SER A 48 -2.06 -4.72 1.18
CA SER A 48 -3.12 -4.71 0.14
C SER A 48 -4.12 -3.59 0.42
N HIS A 49 -4.59 -2.94 -0.60
CA HIS A 49 -5.54 -1.81 -0.41
C HIS A 49 -6.99 -2.25 -0.64
N ARG A 50 -7.89 -1.69 0.13
CA ARG A 50 -9.33 -2.03 -0.03
C ARG A 50 -10.05 -0.76 -0.49
N TYR A 51 -10.16 -0.55 -1.77
CA TYR A 51 -10.84 0.68 -2.27
C TYR A 51 -12.31 0.39 -2.52
N VAL A 52 -13.19 1.28 -2.13
CA VAL A 52 -14.65 1.03 -2.33
C VAL A 52 -15.30 2.18 -3.13
N LEU A 53 -14.84 3.39 -2.99
CA LEU A 53 -15.48 4.49 -3.76
C LEU A 53 -14.69 4.74 -5.05
N PRO A 54 -15.39 5.14 -6.08
CA PRO A 54 -14.80 5.42 -7.39
C PRO A 54 -14.13 6.79 -7.38
N GLY A 55 -12.83 6.84 -7.55
CA GLY A 55 -12.13 8.15 -7.54
C GLY A 55 -10.62 7.91 -7.43
N ARG A 56 -9.89 8.86 -6.93
CA ARG A 56 -8.41 8.69 -6.79
C ARG A 56 -8.02 8.68 -5.32
N TYR A 57 -7.38 7.63 -4.87
CA TYR A 57 -6.96 7.55 -3.44
C TYR A 57 -5.46 7.77 -3.35
N HIS A 58 -4.98 8.17 -2.20
CA HIS A 58 -3.51 8.37 -2.04
C HIS A 58 -2.96 7.28 -1.11
N VAL A 59 -1.92 6.62 -1.51
CA VAL A 59 -1.35 5.53 -0.68
C VAL A 59 0.02 5.96 -0.14
N THR A 60 0.40 5.46 1.00
CA THR A 60 1.72 5.81 1.59
C THR A 60 2.22 4.62 2.41
N ALA A 61 3.50 4.51 2.64
CA ALA A 61 4.00 3.35 3.45
C ALA A 61 5.28 3.72 4.21
N VAL A 62 5.55 3.02 5.27
CA VAL A 62 6.77 3.28 6.06
C VAL A 62 7.23 1.93 6.65
N LEU A 63 8.30 1.38 6.15
CA LEU A 63 8.75 0.06 6.67
C LEU A 63 9.72 0.25 7.83
N ALA A 64 9.78 -0.71 8.71
CA ALA A 64 10.73 -0.61 9.85
C ALA A 64 11.51 -1.92 9.94
N LEU A 65 12.79 -1.84 9.78
CA LEU A 65 13.63 -3.06 9.85
C LEU A 65 14.41 -3.05 11.17
N GLY A 66 14.41 -1.94 11.84
CA GLY A 66 15.17 -1.84 13.12
C GLY A 66 16.41 -0.99 12.87
N ALA A 67 17.10 -1.25 11.79
CA ALA A 67 18.31 -0.45 11.46
C ALA A 67 18.08 0.32 10.16
N GLY A 68 16.98 0.08 9.49
CA GLY A 68 16.71 0.81 8.21
C GLY A 68 15.19 0.96 8.02
N SER A 69 14.78 1.81 7.13
CA SER A 69 13.32 2.01 6.90
C SER A 69 13.09 2.44 5.45
N ALA A 70 11.85 2.43 5.00
CA ALA A 70 11.57 2.84 3.60
C ALA A 70 10.23 3.59 3.55
N LEU A 71 10.14 4.62 2.75
CA LEU A 71 8.85 5.39 2.68
C LEU A 71 8.15 5.10 1.36
N LEU A 72 6.85 5.18 1.34
CA LEU A 72 6.10 4.92 0.08
C LEU A 72 5.02 5.99 -0.11
N GLY A 73 4.57 6.15 -1.32
CA GLY A 73 3.52 7.18 -1.61
C GLY A 73 2.97 6.97 -3.02
N THR A 74 1.92 6.19 -3.16
CA THR A 74 1.35 5.95 -4.52
C THR A 74 -0.06 6.55 -4.61
N ASP A 75 -0.76 6.28 -5.69
CA ASP A 75 -2.15 6.80 -5.87
C ASP A 75 -2.91 5.80 -6.72
N VAL A 76 -4.19 5.64 -6.51
CA VAL A 76 -4.95 4.66 -7.33
C VAL A 76 -6.19 5.30 -7.94
N GLN A 77 -6.50 4.97 -9.16
CA GLN A 77 -7.72 5.54 -9.81
C GLN A 77 -8.82 4.49 -9.82
N VAL A 78 -9.58 4.39 -8.77
CA VAL A 78 -10.67 3.38 -8.72
C VAL A 78 -11.87 3.87 -9.54
N GLU A 79 -12.46 3.01 -10.32
CA GLU A 79 -13.63 3.43 -11.14
C GLU A 79 -14.82 2.53 -10.83
N ALA A 80 -16.02 3.07 -10.81
CA ALA A 80 -17.21 2.24 -10.51
C ALA A 80 -17.57 1.41 -11.75
N ALA A 1 11.47 2.61 -0.28
CA ALA A 1 11.31 1.37 -1.09
C ALA A 1 10.49 1.69 -2.34
N THR A 2 10.57 0.85 -3.34
CA THR A 2 9.82 1.11 -4.59
C THR A 2 8.34 0.83 -4.35
N LEU A 3 7.50 1.54 -5.04
CA LEU A 3 6.03 1.40 -4.88
C LEU A 3 5.49 0.36 -5.87
N VAL A 4 5.18 -0.82 -5.41
CA VAL A 4 4.61 -1.83 -6.35
C VAL A 4 3.20 -2.18 -5.90
N GLY A 5 2.20 -1.70 -6.60
CA GLY A 5 0.80 -2.00 -6.20
C GLY A 5 0.11 -2.76 -7.35
N PRO A 6 0.46 -4.01 -7.50
CA PRO A 6 -0.10 -4.88 -8.55
C PRO A 6 -1.55 -5.28 -8.25
N HIS A 7 -2.30 -5.55 -9.29
CA HIS A 7 -3.72 -5.96 -9.14
C HIS A 7 -4.44 -5.80 -10.48
N GLY A 8 -4.10 -4.77 -11.18
CA GLY A 8 -4.75 -4.51 -12.50
C GLY A 8 -5.60 -3.25 -12.38
N PRO A 9 -6.79 -3.30 -12.93
CA PRO A 9 -7.73 -2.18 -12.88
C PRO A 9 -8.39 -2.13 -11.50
N LEU A 10 -8.74 -0.97 -11.03
CA LEU A 10 -9.37 -0.88 -9.68
C LEU A 10 -10.75 -0.25 -9.80
N ALA A 11 -11.77 -1.06 -9.93
CA ALA A 11 -13.15 -0.50 -10.03
C ALA A 11 -13.71 -0.34 -8.62
N SER A 12 -14.75 0.43 -8.47
CA SER A 12 -15.34 0.65 -7.11
C SER A 12 -15.55 -0.69 -6.41
N GLY A 13 -14.94 -0.86 -5.26
CA GLY A 13 -15.10 -2.14 -4.50
C GLY A 13 -14.05 -3.15 -4.96
N GLN A 14 -12.82 -2.74 -5.05
CA GLN A 14 -11.75 -3.69 -5.48
C GLN A 14 -10.65 -3.81 -4.43
N LEU A 15 -10.04 -4.96 -4.36
CA LEU A 15 -8.93 -5.19 -3.38
C LEU A 15 -7.61 -5.26 -4.14
N ALA A 16 -6.87 -4.20 -4.18
CA ALA A 16 -5.57 -4.23 -4.90
C ALA A 16 -4.53 -4.84 -3.96
N ALA A 17 -3.50 -5.43 -4.47
CA ALA A 17 -2.49 -6.03 -3.56
C ALA A 17 -1.17 -5.30 -3.78
N PHE A 18 -0.63 -4.71 -2.75
CA PHE A 18 0.61 -3.92 -2.91
C PHE A 18 1.82 -4.61 -2.28
N HIS A 19 2.97 -4.03 -2.50
CA HIS A 19 4.24 -4.53 -1.92
C HIS A 19 5.33 -3.50 -2.21
N ILE A 20 6.24 -3.31 -1.29
CA ILE A 20 7.30 -2.29 -1.51
C ILE A 20 8.63 -3.01 -1.77
N ALA A 21 9.58 -2.36 -2.39
CA ALA A 21 10.86 -3.09 -2.69
C ALA A 21 12.10 -2.23 -2.39
N ALA A 22 12.98 -2.70 -1.54
CA ALA A 22 14.23 -1.95 -1.24
C ALA A 22 14.96 -2.63 -0.07
N PRO A 23 14.39 -2.56 1.11
CA PRO A 23 14.99 -3.17 2.30
C PRO A 23 14.77 -4.68 2.26
N LEU A 24 15.54 -5.37 1.48
CA LEU A 24 15.39 -6.86 1.34
C LEU A 24 14.91 -7.52 2.65
N PRO A 25 15.61 -7.30 3.73
CA PRO A 25 15.25 -7.89 5.03
C PRO A 25 14.12 -7.11 5.73
N VAL A 26 12.95 -7.03 5.13
CA VAL A 26 11.84 -6.30 5.79
C VAL A 26 11.12 -7.22 6.77
N THR A 27 10.59 -6.67 7.83
CA THR A 27 9.86 -7.51 8.83
C THR A 27 8.42 -7.00 8.97
N ALA A 28 8.25 -5.72 8.90
CA ALA A 28 6.89 -5.13 9.03
C ALA A 28 6.84 -3.79 8.31
N THR A 29 5.79 -3.56 7.57
CA THR A 29 5.66 -2.27 6.84
C THR A 29 4.35 -1.61 7.26
N ARG A 30 4.34 -0.33 7.44
CA ARG A 30 3.08 0.34 7.83
C ARG A 30 2.55 1.13 6.63
N TRP A 31 1.52 0.64 6.01
CA TRP A 31 0.96 1.37 4.84
C TRP A 31 -0.09 2.37 5.33
N ASP A 32 -0.66 3.07 4.42
CA ASP A 32 -1.73 4.03 4.76
C ASP A 32 -2.63 4.12 3.55
N PHE A 33 -3.74 3.43 3.56
CA PHE A 33 -4.61 3.46 2.35
C PHE A 33 -5.44 4.74 2.34
N GLY A 34 -6.24 4.95 3.35
CA GLY A 34 -7.09 6.17 3.38
C GLY A 34 -8.43 5.86 2.71
N ASP A 35 -8.75 4.61 2.56
CA ASP A 35 -10.05 4.22 1.95
C ASP A 35 -10.97 3.76 3.09
N GLY A 36 -11.16 2.49 3.22
CA GLY A 36 -11.98 2.00 4.35
C GLY A 36 -11.08 1.93 5.59
N SER A 37 -9.79 1.86 5.38
CA SER A 37 -8.84 1.81 6.53
C SER A 37 -7.68 2.78 6.28
N ALA A 38 -7.38 3.62 7.24
CA ALA A 38 -6.28 4.59 7.06
C ALA A 38 -4.94 3.91 7.33
N GLU A 39 -4.57 3.85 8.58
CA GLU A 39 -3.27 3.20 8.97
C GLU A 39 -3.25 1.74 8.51
N VAL A 40 -2.10 1.23 8.20
CA VAL A 40 -2.01 -0.18 7.73
C VAL A 40 -0.83 -0.90 8.36
N ASP A 41 -1.08 -1.97 9.07
CA ASP A 41 0.03 -2.74 9.69
C ASP A 41 0.24 -4.01 8.86
N ALA A 42 1.20 -3.99 7.96
CA ALA A 42 1.44 -5.18 7.10
C ALA A 42 2.73 -5.91 7.50
N ALA A 43 2.89 -7.11 6.99
CA ALA A 43 4.12 -7.89 7.32
C ALA A 43 5.11 -7.78 6.14
N GLY A 44 6.38 -7.96 6.43
CA GLY A 44 7.41 -7.86 5.36
C GLY A 44 7.12 -6.62 4.51
N PRO A 45 7.58 -6.65 3.30
CA PRO A 45 7.37 -5.55 2.36
C PRO A 45 6.06 -5.77 1.58
N ALA A 46 4.98 -6.22 2.18
CA ALA A 46 3.76 -6.42 1.35
C ALA A 46 2.46 -6.08 2.11
N ALA A 47 1.43 -5.77 1.36
CA ALA A 47 0.10 -5.41 1.95
C ALA A 47 -0.93 -5.40 0.82
N SER A 48 -2.10 -4.89 1.07
CA SER A 48 -3.14 -4.84 0.00
C SER A 48 -4.13 -3.72 0.28
N HIS A 49 -4.56 -3.03 -0.75
CA HIS A 49 -5.51 -1.90 -0.55
C HIS A 49 -6.95 -2.32 -0.80
N ARG A 50 -7.84 -1.78 -0.02
CA ARG A 50 -9.29 -2.11 -0.20
C ARG A 50 -10.02 -0.83 -0.63
N TYR A 51 -10.12 -0.59 -1.91
CA TYR A 51 -10.79 0.65 -2.39
C TYR A 51 -12.27 0.35 -2.68
N VAL A 52 -13.15 1.06 -2.03
CA VAL A 52 -14.61 0.82 -2.24
C VAL A 52 -15.30 2.03 -2.87
N LEU A 53 -14.78 3.22 -2.67
CA LEU A 53 -15.43 4.41 -3.27
C LEU A 53 -14.72 4.78 -4.57
N PRO A 54 -15.47 5.29 -5.52
CA PRO A 54 -14.94 5.69 -6.82
C PRO A 54 -14.22 7.03 -6.70
N GLY A 55 -12.98 7.09 -7.09
CA GLY A 55 -12.21 8.37 -6.99
C GLY A 55 -10.71 8.07 -6.93
N ARG A 56 -9.91 9.05 -6.64
CA ARG A 56 -8.45 8.81 -6.56
C ARG A 56 -7.99 8.75 -5.10
N TYR A 57 -7.40 7.66 -4.70
CA TYR A 57 -6.94 7.53 -3.29
C TYR A 57 -5.43 7.81 -3.21
N HIS A 58 -4.95 8.12 -2.05
CA HIS A 58 -3.49 8.37 -1.89
C HIS A 58 -2.90 7.29 -0.97
N VAL A 59 -1.93 6.55 -1.45
CA VAL A 59 -1.32 5.47 -0.62
C VAL A 59 0.03 5.91 -0.06
N THR A 60 0.41 5.38 1.07
CA THR A 60 1.72 5.72 1.67
C THR A 60 2.21 4.52 2.48
N ALA A 61 3.48 4.44 2.76
CA ALA A 61 4.00 3.29 3.56
C ALA A 61 5.26 3.66 4.32
N VAL A 62 5.55 2.93 5.36
CA VAL A 62 6.77 3.20 6.15
C VAL A 62 7.26 1.86 6.68
N LEU A 63 8.34 1.35 6.15
CA LEU A 63 8.82 0.02 6.62
C LEU A 63 9.76 0.19 7.81
N ALA A 64 9.75 -0.76 8.70
CA ALA A 64 10.66 -0.69 9.86
C ALA A 64 11.45 -1.99 9.96
N LEU A 65 12.71 -1.91 9.76
CA LEU A 65 13.57 -3.13 9.84
C LEU A 65 14.33 -3.11 11.16
N GLY A 66 14.32 -2.01 11.83
CA GLY A 66 15.06 -1.89 13.12
C GLY A 66 16.22 -0.91 12.91
N ALA A 67 16.98 -1.13 11.87
CA ALA A 67 18.13 -0.22 11.58
C ALA A 67 17.89 0.50 10.25
N GLY A 68 16.85 0.14 9.54
CA GLY A 68 16.58 0.80 8.23
C GLY A 68 15.06 0.96 8.03
N SER A 69 14.66 1.84 7.15
CA SER A 69 13.21 2.03 6.91
C SER A 69 12.99 2.50 5.46
N ALA A 70 11.77 2.60 5.03
CA ALA A 70 11.50 3.04 3.64
C ALA A 70 10.16 3.78 3.58
N LEU A 71 10.15 4.95 3.00
CA LEU A 71 8.87 5.72 2.91
C LEU A 71 8.19 5.45 1.57
N LEU A 72 6.89 5.33 1.58
CA LEU A 72 6.15 5.04 0.32
C LEU A 72 5.04 6.08 0.12
N GLY A 73 4.65 6.27 -1.11
CA GLY A 73 3.57 7.25 -1.40
C GLY A 73 3.01 6.99 -2.81
N THR A 74 2.04 6.12 -2.93
CA THR A 74 1.46 5.84 -4.29
C THR A 74 0.08 6.50 -4.40
N ASP A 75 -0.61 6.27 -5.50
CA ASP A 75 -1.97 6.86 -5.69
C ASP A 75 -2.77 5.91 -6.59
N VAL A 76 -4.05 5.80 -6.40
CA VAL A 76 -4.82 4.87 -7.28
C VAL A 76 -6.08 5.57 -7.81
N GLN A 77 -6.41 5.30 -9.04
CA GLN A 77 -7.63 5.93 -9.64
C GLN A 77 -8.73 4.87 -9.69
N VAL A 78 -9.52 4.75 -8.66
CA VAL A 78 -10.59 3.73 -8.65
C VAL A 78 -11.81 4.25 -9.41
N GLU A 79 -12.37 3.44 -10.26
CA GLU A 79 -13.57 3.86 -11.03
C GLU A 79 -14.81 3.19 -10.42
N ALA A 80 -15.80 2.87 -11.21
CA ALA A 80 -17.02 2.21 -10.65
C ALA A 80 -17.24 0.88 -11.38
N ALA A 1 11.58 2.77 -0.39
CA ALA A 1 11.40 1.48 -1.11
C ALA A 1 10.60 1.73 -2.39
N THR A 2 10.76 0.90 -3.38
CA THR A 2 10.02 1.11 -4.66
C THR A 2 8.55 0.83 -4.42
N LEU A 3 7.71 1.53 -5.14
CA LEU A 3 6.24 1.40 -4.98
C LEU A 3 5.70 0.37 -5.98
N VAL A 4 5.29 -0.77 -5.52
CA VAL A 4 4.72 -1.77 -6.47
C VAL A 4 3.32 -2.15 -6.01
N GLY A 5 2.31 -1.67 -6.70
CA GLY A 5 0.92 -2.00 -6.29
C GLY A 5 0.20 -2.76 -7.41
N PRO A 6 0.54 -4.02 -7.55
CA PRO A 6 -0.05 -4.90 -8.57
C PRO A 6 -1.49 -5.28 -8.25
N HIS A 7 -2.27 -5.50 -9.27
CA HIS A 7 -3.71 -5.90 -9.10
C HIS A 7 -4.43 -5.75 -10.45
N GLY A 8 -4.09 -4.72 -11.17
CA GLY A 8 -4.74 -4.46 -12.49
C GLY A 8 -5.66 -3.25 -12.33
N PRO A 9 -6.83 -3.34 -12.91
CA PRO A 9 -7.82 -2.25 -12.83
C PRO A 9 -8.49 -2.28 -11.46
N LEU A 10 -8.89 -1.14 -10.97
CA LEU A 10 -9.56 -1.12 -9.63
C LEU A 10 -10.98 -0.59 -9.76
N ALA A 11 -11.94 -1.47 -9.77
CA ALA A 11 -13.35 -1.01 -9.88
C ALA A 11 -13.88 -0.71 -8.47
N SER A 12 -15.03 -0.13 -8.36
CA SER A 12 -15.58 0.19 -7.01
C SER A 12 -15.61 -1.07 -6.15
N GLY A 13 -15.01 -1.01 -4.98
CA GLY A 13 -15.00 -2.20 -4.09
C GLY A 13 -13.96 -3.21 -4.58
N GLN A 14 -12.75 -2.75 -4.80
CA GLN A 14 -11.70 -3.69 -5.29
C GLN A 14 -10.58 -3.85 -4.27
N LEU A 15 -9.96 -5.00 -4.25
CA LEU A 15 -8.85 -5.26 -3.30
C LEU A 15 -7.54 -5.32 -4.07
N ALA A 16 -6.81 -4.25 -4.12
CA ALA A 16 -5.51 -4.27 -4.85
C ALA A 16 -4.47 -4.89 -3.92
N ALA A 17 -3.41 -5.44 -4.45
CA ALA A 17 -2.38 -6.04 -3.56
C ALA A 17 -1.06 -5.32 -3.80
N PHE A 18 -0.56 -4.64 -2.80
CA PHE A 18 0.68 -3.85 -2.97
C PHE A 18 1.90 -4.54 -2.35
N HIS A 19 3.06 -4.01 -2.63
CA HIS A 19 4.33 -4.51 -2.04
C HIS A 19 5.41 -3.46 -2.33
N ILE A 20 6.38 -3.35 -1.47
CA ILE A 20 7.46 -2.33 -1.66
C ILE A 20 8.78 -3.03 -1.94
N ALA A 21 9.75 -2.35 -2.49
CA ALA A 21 11.05 -3.04 -2.79
C ALA A 21 12.27 -2.18 -2.46
N ALA A 22 13.11 -2.63 -1.56
CA ALA A 22 14.34 -1.87 -1.22
C ALA A 22 15.05 -2.53 -0.02
N PRO A 23 14.45 -2.46 1.14
CA PRO A 23 15.02 -3.06 2.35
C PRO A 23 14.80 -4.57 2.31
N LEU A 24 15.61 -5.27 1.55
CA LEU A 24 15.48 -6.75 1.42
C LEU A 24 14.99 -7.41 2.73
N PRO A 25 15.68 -7.15 3.82
CA PRO A 25 15.31 -7.73 5.13
C PRO A 25 14.16 -6.98 5.80
N VAL A 26 13.02 -6.90 5.16
CA VAL A 26 11.87 -6.18 5.80
C VAL A 26 11.16 -7.12 6.78
N THR A 27 10.63 -6.59 7.85
CA THR A 27 9.91 -7.45 8.83
C THR A 27 8.48 -6.96 9.00
N ALA A 28 8.29 -5.68 8.96
CA ALA A 28 6.92 -5.12 9.10
C ALA A 28 6.86 -3.76 8.42
N THR A 29 5.82 -3.51 7.68
CA THR A 29 5.69 -2.21 6.98
C THR A 29 4.39 -1.55 7.42
N ARG A 30 4.34 -0.25 7.42
CA ARG A 30 3.08 0.42 7.83
C ARG A 30 2.54 1.20 6.64
N TRP A 31 1.53 0.69 6.00
CA TRP A 31 0.96 1.41 4.83
C TRP A 31 -0.09 2.38 5.30
N ASP A 32 -0.67 3.09 4.40
CA ASP A 32 -1.74 4.05 4.76
C ASP A 32 -2.69 4.12 3.56
N PHE A 33 -3.82 3.48 3.65
CA PHE A 33 -4.73 3.49 2.47
C PHE A 33 -5.55 4.78 2.45
N GLY A 34 -6.37 5.01 3.45
CA GLY A 34 -7.19 6.25 3.45
C GLY A 34 -8.57 5.97 2.82
N ASP A 35 -8.85 4.73 2.52
CA ASP A 35 -10.16 4.35 1.91
C ASP A 35 -11.07 3.83 3.02
N GLY A 36 -10.91 4.34 4.20
CA GLY A 36 -11.69 3.83 5.36
C GLY A 36 -10.66 3.26 6.32
N SER A 37 -9.68 2.58 5.79
CA SER A 37 -8.60 2.03 6.65
C SER A 37 -7.35 2.88 6.43
N ALA A 38 -7.07 3.80 7.31
CA ALA A 38 -5.88 4.68 7.12
C ALA A 38 -4.61 3.91 7.48
N GLU A 39 -4.21 3.95 8.72
CA GLU A 39 -2.97 3.24 9.15
C GLU A 39 -3.03 1.78 8.71
N VAL A 40 -1.92 1.23 8.31
CA VAL A 40 -1.91 -0.17 7.83
C VAL A 40 -0.74 -0.95 8.42
N ASP A 41 -1.00 -1.91 9.25
CA ASP A 41 0.11 -2.71 9.84
C ASP A 41 0.30 -3.97 8.98
N ALA A 42 1.26 -3.96 8.10
CA ALA A 42 1.47 -5.14 7.21
C ALA A 42 2.77 -5.87 7.57
N ALA A 43 2.95 -7.05 7.04
CA ALA A 43 4.18 -7.84 7.33
C ALA A 43 5.16 -7.70 6.16
N GLY A 44 6.44 -7.85 6.42
CA GLY A 44 7.46 -7.72 5.35
C GLY A 44 7.15 -6.48 4.52
N PRO A 45 7.61 -6.48 3.31
CA PRO A 45 7.38 -5.38 2.38
C PRO A 45 6.08 -5.61 1.60
N ALA A 46 5.01 -6.11 2.20
CA ALA A 46 3.79 -6.34 1.37
C ALA A 46 2.50 -6.02 2.13
N ALA A 47 1.45 -5.73 1.39
CA ALA A 47 0.12 -5.41 1.98
C ALA A 47 -0.91 -5.36 0.85
N SER A 48 -2.11 -4.94 1.13
CA SER A 48 -3.13 -4.86 0.04
C SER A 48 -4.10 -3.71 0.33
N HIS A 49 -4.64 -3.12 -0.69
CA HIS A 49 -5.58 -1.98 -0.48
C HIS A 49 -7.02 -2.40 -0.75
N ARG A 50 -7.93 -1.86 0.02
CA ARG A 50 -9.37 -2.19 -0.18
C ARG A 50 -10.10 -0.91 -0.53
N TYR A 51 -10.19 -0.58 -1.80
CA TYR A 51 -10.87 0.67 -2.21
C TYR A 51 -12.35 0.39 -2.48
N VAL A 52 -13.22 1.29 -2.06
CA VAL A 52 -14.68 1.05 -2.28
C VAL A 52 -15.32 2.22 -3.04
N LEU A 53 -14.90 3.43 -2.80
CA LEU A 53 -15.53 4.58 -3.52
C LEU A 53 -14.82 4.79 -4.86
N PRO A 54 -15.58 5.22 -5.84
CA PRO A 54 -15.05 5.48 -7.19
C PRO A 54 -14.32 6.82 -7.21
N GLY A 55 -13.04 6.81 -7.49
CA GLY A 55 -12.28 8.09 -7.52
C GLY A 55 -10.78 7.79 -7.42
N ARG A 56 -10.02 8.65 -6.82
CA ARG A 56 -8.56 8.39 -6.69
C ARG A 56 -8.15 8.41 -5.22
N TYR A 57 -7.27 7.54 -4.82
CA TYR A 57 -6.83 7.50 -3.39
C TYR A 57 -5.33 7.74 -3.30
N HIS A 58 -4.85 8.04 -2.13
CA HIS A 58 -3.39 8.26 -1.94
C HIS A 58 -2.86 7.18 -1.00
N VAL A 59 -1.83 6.49 -1.41
CA VAL A 59 -1.26 5.41 -0.54
C VAL A 59 0.11 5.81 0.01
N THR A 60 0.47 5.29 1.14
CA THR A 60 1.81 5.61 1.73
C THR A 60 2.31 4.38 2.48
N ALA A 61 3.59 4.26 2.71
CA ALA A 61 4.09 3.05 3.44
C ALA A 61 5.42 3.32 4.14
N VAL A 62 5.43 3.22 5.44
CA VAL A 62 6.70 3.42 6.20
C VAL A 62 7.15 2.06 6.72
N LEU A 63 8.22 1.52 6.19
CA LEU A 63 8.66 0.18 6.66
C LEU A 63 9.60 0.34 7.85
N ALA A 64 9.67 -0.67 8.68
CA ALA A 64 10.60 -0.61 9.84
C ALA A 64 11.38 -1.91 9.93
N LEU A 65 12.66 -1.83 9.76
CA LEU A 65 13.51 -3.05 9.84
C LEU A 65 14.27 -3.06 11.16
N GLY A 66 14.26 -1.95 11.85
CA GLY A 66 15.00 -1.87 13.13
C GLY A 66 16.26 -1.03 12.89
N ALA A 67 16.95 -1.30 11.81
CA ALA A 67 18.17 -0.52 11.49
C ALA A 67 17.95 0.31 10.22
N GLY A 68 16.83 0.14 9.56
CA GLY A 68 16.57 0.92 8.32
C GLY A 68 15.06 1.06 8.11
N SER A 69 14.65 1.94 7.24
CA SER A 69 13.20 2.14 6.98
C SER A 69 12.99 2.60 5.54
N ALA A 70 11.76 2.65 5.09
CA ALA A 70 11.50 3.09 3.69
C ALA A 70 10.17 3.85 3.64
N LEU A 71 10.14 4.97 2.95
CA LEU A 71 8.88 5.76 2.88
C LEU A 71 8.20 5.52 1.53
N LEU A 72 6.92 5.23 1.56
CA LEU A 72 6.18 4.96 0.29
C LEU A 72 5.08 5.99 0.10
N GLY A 73 4.69 6.19 -1.13
CA GLY A 73 3.61 7.17 -1.43
C GLY A 73 3.04 6.89 -2.83
N THR A 74 2.08 6.01 -2.95
CA THR A 74 1.51 5.70 -4.29
C THR A 74 0.12 6.34 -4.41
N ASP A 75 -0.59 6.04 -5.47
CA ASP A 75 -1.95 6.60 -5.68
C ASP A 75 -2.75 5.59 -6.52
N VAL A 76 -4.06 5.57 -6.39
CA VAL A 76 -4.85 4.59 -7.20
C VAL A 76 -6.04 5.31 -7.84
N GLN A 77 -6.54 4.77 -8.93
CA GLN A 77 -7.70 5.40 -9.61
C GLN A 77 -8.84 4.38 -9.70
N VAL A 78 -9.67 4.31 -8.70
CA VAL A 78 -10.80 3.34 -8.73
C VAL A 78 -11.96 3.91 -9.55
N GLU A 79 -12.61 3.09 -10.34
CA GLU A 79 -13.74 3.59 -11.17
C GLU A 79 -15.03 2.88 -10.76
N ALA A 80 -16.15 3.33 -11.26
CA ALA A 80 -17.44 2.67 -10.89
C ALA A 80 -18.02 1.98 -12.13
N ALA A 1 11.95 3.45 -1.23
CA ALA A 1 11.61 2.05 -1.61
C ALA A 1 10.85 2.06 -2.93
N THR A 2 10.78 0.94 -3.59
CA THR A 2 10.05 0.88 -4.88
C THR A 2 8.56 0.71 -4.57
N LEU A 3 7.75 1.39 -5.33
CA LEU A 3 6.28 1.35 -5.11
C LEU A 3 5.64 0.39 -6.09
N VAL A 4 5.33 -0.82 -5.69
CA VAL A 4 4.68 -1.75 -6.64
C VAL A 4 3.26 -2.04 -6.16
N GLY A 5 2.28 -1.65 -6.93
CA GLY A 5 0.86 -1.92 -6.52
C GLY A 5 0.19 -2.77 -7.60
N PRO A 6 0.56 -4.02 -7.64
CA PRO A 6 0.03 -4.99 -8.63
C PRO A 6 -1.43 -5.37 -8.36
N HIS A 7 -2.14 -5.63 -9.43
CA HIS A 7 -3.58 -6.05 -9.40
C HIS A 7 -4.24 -5.58 -10.70
N GLY A 8 -5.45 -6.01 -10.95
CA GLY A 8 -6.14 -5.58 -12.21
C GLY A 8 -6.63 -4.14 -12.04
N PRO A 9 -7.79 -3.87 -12.57
CA PRO A 9 -8.41 -2.54 -12.48
C PRO A 9 -8.99 -2.33 -11.08
N LEU A 10 -9.05 -1.12 -10.62
CA LEU A 10 -9.60 -0.88 -9.26
C LEU A 10 -11.01 -0.31 -9.37
N ALA A 11 -11.99 -1.16 -9.36
CA ALA A 11 -13.39 -0.67 -9.46
C ALA A 11 -13.90 -0.39 -8.04
N SER A 12 -15.03 0.25 -7.92
CA SER A 12 -15.57 0.53 -6.56
C SER A 12 -15.69 -0.77 -5.77
N GLY A 13 -14.91 -0.91 -4.74
CA GLY A 13 -14.96 -2.16 -3.92
C GLY A 13 -13.89 -3.14 -4.43
N GLN A 14 -12.75 -2.63 -4.80
CA GLN A 14 -11.67 -3.52 -5.31
C GLN A 14 -10.54 -3.66 -4.28
N LEU A 15 -9.93 -4.82 -4.22
CA LEU A 15 -8.82 -5.04 -3.26
C LEU A 15 -7.50 -5.13 -4.04
N ALA A 16 -6.79 -4.04 -4.17
CA ALA A 16 -5.49 -4.09 -4.91
C ALA A 16 -4.44 -4.70 -4.00
N ALA A 17 -3.38 -5.23 -4.53
CA ALA A 17 -2.35 -5.82 -3.63
C ALA A 17 -1.03 -5.10 -3.89
N PHE A 18 -0.49 -4.47 -2.89
CA PHE A 18 0.76 -3.68 -3.08
C PHE A 18 1.97 -4.38 -2.46
N HIS A 19 3.14 -3.88 -2.74
CA HIS A 19 4.39 -4.43 -2.15
C HIS A 19 5.50 -3.40 -2.36
N ILE A 20 6.39 -3.27 -1.41
CA ILE A 20 7.48 -2.25 -1.52
C ILE A 20 8.82 -2.95 -1.75
N ALA A 21 9.76 -2.29 -2.37
CA ALA A 21 11.08 -2.96 -2.61
C ALA A 21 12.25 -2.02 -2.31
N ALA A 22 13.03 -2.31 -1.31
CA ALA A 22 14.21 -1.45 -0.99
C ALA A 22 14.98 -2.04 0.20
N PRO A 23 14.31 -2.12 1.33
CA PRO A 23 14.93 -2.66 2.56
C PRO A 23 14.90 -4.19 2.52
N LEU A 24 15.58 -4.77 1.56
CA LEU A 24 15.63 -6.28 1.38
C LEU A 24 15.06 -7.03 2.59
N PRO A 25 15.71 -6.92 3.73
CA PRO A 25 15.26 -7.60 4.95
C PRO A 25 14.06 -6.88 5.59
N VAL A 26 12.90 -6.95 4.99
CA VAL A 26 11.71 -6.27 5.57
C VAL A 26 10.89 -7.25 6.38
N THR A 27 10.46 -6.86 7.55
CA THR A 27 9.63 -7.77 8.38
C THR A 27 8.21 -7.21 8.48
N ALA A 28 8.03 -5.95 8.15
CA ALA A 28 6.68 -5.35 8.21
C ALA A 28 6.74 -3.89 7.75
N THR A 29 5.67 -3.39 7.19
CA THR A 29 5.65 -1.97 6.75
C THR A 29 4.30 -1.37 7.13
N ARG A 30 4.29 -0.16 7.63
CA ARG A 30 3.02 0.48 8.02
C ARG A 30 2.47 1.23 6.80
N TRP A 31 1.49 0.70 6.15
CA TRP A 31 0.93 1.41 4.96
C TRP A 31 -0.14 2.38 5.41
N ASP A 32 -0.69 3.09 4.47
CA ASP A 32 -1.77 4.05 4.78
C ASP A 32 -2.68 4.12 3.57
N PHE A 33 -3.80 3.47 3.61
CA PHE A 33 -4.67 3.50 2.40
C PHE A 33 -5.48 4.80 2.37
N GLY A 34 -6.25 5.05 3.39
CA GLY A 34 -7.07 6.30 3.40
C GLY A 34 -8.43 6.01 2.75
N ASP A 35 -8.78 4.76 2.61
CA ASP A 35 -10.10 4.41 2.02
C ASP A 35 -10.99 3.96 3.17
N GLY A 36 -11.24 2.70 3.29
CA GLY A 36 -12.05 2.22 4.44
C GLY A 36 -11.12 2.07 5.65
N SER A 37 -9.83 2.02 5.41
CA SER A 37 -8.85 1.88 6.52
C SER A 37 -7.69 2.85 6.29
N ALA A 38 -7.41 3.69 7.25
CA ALA A 38 -6.28 4.65 7.08
C ALA A 38 -4.95 3.97 7.38
N GLU A 39 -4.59 3.91 8.63
CA GLU A 39 -3.30 3.26 9.04
C GLU A 39 -3.27 1.81 8.58
N VAL A 40 -2.11 1.28 8.30
CA VAL A 40 -2.04 -0.13 7.82
C VAL A 40 -0.84 -0.85 8.45
N ASP A 41 -1.07 -2.00 9.00
CA ASP A 41 0.05 -2.80 9.59
C ASP A 41 0.29 -4.01 8.68
N ALA A 42 1.15 -3.87 7.71
CA ALA A 42 1.39 -4.99 6.76
C ALA A 42 2.62 -5.81 7.16
N ALA A 43 2.66 -7.05 6.74
CA ALA A 43 3.81 -7.93 7.06
C ALA A 43 4.85 -7.85 5.94
N GLY A 44 6.10 -8.05 6.27
CA GLY A 44 7.18 -7.96 5.24
C GLY A 44 6.96 -6.69 4.42
N PRO A 45 7.51 -6.66 3.25
CA PRO A 45 7.35 -5.51 2.36
C PRO A 45 6.07 -5.67 1.52
N ALA A 46 4.98 -6.14 2.07
CA ALA A 46 3.76 -6.32 1.21
C ALA A 46 2.47 -5.97 1.96
N ALA A 47 1.48 -5.52 1.23
CA ALA A 47 0.16 -5.18 1.82
C ALA A 47 -0.89 -5.16 0.70
N SER A 48 -2.06 -4.65 0.97
CA SER A 48 -3.11 -4.61 -0.08
C SER A 48 -4.06 -3.44 0.21
N HIS A 49 -4.72 -2.91 -0.79
CA HIS A 49 -5.61 -1.74 -0.55
C HIS A 49 -7.08 -2.11 -0.81
N ARG A 50 -7.94 -1.74 0.09
CA ARG A 50 -9.39 -2.03 -0.10
C ARG A 50 -10.10 -0.74 -0.50
N TYR A 51 -10.13 -0.45 -1.77
CA TYR A 51 -10.79 0.80 -2.24
C TYR A 51 -12.27 0.54 -2.51
N VAL A 52 -13.13 1.31 -1.89
CA VAL A 52 -14.59 1.09 -2.10
C VAL A 52 -15.23 2.28 -2.81
N LEU A 53 -14.78 3.49 -2.57
CA LEU A 53 -15.41 4.65 -3.25
C LEU A 53 -14.66 4.94 -4.57
N PRO A 54 -15.40 5.39 -5.54
CA PRO A 54 -14.84 5.72 -6.87
C PRO A 54 -14.12 7.07 -6.81
N GLY A 55 -12.88 7.11 -7.21
CA GLY A 55 -12.13 8.40 -7.16
C GLY A 55 -10.63 8.10 -7.07
N ARG A 56 -9.86 9.01 -6.54
CA ARG A 56 -8.39 8.77 -6.45
C ARG A 56 -7.99 8.67 -4.97
N TYR A 57 -7.20 7.69 -4.63
CA TYR A 57 -6.77 7.54 -3.20
C TYR A 57 -5.26 7.72 -3.10
N HIS A 58 -4.79 8.21 -1.99
CA HIS A 58 -3.33 8.38 -1.81
C HIS A 58 -2.81 7.26 -0.90
N VAL A 59 -1.77 6.58 -1.31
CA VAL A 59 -1.23 5.47 -0.47
C VAL A 59 0.13 5.85 0.10
N THR A 60 0.51 5.25 1.20
CA THR A 60 1.85 5.53 1.80
C THR A 60 2.32 4.28 2.53
N ALA A 61 3.60 4.13 2.76
CA ALA A 61 4.07 2.89 3.47
C ALA A 61 5.38 3.14 4.22
N VAL A 62 5.38 2.88 5.49
CA VAL A 62 6.63 3.04 6.29
C VAL A 62 7.28 1.67 6.38
N LEU A 63 8.51 1.55 6.01
CA LEU A 63 9.16 0.21 6.07
C LEU A 63 9.77 0.02 7.45
N ALA A 64 9.70 -1.17 7.99
CA ALA A 64 10.31 -1.37 9.32
C ALA A 64 11.20 -2.60 9.31
N LEU A 65 12.46 -2.38 9.39
CA LEU A 65 13.44 -3.50 9.40
C LEU A 65 13.97 -3.68 10.81
N GLY A 66 13.68 -2.76 11.68
CA GLY A 66 14.18 -2.84 13.07
C GLY A 66 15.26 -1.77 13.25
N ALA A 67 16.15 -1.67 12.29
CA ALA A 67 17.23 -0.65 12.37
C ALA A 67 17.14 0.29 11.15
N GLY A 68 16.26 0.01 10.23
CA GLY A 68 16.13 0.90 9.03
C GLY A 68 14.66 1.00 8.63
N SER A 69 14.34 1.94 7.79
CA SER A 69 12.92 2.12 7.34
C SER A 69 12.89 2.71 5.93
N ALA A 70 11.71 2.99 5.43
CA ALA A 70 11.58 3.58 4.07
C ALA A 70 10.25 4.33 4.00
N LEU A 71 10.08 5.18 3.02
CA LEU A 71 8.80 5.94 2.92
C LEU A 71 8.12 5.64 1.58
N LEU A 72 6.94 5.11 1.63
CA LEU A 72 6.21 4.78 0.38
C LEU A 72 5.10 5.80 0.15
N GLY A 73 4.70 5.96 -1.07
CA GLY A 73 3.61 6.93 -1.38
C GLY A 73 3.08 6.69 -2.80
N THR A 74 1.97 6.00 -2.94
CA THR A 74 1.42 5.75 -4.31
C THR A 74 0.07 6.44 -4.48
N ASP A 75 -0.59 6.21 -5.58
CA ASP A 75 -1.92 6.83 -5.83
C ASP A 75 -2.75 5.88 -6.69
N VAL A 76 -4.02 5.74 -6.43
CA VAL A 76 -4.85 4.82 -7.25
C VAL A 76 -6.06 5.57 -7.82
N GLN A 77 -6.55 5.12 -8.94
CA GLN A 77 -7.74 5.77 -9.56
C GLN A 77 -8.89 4.75 -9.63
N VAL A 78 -9.66 4.65 -8.57
CA VAL A 78 -10.79 3.67 -8.57
C VAL A 78 -11.97 4.22 -9.37
N GLU A 79 -12.63 3.36 -10.11
CA GLU A 79 -13.80 3.82 -10.93
C GLU A 79 -15.07 3.14 -10.40
N ALA A 80 -16.18 3.33 -11.07
CA ALA A 80 -17.45 2.69 -10.59
C ALA A 80 -18.33 2.36 -11.80
N ALA A 1 11.80 3.37 -1.07
CA ALA A 1 11.63 1.99 -1.61
C ALA A 1 10.87 2.07 -2.94
N THR A 2 10.66 0.95 -3.57
CA THR A 2 9.92 0.95 -4.85
C THR A 2 8.45 0.77 -4.55
N LEU A 3 7.62 1.45 -5.29
CA LEU A 3 6.16 1.39 -5.06
C LEU A 3 5.52 0.38 -6.02
N VAL A 4 5.33 -0.83 -5.59
CA VAL A 4 4.71 -1.83 -6.51
C VAL A 4 3.25 -2.07 -6.07
N GLY A 5 2.31 -1.77 -6.92
CA GLY A 5 0.88 -1.98 -6.55
C GLY A 5 0.22 -2.88 -7.62
N PRO A 6 0.60 -4.14 -7.60
CA PRO A 6 0.11 -5.15 -8.54
C PRO A 6 -1.35 -5.57 -8.29
N HIS A 7 -2.01 -5.95 -9.37
CA HIS A 7 -3.43 -6.42 -9.36
C HIS A 7 -4.11 -5.96 -10.65
N GLY A 8 -5.35 -6.31 -10.85
CA GLY A 8 -6.05 -5.88 -12.11
C GLY A 8 -6.53 -4.45 -11.96
N PRO A 9 -7.67 -4.18 -12.54
CA PRO A 9 -8.29 -2.84 -12.49
C PRO A 9 -8.90 -2.61 -11.11
N LEU A 10 -8.96 -1.39 -10.66
CA LEU A 10 -9.55 -1.14 -9.32
C LEU A 10 -10.97 -0.60 -9.48
N ALA A 11 -11.91 -1.48 -9.66
CA ALA A 11 -13.32 -1.04 -9.80
C ALA A 11 -13.83 -0.65 -8.42
N SER A 12 -14.93 0.04 -8.33
CA SER A 12 -15.45 0.43 -7.00
C SER A 12 -15.69 -0.83 -6.15
N GLY A 13 -14.94 -1.00 -5.10
CA GLY A 13 -15.12 -2.20 -4.24
C GLY A 13 -14.10 -3.27 -4.64
N GLN A 14 -12.87 -2.87 -4.85
CA GLN A 14 -11.82 -3.86 -5.26
C GLN A 14 -10.68 -3.89 -4.24
N LEU A 15 -9.98 -5.00 -4.18
CA LEU A 15 -8.84 -5.15 -3.23
C LEU A 15 -7.53 -5.23 -4.03
N ALA A 16 -6.82 -4.14 -4.16
CA ALA A 16 -5.53 -4.19 -4.91
C ALA A 16 -4.46 -4.77 -3.98
N ALA A 17 -3.40 -5.31 -4.50
CA ALA A 17 -2.37 -5.85 -3.58
C ALA A 17 -1.07 -5.11 -3.83
N PHE A 18 -0.54 -4.45 -2.84
CA PHE A 18 0.70 -3.65 -3.02
C PHE A 18 1.91 -4.35 -2.41
N HIS A 19 3.07 -3.78 -2.64
CA HIS A 19 4.33 -4.32 -2.06
C HIS A 19 5.44 -3.29 -2.27
N ILE A 20 6.27 -3.10 -1.27
CA ILE A 20 7.36 -2.08 -1.37
C ILE A 20 8.71 -2.79 -1.53
N ALA A 21 9.65 -2.19 -2.21
CA ALA A 21 10.97 -2.90 -2.39
C ALA A 21 12.16 -1.98 -2.13
N ALA A 22 13.03 -2.37 -1.23
CA ALA A 22 14.26 -1.56 -0.96
C ALA A 22 15.10 -2.27 0.11
N PRO A 23 14.59 -2.38 1.30
CA PRO A 23 15.29 -3.06 2.41
C PRO A 23 15.09 -4.57 2.27
N LEU A 24 15.65 -5.16 1.23
CA LEU A 24 15.52 -6.64 0.96
C LEU A 24 14.88 -7.42 2.13
N PRO A 25 15.56 -7.48 3.25
CA PRO A 25 15.03 -8.20 4.43
C PRO A 25 14.01 -7.34 5.18
N VAL A 26 12.75 -7.43 4.84
CA VAL A 26 11.73 -6.61 5.55
C VAL A 26 10.82 -7.52 6.38
N THR A 27 10.38 -7.05 7.50
CA THR A 27 9.49 -7.88 8.37
C THR A 27 8.10 -7.26 8.44
N ALA A 28 7.97 -6.00 8.13
CA ALA A 28 6.63 -5.35 8.19
C ALA A 28 6.72 -3.90 7.72
N THR A 29 5.65 -3.39 7.18
CA THR A 29 5.63 -1.97 6.73
C THR A 29 4.29 -1.35 7.10
N ARG A 30 4.29 -0.14 7.58
CA ARG A 30 3.01 0.50 7.95
C ARG A 30 2.50 1.31 6.75
N TRP A 31 1.41 0.89 6.17
CA TRP A 31 0.87 1.63 4.98
C TRP A 31 -0.20 2.60 5.46
N ASP A 32 -0.78 3.30 4.53
CA ASP A 32 -1.87 4.23 4.86
C ASP A 32 -2.77 4.30 3.64
N PHE A 33 -3.90 3.64 3.67
CA PHE A 33 -4.76 3.64 2.46
C PHE A 33 -5.60 4.93 2.39
N GLY A 34 -6.48 5.13 3.32
CA GLY A 34 -7.33 6.36 3.28
C GLY A 34 -8.68 6.04 2.62
N ASP A 35 -8.93 4.78 2.34
CA ASP A 35 -10.23 4.38 1.71
C ASP A 35 -11.17 3.89 2.79
N GLY A 36 -11.05 4.42 3.97
CA GLY A 36 -11.88 3.94 5.09
C GLY A 36 -10.89 3.37 6.11
N SER A 37 -9.88 2.69 5.62
CA SER A 37 -8.83 2.15 6.53
C SER A 37 -7.58 3.01 6.35
N ALA A 38 -7.31 3.88 7.29
CA ALA A 38 -6.13 4.77 7.15
C ALA A 38 -4.85 4.02 7.50
N GLU A 39 -4.48 4.02 8.76
CA GLU A 39 -3.24 3.33 9.21
C GLU A 39 -3.25 1.88 8.73
N VAL A 40 -2.11 1.37 8.35
CA VAL A 40 -2.05 -0.02 7.84
C VAL A 40 -0.88 -0.78 8.44
N ASP A 41 -1.11 -1.97 8.92
CA ASP A 41 -0.01 -2.80 9.48
C ASP A 41 0.21 -3.99 8.55
N ALA A 42 1.11 -3.86 7.60
CA ALA A 42 1.34 -4.96 6.64
C ALA A 42 2.53 -5.83 7.04
N ALA A 43 2.50 -7.08 6.66
CA ALA A 43 3.62 -8.00 7.01
C ALA A 43 4.71 -7.91 5.93
N GLY A 44 5.93 -8.14 6.30
CA GLY A 44 7.05 -8.04 5.31
C GLY A 44 6.88 -6.75 4.52
N PRO A 45 7.45 -6.72 3.35
CA PRO A 45 7.34 -5.55 2.48
C PRO A 45 6.09 -5.67 1.59
N ALA A 46 4.97 -6.13 2.11
CA ALA A 46 3.77 -6.26 1.21
C ALA A 46 2.46 -5.97 1.95
N ALA A 47 1.50 -5.44 1.22
CA ALA A 47 0.16 -5.13 1.83
C ALA A 47 -0.88 -5.15 0.72
N SER A 48 -2.06 -4.66 0.98
CA SER A 48 -3.13 -4.65 -0.06
C SER A 48 -4.10 -3.51 0.23
N HIS A 49 -4.64 -2.88 -0.78
CA HIS A 49 -5.58 -1.75 -0.56
C HIS A 49 -7.01 -2.17 -0.82
N ARG A 50 -7.92 -1.74 0.02
CA ARG A 50 -9.36 -2.09 -0.19
C ARG A 50 -10.12 -0.81 -0.61
N TYR A 51 -10.20 -0.56 -1.89
CA TYR A 51 -10.89 0.66 -2.35
C TYR A 51 -12.37 0.35 -2.64
N VAL A 52 -13.27 1.06 -2.03
CA VAL A 52 -14.72 0.80 -2.24
C VAL A 52 -15.44 2.01 -2.84
N LEU A 53 -14.83 3.18 -2.84
CA LEU A 53 -15.50 4.37 -3.42
C LEU A 53 -14.93 4.66 -4.81
N PRO A 54 -15.76 5.20 -5.67
CA PRO A 54 -15.35 5.56 -7.03
C PRO A 54 -14.58 6.88 -7.02
N GLY A 55 -13.34 6.85 -7.40
CA GLY A 55 -12.53 8.11 -7.40
C GLY A 55 -11.05 7.76 -7.28
N ARG A 56 -10.24 8.67 -6.80
CA ARG A 56 -8.78 8.38 -6.67
C ARG A 56 -8.39 8.32 -5.19
N TYR A 57 -7.28 7.69 -4.90
CA TYR A 57 -6.82 7.59 -3.49
C TYR A 57 -5.32 7.87 -3.42
N HIS A 58 -4.83 8.23 -2.27
CA HIS A 58 -3.38 8.48 -2.12
C HIS A 58 -2.81 7.46 -1.13
N VAL A 59 -1.94 6.61 -1.58
CA VAL A 59 -1.36 5.57 -0.68
C VAL A 59 -0.01 6.01 -0.15
N THR A 60 0.32 5.60 1.04
CA THR A 60 1.64 5.95 1.63
C THR A 60 2.10 4.76 2.48
N ALA A 61 3.37 4.61 2.70
CA ALA A 61 3.83 3.44 3.53
C ALA A 61 5.14 3.76 4.24
N VAL A 62 5.47 2.96 5.20
CA VAL A 62 6.75 3.14 5.94
C VAL A 62 7.33 1.76 6.18
N LEU A 63 8.57 1.56 5.85
CA LEU A 63 9.17 0.21 6.03
C LEU A 63 9.73 0.11 7.44
N ALA A 64 9.62 -1.01 8.07
CA ALA A 64 10.19 -1.13 9.42
C ALA A 64 11.03 -2.38 9.53
N LEU A 65 12.30 -2.19 9.57
CA LEU A 65 13.25 -3.32 9.68
C LEU A 65 13.80 -3.36 11.10
N GLY A 66 13.53 -2.34 11.86
CA GLY A 66 14.06 -2.26 13.24
C GLY A 66 15.19 -1.23 13.27
N ALA A 67 16.11 -1.35 12.35
CA ALA A 67 17.23 -0.37 12.27
C ALA A 67 17.17 0.38 10.93
N GLY A 68 16.28 0.00 10.05
CA GLY A 68 16.18 0.69 8.74
C GLY A 68 14.71 0.86 8.36
N SER A 69 14.40 1.83 7.55
CA SER A 69 12.98 2.06 7.15
C SER A 69 12.95 2.66 5.75
N ALA A 70 11.76 2.92 5.25
CA ALA A 70 11.64 3.52 3.88
C ALA A 70 10.32 4.28 3.80
N LEU A 71 10.17 5.15 2.83
CA LEU A 71 8.89 5.91 2.72
C LEU A 71 8.18 5.56 1.42
N LEU A 72 6.91 5.27 1.50
CA LEU A 72 6.14 4.92 0.28
C LEU A 72 5.07 5.96 0.04
N GLY A 73 4.62 6.06 -1.18
CA GLY A 73 3.57 7.06 -1.52
C GLY A 73 3.04 6.79 -2.93
N THR A 74 2.02 5.97 -3.06
CA THR A 74 1.45 5.69 -4.42
C THR A 74 0.08 6.35 -4.55
N ASP A 75 -0.63 6.07 -5.61
CA ASP A 75 -1.98 6.65 -5.82
C ASP A 75 -2.80 5.65 -6.64
N VAL A 76 -4.10 5.69 -6.56
CA VAL A 76 -4.91 4.72 -7.36
C VAL A 76 -6.12 5.43 -7.96
N GLN A 77 -6.59 4.97 -9.09
CA GLN A 77 -7.78 5.58 -9.73
C GLN A 77 -8.90 4.55 -9.77
N VAL A 78 -9.66 4.44 -8.71
CA VAL A 78 -10.76 3.44 -8.69
C VAL A 78 -11.95 3.94 -9.50
N GLU A 79 -12.54 3.09 -10.29
CA GLU A 79 -13.70 3.53 -11.13
C GLU A 79 -14.92 2.65 -10.82
N ALA A 80 -16.08 3.23 -10.77
CA ALA A 80 -17.30 2.42 -10.49
C ALA A 80 -17.94 1.98 -11.81
N ALA A 1 11.61 2.59 -0.46
CA ALA A 1 11.38 1.30 -1.19
C ALA A 1 10.56 1.59 -2.44
N THR A 2 10.66 0.75 -3.43
CA THR A 2 9.90 1.00 -4.68
C THR A 2 8.44 0.70 -4.43
N LEU A 3 7.59 1.41 -5.13
CA LEU A 3 6.12 1.26 -4.97
C LEU A 3 5.57 0.22 -5.94
N VAL A 4 5.29 -0.97 -5.49
CA VAL A 4 4.73 -1.98 -6.42
C VAL A 4 3.32 -2.32 -5.98
N GLY A 5 2.33 -1.84 -6.68
CA GLY A 5 0.92 -2.11 -6.29
C GLY A 5 0.21 -2.87 -7.41
N PRO A 6 0.51 -4.14 -7.53
CA PRO A 6 -0.09 -5.02 -8.55
C PRO A 6 -1.57 -5.31 -8.25
N HIS A 7 -2.33 -5.49 -9.31
CA HIS A 7 -3.79 -5.79 -9.19
C HIS A 7 -4.46 -5.46 -10.53
N GLY A 8 -4.02 -4.43 -11.17
CA GLY A 8 -4.62 -4.02 -12.46
C GLY A 8 -5.47 -2.76 -12.22
N PRO A 9 -6.61 -2.72 -12.84
CA PRO A 9 -7.54 -1.59 -12.69
C PRO A 9 -8.25 -1.73 -11.35
N LEU A 10 -8.54 -0.63 -10.70
CA LEU A 10 -9.22 -0.72 -9.39
C LEU A 10 -10.70 -0.34 -9.54
N ALA A 11 -11.54 -1.32 -9.75
CA ALA A 11 -12.99 -1.01 -9.87
C ALA A 11 -13.55 -0.70 -8.49
N SER A 12 -14.67 -0.04 -8.42
CA SER A 12 -15.26 0.31 -7.10
C SER A 12 -15.47 -0.97 -6.28
N GLY A 13 -14.92 -1.00 -5.10
CA GLY A 13 -15.08 -2.21 -4.24
C GLY A 13 -14.07 -3.28 -4.67
N GLN A 14 -12.83 -2.91 -4.82
CA GLN A 14 -11.81 -3.91 -5.25
C GLN A 14 -10.66 -3.98 -4.24
N LEU A 15 -10.04 -5.13 -4.16
CA LEU A 15 -8.89 -5.31 -3.21
C LEU A 15 -7.59 -5.33 -4.01
N ALA A 16 -6.90 -4.23 -4.06
CA ALA A 16 -5.62 -4.21 -4.81
C ALA A 16 -4.55 -4.86 -3.93
N ALA A 17 -3.53 -5.43 -4.49
CA ALA A 17 -2.49 -6.07 -3.62
C ALA A 17 -1.18 -5.33 -3.83
N PHE A 18 -0.66 -4.73 -2.80
CA PHE A 18 0.60 -3.94 -2.93
C PHE A 18 1.79 -4.64 -2.28
N HIS A 19 2.97 -4.12 -2.56
CA HIS A 19 4.22 -4.64 -1.95
C HIS A 19 5.32 -3.61 -2.26
N ILE A 20 6.25 -3.44 -1.37
CA ILE A 20 7.32 -2.43 -1.59
C ILE A 20 8.64 -3.17 -1.87
N ALA A 21 9.61 -2.51 -2.46
CA ALA A 21 10.89 -3.24 -2.76
C ALA A 21 12.13 -2.38 -2.47
N ALA A 22 12.98 -2.84 -1.59
CA ALA A 22 14.24 -2.09 -1.29
C ALA A 22 14.97 -2.77 -0.11
N PRO A 23 14.40 -2.67 1.07
CA PRO A 23 14.99 -3.29 2.26
C PRO A 23 14.71 -4.78 2.25
N LEU A 24 15.46 -5.52 1.47
CA LEU A 24 15.25 -7.00 1.36
C LEU A 24 14.78 -7.63 2.70
N PRO A 25 15.51 -7.39 3.76
CA PRO A 25 15.18 -7.95 5.09
C PRO A 25 14.07 -7.13 5.79
N VAL A 26 12.91 -7.00 5.18
CA VAL A 26 11.82 -6.23 5.85
C VAL A 26 11.10 -7.14 6.85
N THR A 27 10.60 -6.57 7.92
CA THR A 27 9.88 -7.41 8.92
C THR A 27 8.45 -6.89 9.07
N ALA A 28 8.27 -5.61 9.01
CA ALA A 28 6.90 -5.02 9.14
C ALA A 28 6.85 -3.70 8.36
N THR A 29 5.77 -3.46 7.69
CA THR A 29 5.65 -2.20 6.91
C THR A 29 4.33 -1.51 7.30
N ARG A 30 4.36 -0.25 7.52
CA ARG A 30 3.10 0.46 7.89
C ARG A 30 2.59 1.25 6.69
N TRP A 31 1.58 0.75 6.03
CA TRP A 31 1.05 1.48 4.85
C TRP A 31 0.00 2.48 5.32
N ASP A 32 -0.57 3.19 4.39
CA ASP A 32 -1.64 4.15 4.72
C ASP A 32 -2.57 4.20 3.52
N PHE A 33 -3.68 3.53 3.58
CA PHE A 33 -4.58 3.51 2.40
C PHE A 33 -5.40 4.80 2.38
N GLY A 34 -6.19 5.03 3.39
CA GLY A 34 -7.02 6.27 3.40
C GLY A 34 -8.38 5.96 2.78
N ASP A 35 -8.71 4.70 2.63
CA ASP A 35 -10.02 4.32 2.07
C ASP A 35 -10.91 3.95 3.24
N GLY A 36 -11.15 2.69 3.45
CA GLY A 36 -11.95 2.27 4.62
C GLY A 36 -11.01 2.20 5.83
N SER A 37 -9.73 2.01 5.57
CA SER A 37 -8.74 1.94 6.69
C SER A 37 -7.60 2.92 6.39
N ALA A 38 -7.28 3.77 7.33
CA ALA A 38 -6.17 4.74 7.10
C ALA A 38 -4.83 4.06 7.36
N GLU A 39 -4.43 4.01 8.60
CA GLU A 39 -3.12 3.37 8.96
C GLU A 39 -3.13 1.91 8.51
N VAL A 40 -1.98 1.36 8.23
CA VAL A 40 -1.94 -0.05 7.75
C VAL A 40 -0.80 -0.83 8.39
N ASP A 41 -1.11 -1.81 9.19
CA ASP A 41 -0.04 -2.64 9.82
C ASP A 41 0.17 -3.88 8.95
N ALA A 42 1.23 -3.92 8.20
CA ALA A 42 1.44 -5.11 7.31
C ALA A 42 2.74 -5.83 7.67
N ALA A 43 2.94 -7.00 7.14
CA ALA A 43 4.17 -7.78 7.43
C ALA A 43 5.14 -7.69 6.25
N GLY A 44 6.41 -7.87 6.51
CA GLY A 44 7.42 -7.79 5.42
C GLY A 44 7.15 -6.55 4.58
N PRO A 45 7.58 -6.59 3.35
CA PRO A 45 7.37 -5.51 2.41
C PRO A 45 6.05 -5.70 1.64
N ALA A 46 4.98 -6.14 2.26
CA ALA A 46 3.73 -6.35 1.46
C ALA A 46 2.45 -5.99 2.22
N ALA A 47 1.43 -5.63 1.50
CA ALA A 47 0.11 -5.26 2.10
C ALA A 47 -0.89 -5.03 0.96
N SER A 48 -2.16 -5.18 1.21
CA SER A 48 -3.14 -4.96 0.09
C SER A 48 -4.05 -3.76 0.39
N HIS A 49 -4.58 -3.16 -0.64
CA HIS A 49 -5.46 -1.98 -0.45
C HIS A 49 -6.93 -2.35 -0.68
N ARG A 50 -7.81 -1.77 0.08
CA ARG A 50 -9.27 -2.05 -0.08
C ARG A 50 -9.97 -0.77 -0.54
N TYR A 51 -10.15 -0.61 -1.83
CA TYR A 51 -10.79 0.64 -2.33
C TYR A 51 -12.26 0.36 -2.62
N VAL A 52 -13.16 1.15 -2.07
CA VAL A 52 -14.61 0.90 -2.30
C VAL A 52 -15.29 2.10 -2.98
N LEU A 53 -14.83 3.31 -2.76
CA LEU A 53 -15.48 4.47 -3.40
C LEU A 53 -14.70 4.86 -4.67
N PRO A 54 -15.43 5.21 -5.70
CA PRO A 54 -14.83 5.59 -6.99
C PRO A 54 -14.17 6.97 -6.89
N GLY A 55 -12.99 7.10 -7.43
CA GLY A 55 -12.27 8.40 -7.36
C GLY A 55 -10.77 8.14 -7.31
N ARG A 56 -10.05 8.90 -6.52
CA ARG A 56 -8.58 8.68 -6.42
C ARG A 56 -8.17 8.57 -4.94
N TYR A 57 -7.31 7.65 -4.63
CA TYR A 57 -6.86 7.48 -3.22
C TYR A 57 -5.35 7.75 -3.13
N HIS A 58 -4.88 8.05 -1.95
CA HIS A 58 -3.42 8.31 -1.79
C HIS A 58 -2.84 7.20 -0.90
N VAL A 59 -1.81 6.54 -1.36
CA VAL A 59 -1.21 5.45 -0.55
C VAL A 59 0.16 5.86 -0.01
N THR A 60 0.55 5.31 1.11
CA THR A 60 1.88 5.64 1.70
C THR A 60 2.38 4.40 2.46
N ALA A 61 3.66 4.30 2.73
CA ALA A 61 4.15 3.10 3.47
C ALA A 61 5.49 3.37 4.16
N VAL A 62 5.53 3.18 5.45
CA VAL A 62 6.79 3.38 6.20
C VAL A 62 7.24 2.01 6.73
N LEU A 63 8.29 1.47 6.18
CA LEU A 63 8.74 0.13 6.66
C LEU A 63 9.70 0.29 7.82
N ALA A 64 9.69 -0.63 8.74
CA ALA A 64 10.64 -0.54 9.88
C ALA A 64 11.40 -1.86 9.99
N LEU A 65 12.67 -1.80 9.80
CA LEU A 65 13.50 -3.02 9.87
C LEU A 65 14.26 -3.04 11.21
N GLY A 66 14.28 -1.94 11.88
CA GLY A 66 15.01 -1.85 13.17
C GLY A 66 16.17 -0.87 12.99
N ALA A 67 16.95 -1.07 11.97
CA ALA A 67 18.10 -0.15 11.72
C ALA A 67 17.89 0.59 10.38
N GLY A 68 16.86 0.24 9.65
CA GLY A 68 16.61 0.92 8.34
C GLY A 68 15.10 1.06 8.11
N SER A 69 14.71 1.93 7.21
CA SER A 69 13.26 2.12 6.94
C SER A 69 13.06 2.55 5.49
N ALA A 70 11.84 2.57 5.02
CA ALA A 70 11.58 2.98 3.61
C ALA A 70 10.27 3.78 3.55
N LEU A 71 10.25 4.87 2.83
CA LEU A 71 9.01 5.69 2.74
C LEU A 71 8.30 5.42 1.41
N LEU A 72 7.01 5.20 1.46
CA LEU A 72 6.25 4.92 0.22
C LEU A 72 5.14 5.95 0.05
N GLY A 73 4.73 6.16 -1.18
CA GLY A 73 3.65 7.14 -1.45
C GLY A 73 3.06 6.88 -2.85
N THR A 74 2.07 6.02 -2.95
CA THR A 74 1.47 5.73 -4.29
C THR A 74 0.10 6.42 -4.40
N ASP A 75 -0.58 6.21 -5.50
CA ASP A 75 -1.93 6.82 -5.69
C ASP A 75 -2.75 5.89 -6.58
N VAL A 76 -4.03 5.76 -6.35
CA VAL A 76 -4.83 4.84 -7.21
C VAL A 76 -6.09 5.55 -7.72
N GLN A 77 -6.58 5.14 -8.85
CA GLN A 77 -7.82 5.77 -9.40
C GLN A 77 -8.92 4.70 -9.50
N VAL A 78 -9.83 4.67 -8.56
CA VAL A 78 -10.91 3.65 -8.60
C VAL A 78 -12.00 4.09 -9.57
N GLU A 79 -12.48 3.18 -10.38
CA GLU A 79 -13.55 3.52 -11.35
C GLU A 79 -14.78 2.65 -11.10
N ALA A 80 -15.62 2.46 -12.10
CA ALA A 80 -16.83 1.62 -11.93
C ALA A 80 -17.74 2.20 -10.84
N ALA A 1 11.47 3.32 -0.86
CA ALA A 1 11.45 1.95 -1.43
C ALA A 1 10.75 1.99 -2.79
N THR A 2 10.62 0.86 -3.43
CA THR A 2 9.95 0.82 -4.74
C THR A 2 8.46 0.65 -4.51
N LEU A 3 7.69 1.32 -5.31
CA LEU A 3 6.20 1.29 -5.15
C LEU A 3 5.61 0.27 -6.13
N VAL A 4 5.38 -0.93 -5.70
CA VAL A 4 4.78 -1.94 -6.62
C VAL A 4 3.33 -2.17 -6.21
N GLY A 5 2.39 -1.83 -7.04
CA GLY A 5 0.96 -2.03 -6.68
C GLY A 5 0.28 -2.93 -7.71
N PRO A 6 0.63 -4.19 -7.67
CA PRO A 6 0.08 -5.20 -8.60
C PRO A 6 -1.38 -5.57 -8.26
N HIS A 7 -2.12 -5.94 -9.27
CA HIS A 7 -3.55 -6.35 -9.12
C HIS A 7 -4.30 -6.02 -10.40
N GLY A 8 -3.98 -4.89 -10.99
CA GLY A 8 -4.67 -4.48 -12.25
C GLY A 8 -5.43 -3.18 -11.97
N PRO A 9 -6.59 -3.06 -12.57
CA PRO A 9 -7.44 -1.88 -12.40
C PRO A 9 -8.17 -1.96 -11.05
N LEU A 10 -8.46 -0.85 -10.45
CA LEU A 10 -9.17 -0.88 -9.14
C LEU A 10 -10.62 -0.46 -9.34
N ALA A 11 -11.53 -1.38 -9.28
CA ALA A 11 -12.96 -1.02 -9.46
C ALA A 11 -13.59 -0.76 -8.10
N SER A 12 -14.77 -0.21 -8.07
CA SER A 12 -15.44 0.08 -6.77
C SER A 12 -15.53 -1.21 -5.96
N GLY A 13 -14.95 -1.22 -4.79
CA GLY A 13 -14.99 -2.45 -3.96
C GLY A 13 -13.93 -3.43 -4.46
N GLN A 14 -12.75 -2.93 -4.74
CA GLN A 14 -11.67 -3.81 -5.26
C GLN A 14 -10.53 -3.93 -4.24
N LEU A 15 -9.90 -5.07 -4.21
CA LEU A 15 -8.76 -5.29 -3.26
C LEU A 15 -7.46 -5.31 -4.05
N ALA A 16 -6.76 -4.22 -4.12
CA ALA A 16 -5.47 -4.21 -4.85
C ALA A 16 -4.41 -4.83 -3.95
N ALA A 17 -3.35 -5.35 -4.47
CA ALA A 17 -2.32 -5.94 -3.58
C ALA A 17 -1.00 -5.23 -3.83
N PHE A 18 -0.58 -4.43 -2.88
CA PHE A 18 0.67 -3.64 -3.06
C PHE A 18 1.88 -4.36 -2.43
N HIS A 19 3.05 -3.88 -2.77
CA HIS A 19 4.31 -4.45 -2.20
C HIS A 19 5.41 -3.41 -2.36
N ILE A 20 6.20 -3.21 -1.34
CA ILE A 20 7.28 -2.17 -1.39
C ILE A 20 8.65 -2.85 -1.47
N ALA A 21 9.63 -2.22 -2.06
CA ALA A 21 10.97 -2.91 -2.15
C ALA A 21 12.15 -1.98 -1.85
N ALA A 22 13.10 -2.45 -1.07
CA ALA A 22 14.31 -1.63 -0.76
C ALA A 22 15.17 -2.38 0.27
N PRO A 23 14.71 -2.45 1.50
CA PRO A 23 15.43 -3.17 2.56
C PRO A 23 15.17 -4.67 2.42
N LEU A 24 15.76 -5.28 1.41
CA LEU A 24 15.57 -6.75 1.11
C LEU A 24 14.91 -7.51 2.28
N PRO A 25 15.57 -7.57 3.41
CA PRO A 25 15.04 -8.29 4.58
C PRO A 25 13.97 -7.46 5.31
N VAL A 26 12.87 -7.17 4.66
CA VAL A 26 11.80 -6.36 5.34
C VAL A 26 10.97 -7.27 6.24
N THR A 27 10.47 -6.74 7.33
CA THR A 27 9.65 -7.57 8.26
C THR A 27 8.24 -6.98 8.40
N ALA A 28 8.06 -5.74 8.06
CA ALA A 28 6.71 -5.13 8.19
C ALA A 28 6.72 -3.70 7.65
N THR A 29 5.69 -3.31 6.96
CA THR A 29 5.61 -1.92 6.43
C THR A 29 4.28 -1.31 6.87
N ARG A 30 4.31 -0.11 7.36
CA ARG A 30 3.05 0.55 7.80
C ARG A 30 2.50 1.37 6.63
N TRP A 31 1.37 0.99 6.12
CA TRP A 31 0.79 1.75 4.96
C TRP A 31 -0.29 2.70 5.46
N ASP A 32 -0.88 3.41 4.56
CA ASP A 32 -1.99 4.31 4.92
C ASP A 32 -2.90 4.39 3.70
N PHE A 33 -4.02 3.73 3.73
CA PHE A 33 -4.90 3.74 2.54
C PHE A 33 -5.74 5.01 2.49
N GLY A 34 -6.63 5.19 3.43
CA GLY A 34 -7.49 6.41 3.41
C GLY A 34 -8.85 6.06 2.78
N ASP A 35 -9.03 4.82 2.40
CA ASP A 35 -10.33 4.39 1.79
C ASP A 35 -11.21 3.80 2.90
N GLY A 36 -11.12 4.34 4.07
CA GLY A 36 -11.87 3.79 5.21
C GLY A 36 -10.83 3.16 6.13
N SER A 37 -9.81 2.58 5.55
CA SER A 37 -8.71 1.99 6.36
C SER A 37 -7.51 2.94 6.30
N ALA A 38 -7.39 3.81 7.26
CA ALA A 38 -6.26 4.79 7.25
C ALA A 38 -4.95 4.06 7.56
N GLU A 39 -4.54 4.07 8.81
CA GLU A 39 -3.26 3.40 9.21
C GLU A 39 -3.26 1.96 8.72
N VAL A 40 -2.11 1.44 8.38
CA VAL A 40 -2.05 0.05 7.87
C VAL A 40 -0.85 -0.70 8.45
N ASP A 41 -1.07 -1.88 8.97
CA ASP A 41 0.06 -2.68 9.51
C ASP A 41 0.26 -3.89 8.60
N ALA A 42 1.15 -3.79 7.66
CA ALA A 42 1.37 -4.94 6.71
C ALA A 42 2.60 -5.76 7.11
N ALA A 43 2.55 -7.04 6.84
CA ALA A 43 3.70 -7.93 7.18
C ALA A 43 4.76 -7.83 6.08
N GLY A 44 6.00 -8.05 6.41
CA GLY A 44 7.09 -7.98 5.40
C GLY A 44 6.90 -6.71 4.58
N PRO A 45 7.43 -6.72 3.39
CA PRO A 45 7.31 -5.60 2.47
C PRO A 45 6.04 -5.73 1.62
N ALA A 46 4.92 -6.18 2.17
CA ALA A 46 3.72 -6.32 1.30
C ALA A 46 2.42 -6.01 2.05
N ALA A 47 1.46 -5.45 1.34
CA ALA A 47 0.13 -5.12 1.94
C ALA A 47 -0.90 -5.07 0.81
N SER A 48 -2.13 -4.78 1.11
CA SER A 48 -3.15 -4.70 0.04
C SER A 48 -4.11 -3.56 0.31
N HIS A 49 -4.68 -3.00 -0.71
CA HIS A 49 -5.61 -1.84 -0.51
C HIS A 49 -7.05 -2.27 -0.76
N ARG A 50 -7.95 -1.81 0.06
CA ARG A 50 -9.38 -2.16 -0.11
C ARG A 50 -10.13 -0.89 -0.52
N TYR A 51 -10.23 -0.63 -1.79
CA TYR A 51 -10.94 0.60 -2.25
C TYR A 51 -12.41 0.28 -2.47
N VAL A 52 -13.29 1.09 -1.93
CA VAL A 52 -14.75 0.79 -2.08
C VAL A 52 -15.45 1.91 -2.87
N LEU A 53 -15.00 3.13 -2.77
CA LEU A 53 -15.68 4.23 -3.51
C LEU A 53 -14.90 4.56 -4.78
N PRO A 54 -15.60 4.94 -5.81
CA PRO A 54 -14.98 5.30 -7.10
C PRO A 54 -14.37 6.70 -7.00
N GLY A 55 -13.09 6.81 -7.25
CA GLY A 55 -12.43 8.14 -7.17
C GLY A 55 -10.91 7.95 -7.11
N ARG A 56 -10.21 8.92 -6.59
CA ARG A 56 -8.72 8.78 -6.50
C ARG A 56 -8.28 8.67 -5.05
N TYR A 57 -7.64 7.60 -4.69
CA TYR A 57 -7.17 7.42 -3.28
C TYR A 57 -5.67 7.66 -3.22
N HIS A 58 -5.19 8.18 -2.13
CA HIS A 58 -3.72 8.41 -2.00
C HIS A 58 -3.14 7.34 -1.07
N VAL A 59 -2.07 6.72 -1.46
CA VAL A 59 -1.47 5.65 -0.60
C VAL A 59 -0.11 6.09 -0.08
N THR A 60 0.26 5.63 1.09
CA THR A 60 1.58 5.98 1.68
C THR A 60 2.05 4.80 2.53
N ALA A 61 3.34 4.64 2.71
CA ALA A 61 3.82 3.49 3.53
C ALA A 61 5.15 3.83 4.21
N VAL A 62 5.50 3.06 5.20
CA VAL A 62 6.78 3.27 5.92
C VAL A 62 7.25 1.91 6.45
N LEU A 63 8.31 1.39 5.94
CA LEU A 63 8.74 0.04 6.43
C LEU A 63 9.66 0.19 7.63
N ALA A 64 9.55 -0.70 8.58
CA ALA A 64 10.44 -0.63 9.76
C ALA A 64 11.19 -1.95 9.88
N LEU A 65 12.47 -1.89 9.78
CA LEU A 65 13.29 -3.12 9.88
C LEU A 65 14.00 -3.15 11.24
N GLY A 66 14.01 -2.04 11.91
CA GLY A 66 14.70 -1.97 13.23
C GLY A 66 15.95 -1.09 13.08
N ALA A 67 16.76 -1.39 12.10
CA ALA A 67 17.98 -0.57 11.88
C ALA A 67 17.84 0.23 10.57
N GLY A 68 16.78 0.00 9.82
CA GLY A 68 16.60 0.74 8.55
C GLY A 68 15.09 0.90 8.27
N SER A 69 14.73 1.83 7.43
CA SER A 69 13.28 2.02 7.13
C SER A 69 13.12 2.57 5.72
N ALA A 70 11.94 2.50 5.18
CA ALA A 70 11.71 3.02 3.81
C ALA A 70 10.38 3.77 3.76
N LEU A 71 10.15 4.57 2.76
CA LEU A 71 8.87 5.32 2.68
C LEU A 71 8.14 4.99 1.38
N LEU A 72 6.84 5.05 1.39
CA LEU A 72 6.06 4.73 0.16
C LEU A 72 5.01 5.81 -0.08
N GLY A 73 4.52 5.90 -1.29
CA GLY A 73 3.49 6.92 -1.61
C GLY A 73 2.94 6.69 -3.01
N THR A 74 1.80 6.07 -3.13
CA THR A 74 1.22 5.82 -4.50
C THR A 74 -0.16 6.48 -4.60
N ASP A 75 -0.85 6.23 -5.69
CA ASP A 75 -2.21 6.81 -5.89
C ASP A 75 -3.02 5.84 -6.75
N VAL A 76 -4.30 5.72 -6.53
CA VAL A 76 -5.10 4.77 -7.36
C VAL A 76 -6.37 5.46 -7.86
N GLN A 77 -6.78 5.15 -9.05
CA GLN A 77 -8.03 5.75 -9.60
C GLN A 77 -9.13 4.69 -9.61
N VAL A 78 -9.82 4.53 -8.53
CA VAL A 78 -10.90 3.50 -8.47
C VAL A 78 -12.08 3.93 -9.34
N GLU A 79 -12.57 3.03 -10.16
CA GLU A 79 -13.72 3.37 -11.03
C GLU A 79 -14.94 2.54 -10.61
N ALA A 80 -15.93 2.43 -11.46
CA ALA A 80 -17.12 1.62 -11.09
C ALA A 80 -17.49 0.70 -12.26
N ALA A 1 11.87 3.35 -1.26
CA ALA A 1 11.64 1.94 -1.70
C ALA A 1 10.87 1.94 -3.02
N THR A 2 10.68 0.80 -3.59
CA THR A 2 9.92 0.72 -4.87
C THR A 2 8.45 0.57 -4.54
N LEU A 3 7.62 1.24 -5.29
CA LEU A 3 6.16 1.20 -5.04
C LEU A 3 5.50 0.18 -5.96
N VAL A 4 5.41 -1.05 -5.54
CA VAL A 4 4.77 -2.06 -6.43
C VAL A 4 3.33 -2.27 -5.97
N GLY A 5 2.37 -1.88 -6.77
CA GLY A 5 0.95 -2.06 -6.38
C GLY A 5 0.20 -2.85 -7.46
N PRO A 6 0.52 -4.12 -7.54
CA PRO A 6 -0.09 -5.04 -8.52
C PRO A 6 -1.54 -5.39 -8.16
N HIS A 7 -2.33 -5.66 -9.17
CA HIS A 7 -3.76 -6.03 -8.96
C HIS A 7 -4.49 -6.01 -10.31
N GLY A 8 -4.17 -5.05 -11.12
CA GLY A 8 -4.84 -4.92 -12.44
C GLY A 8 -5.75 -3.70 -12.41
N PRO A 9 -6.92 -3.83 -12.96
CA PRO A 9 -7.90 -2.74 -12.97
C PRO A 9 -8.56 -2.65 -11.59
N LEU A 10 -8.92 -1.47 -11.18
CA LEU A 10 -9.54 -1.32 -9.83
C LEU A 10 -10.96 -0.78 -9.99
N ALA A 11 -11.94 -1.65 -9.95
CA ALA A 11 -13.34 -1.18 -10.08
C ALA A 11 -13.85 -0.82 -8.69
N SER A 12 -14.95 -0.13 -8.60
CA SER A 12 -15.50 0.24 -7.27
C SER A 12 -15.82 -1.02 -6.48
N GLY A 13 -15.12 -1.26 -5.41
CA GLY A 13 -15.39 -2.48 -4.59
C GLY A 13 -14.30 -3.52 -4.88
N GLN A 14 -13.08 -3.10 -5.01
CA GLN A 14 -11.97 -4.08 -5.28
C GLN A 14 -10.77 -3.78 -4.39
N LEU A 15 -9.96 -4.77 -4.12
CA LEU A 15 -8.77 -4.53 -3.26
C LEU A 15 -7.49 -4.78 -4.08
N ALA A 16 -6.60 -3.83 -4.07
CA ALA A 16 -5.33 -4.00 -4.83
C ALA A 16 -4.28 -4.58 -3.89
N ALA A 17 -3.36 -5.37 -4.36
CA ALA A 17 -2.35 -5.90 -3.43
C ALA A 17 -1.04 -5.16 -3.67
N PHE A 18 -0.53 -4.52 -2.65
CA PHE A 18 0.71 -3.72 -2.82
C PHE A 18 1.93 -4.42 -2.22
N HIS A 19 3.09 -3.88 -2.49
CA HIS A 19 4.36 -4.43 -1.92
C HIS A 19 5.47 -3.39 -2.15
N ILE A 20 6.33 -3.22 -1.18
CA ILE A 20 7.42 -2.20 -1.30
C ILE A 20 8.76 -2.92 -1.47
N ALA A 21 9.69 -2.33 -2.17
CA ALA A 21 11.00 -3.03 -2.37
C ALA A 21 12.20 -2.10 -2.12
N ALA A 22 13.06 -2.45 -1.21
CA ALA A 22 14.27 -1.60 -0.94
C ALA A 22 15.05 -2.17 0.25
N PRO A 23 14.41 -2.20 1.39
CA PRO A 23 15.03 -2.73 2.61
C PRO A 23 14.98 -4.26 2.60
N LEU A 24 15.74 -4.87 1.71
CA LEU A 24 15.76 -6.37 1.56
C LEU A 24 15.15 -7.11 2.77
N PRO A 25 15.74 -6.99 3.92
CA PRO A 25 15.24 -7.67 5.14
C PRO A 25 14.04 -6.92 5.73
N VAL A 26 12.88 -6.99 5.11
CA VAL A 26 11.70 -6.30 5.67
C VAL A 26 10.87 -7.28 6.49
N THR A 27 10.41 -6.86 7.64
CA THR A 27 9.58 -7.74 8.49
C THR A 27 8.17 -7.15 8.62
N ALA A 28 8.01 -5.91 8.27
CA ALA A 28 6.67 -5.27 8.36
C ALA A 28 6.75 -3.82 7.86
N THR A 29 5.68 -3.32 7.31
CA THR A 29 5.68 -1.91 6.83
C THR A 29 4.35 -1.26 7.24
N ARG A 30 4.39 -0.03 7.66
CA ARG A 30 3.12 0.64 8.06
C ARG A 30 2.56 1.41 6.87
N TRP A 31 1.49 0.95 6.30
CA TRP A 31 0.91 1.67 5.13
C TRP A 31 -0.16 2.64 5.60
N ASP A 32 -0.74 3.33 4.68
CA ASP A 32 -1.85 4.26 5.01
C ASP A 32 -2.75 4.33 3.79
N PHE A 33 -3.89 3.72 3.84
CA PHE A 33 -4.75 3.72 2.62
C PHE A 33 -5.53 5.03 2.49
N GLY A 34 -6.45 5.29 3.37
CA GLY A 34 -7.26 6.53 3.26
C GLY A 34 -8.62 6.18 2.62
N ASP A 35 -8.79 4.94 2.22
CA ASP A 35 -10.08 4.50 1.61
C ASP A 35 -11.01 3.99 2.71
N GLY A 36 -10.80 4.43 3.92
CA GLY A 36 -11.61 3.93 5.05
C GLY A 36 -10.62 3.34 6.05
N SER A 37 -9.59 2.69 5.54
CA SER A 37 -8.55 2.12 6.44
C SER A 37 -7.38 3.10 6.46
N ALA A 38 -7.26 3.89 7.49
CA ALA A 38 -6.15 4.88 7.55
C ALA A 38 -4.82 4.16 7.78
N GLU A 39 -4.37 4.11 9.00
CA GLU A 39 -3.07 3.45 9.34
C GLU A 39 -3.11 1.99 8.88
N VAL A 40 -1.98 1.45 8.53
CA VAL A 40 -1.95 0.04 8.04
C VAL A 40 -0.75 -0.70 8.61
N ASP A 41 -0.95 -1.89 9.12
CA ASP A 41 0.18 -2.69 9.66
C ASP A 41 0.38 -3.91 8.76
N ALA A 42 1.20 -3.78 7.75
CA ALA A 42 1.40 -4.92 6.80
C ALA A 42 2.60 -5.78 7.22
N ALA A 43 2.56 -7.03 6.85
CA ALA A 43 3.69 -7.95 7.19
C ALA A 43 4.75 -7.88 6.09
N GLY A 44 6.00 -8.09 6.44
CA GLY A 44 7.09 -8.02 5.42
C GLY A 44 6.88 -6.77 4.60
N PRO A 45 7.40 -6.77 3.40
CA PRO A 45 7.26 -5.64 2.48
C PRO A 45 5.98 -5.80 1.64
N ALA A 46 4.85 -6.20 2.21
CA ALA A 46 3.65 -6.36 1.35
C ALA A 46 2.35 -6.02 2.11
N ALA A 47 1.40 -5.43 1.41
CA ALA A 47 0.09 -5.08 2.03
C ALA A 47 -0.99 -5.15 0.95
N SER A 48 -2.17 -4.68 1.25
CA SER A 48 -3.27 -4.70 0.22
C SER A 48 -4.24 -3.56 0.50
N HIS A 49 -4.70 -2.88 -0.51
CA HIS A 49 -5.64 -1.74 -0.29
C HIS A 49 -7.08 -2.14 -0.61
N ARG A 50 -8.00 -1.77 0.24
CA ARG A 50 -9.43 -2.09 -0.04
C ARG A 50 -10.11 -0.84 -0.60
N TYR A 51 -10.18 -0.72 -1.91
CA TYR A 51 -10.81 0.48 -2.52
C TYR A 51 -12.28 0.17 -2.84
N VAL A 52 -13.19 0.91 -2.26
CA VAL A 52 -14.63 0.63 -2.52
C VAL A 52 -15.31 1.83 -3.19
N LEU A 53 -14.86 3.04 -2.94
CA LEU A 53 -15.52 4.21 -3.58
C LEU A 53 -14.84 4.52 -4.90
N PRO A 54 -15.62 4.92 -5.87
CA PRO A 54 -15.12 5.25 -7.21
C PRO A 54 -14.44 6.63 -7.20
N GLY A 55 -13.28 6.72 -7.79
CA GLY A 55 -12.54 8.01 -7.80
C GLY A 55 -11.04 7.74 -7.70
N ARG A 56 -10.35 8.47 -6.87
CA ARG A 56 -8.89 8.23 -6.72
C ARG A 56 -8.54 8.04 -5.25
N TYR A 57 -7.37 7.52 -4.96
CA TYR A 57 -6.96 7.31 -3.55
C TYR A 57 -5.47 7.61 -3.41
N HIS A 58 -5.04 8.00 -2.23
CA HIS A 58 -3.59 8.28 -2.03
C HIS A 58 -3.04 7.23 -1.06
N VAL A 59 -1.93 6.61 -1.40
CA VAL A 59 -1.35 5.58 -0.51
C VAL A 59 0.01 6.00 0.00
N THR A 60 0.37 5.55 1.17
CA THR A 60 1.70 5.88 1.76
C THR A 60 2.18 4.69 2.59
N ALA A 61 3.46 4.53 2.79
CA ALA A 61 3.92 3.35 3.59
C ALA A 61 5.23 3.66 4.33
N VAL A 62 5.49 2.90 5.36
CA VAL A 62 6.75 3.09 6.15
C VAL A 62 7.39 1.71 6.29
N LEU A 63 8.62 1.56 5.93
CA LEU A 63 9.26 0.21 6.03
C LEU A 63 9.86 0.05 7.42
N ALA A 64 9.78 -1.11 8.00
CA ALA A 64 10.40 -1.29 9.33
C ALA A 64 11.26 -2.53 9.33
N LEU A 65 12.53 -2.33 9.41
CA LEU A 65 13.49 -3.47 9.44
C LEU A 65 14.02 -3.61 10.86
N GLY A 66 13.76 -2.65 11.68
CA GLY A 66 14.28 -2.68 13.08
C GLY A 66 15.35 -1.60 13.19
N ALA A 67 16.28 -1.59 12.27
CA ALA A 67 17.36 -0.57 12.29
C ALA A 67 17.28 0.30 11.03
N GLY A 68 16.41 -0.03 10.12
CA GLY A 68 16.29 0.78 8.86
C GLY A 68 14.82 0.92 8.48
N SER A 69 14.50 1.87 7.64
CA SER A 69 13.08 2.07 7.23
C SER A 69 13.03 2.66 5.82
N ALA A 70 11.85 2.91 5.32
CA ALA A 70 11.71 3.50 3.95
C ALA A 70 10.40 4.26 3.88
N LEU A 71 10.21 5.07 2.87
CA LEU A 71 8.94 5.84 2.76
C LEU A 71 8.22 5.48 1.46
N LEU A 72 6.94 5.22 1.55
CA LEU A 72 6.16 4.87 0.33
C LEU A 72 5.09 5.91 0.08
N GLY A 73 4.64 6.01 -1.14
CA GLY A 73 3.59 7.00 -1.47
C GLY A 73 3.06 6.74 -2.89
N THR A 74 1.98 6.02 -3.01
CA THR A 74 1.43 5.73 -4.37
C THR A 74 0.03 6.35 -4.50
N ASP A 75 -0.64 6.08 -5.58
CA ASP A 75 -2.01 6.62 -5.80
C ASP A 75 -2.80 5.64 -6.67
N VAL A 76 -4.10 5.61 -6.57
CA VAL A 76 -4.87 4.64 -7.40
C VAL A 76 -6.12 5.33 -7.97
N GLN A 77 -6.62 4.86 -9.08
CA GLN A 77 -7.84 5.46 -9.67
C GLN A 77 -8.90 4.36 -9.83
N VAL A 78 -9.84 4.30 -8.91
CA VAL A 78 -10.90 3.26 -9.00
C VAL A 78 -12.04 3.76 -9.89
N GLU A 79 -12.56 2.91 -10.74
CA GLU A 79 -13.66 3.33 -11.64
C GLU A 79 -14.93 2.58 -11.28
N ALA A 80 -16.08 3.13 -11.57
CA ALA A 80 -17.35 2.44 -11.23
C ALA A 80 -17.90 1.74 -12.48
N ALA A 1 11.82 3.34 -1.08
CA ALA A 1 11.70 1.96 -1.64
C ALA A 1 10.94 2.01 -2.95
N THR A 2 10.71 0.89 -3.56
CA THR A 2 9.97 0.86 -4.84
C THR A 2 8.49 0.71 -4.53
N LEU A 3 7.67 1.38 -5.28
CA LEU A 3 6.20 1.35 -5.04
C LEU A 3 5.56 0.35 -6.00
N VAL A 4 5.29 -0.84 -5.57
CA VAL A 4 4.64 -1.82 -6.48
C VAL A 4 3.20 -2.06 -6.01
N GLY A 5 2.24 -1.71 -6.82
CA GLY A 5 0.82 -1.92 -6.42
C GLY A 5 0.09 -2.72 -7.51
N PRO A 6 0.47 -3.97 -7.63
CA PRO A 6 -0.10 -4.89 -8.63
C PRO A 6 -1.50 -5.37 -8.26
N HIS A 7 -2.28 -5.67 -9.27
CA HIS A 7 -3.67 -6.19 -9.09
C HIS A 7 -4.46 -6.03 -10.40
N GLY A 8 -4.21 -4.97 -11.10
CA GLY A 8 -4.94 -4.72 -12.38
C GLY A 8 -5.81 -3.48 -12.23
N PRO A 9 -7.00 -3.55 -12.74
CA PRO A 9 -7.96 -2.43 -12.67
C PRO A 9 -8.59 -2.39 -11.28
N LEU A 10 -9.00 -1.23 -10.84
CA LEU A 10 -9.62 -1.13 -9.49
C LEU A 10 -11.04 -0.57 -9.61
N ALA A 11 -12.02 -1.43 -9.57
CA ALA A 11 -13.43 -0.94 -9.66
C ALA A 11 -13.94 -0.71 -8.23
N SER A 12 -15.09 -0.11 -8.09
CA SER A 12 -15.62 0.15 -6.73
C SER A 12 -15.65 -1.16 -5.92
N GLY A 13 -14.96 -1.19 -4.82
CA GLY A 13 -14.94 -2.43 -3.99
C GLY A 13 -13.84 -3.36 -4.50
N GLN A 14 -12.66 -2.84 -4.71
CA GLN A 14 -11.55 -3.69 -5.22
C GLN A 14 -10.42 -3.78 -4.17
N LEU A 15 -9.80 -4.93 -4.08
CA LEU A 15 -8.68 -5.11 -3.12
C LEU A 15 -7.38 -5.19 -3.89
N ALA A 16 -6.69 -4.09 -4.07
CA ALA A 16 -5.40 -4.13 -4.80
C ALA A 16 -4.34 -4.73 -3.88
N ALA A 17 -3.30 -5.32 -4.41
CA ALA A 17 -2.28 -5.89 -3.49
C ALA A 17 -0.96 -5.18 -3.76
N PHE A 18 -0.48 -4.46 -2.79
CA PHE A 18 0.78 -3.67 -2.98
C PHE A 18 1.99 -4.38 -2.38
N HIS A 19 3.15 -3.81 -2.60
CA HIS A 19 4.40 -4.36 -2.03
C HIS A 19 5.52 -3.31 -2.23
N ILE A 20 6.35 -3.12 -1.25
CA ILE A 20 7.44 -2.10 -1.34
C ILE A 20 8.77 -2.81 -1.51
N ALA A 21 9.72 -2.21 -2.20
CA ALA A 21 11.03 -2.92 -2.39
C ALA A 21 12.23 -2.01 -2.10
N ALA A 22 13.10 -2.42 -1.23
CA ALA A 22 14.34 -1.60 -0.94
C ALA A 22 15.18 -2.33 0.12
N PRO A 23 14.67 -2.41 1.33
CA PRO A 23 15.38 -3.10 2.43
C PRO A 23 15.19 -4.61 2.28
N LEU A 24 15.79 -5.20 1.27
CA LEU A 24 15.66 -6.68 1.00
C LEU A 24 15.02 -7.44 2.18
N PRO A 25 15.69 -7.50 3.30
CA PRO A 25 15.16 -8.20 4.49
C PRO A 25 14.12 -7.32 5.21
N VAL A 26 12.86 -7.50 4.93
CA VAL A 26 11.82 -6.67 5.63
C VAL A 26 10.91 -7.57 6.44
N THR A 27 10.46 -7.10 7.58
CA THR A 27 9.55 -7.93 8.42
C THR A 27 8.16 -7.29 8.47
N ALA A 28 8.05 -6.03 8.15
CA ALA A 28 6.70 -5.38 8.20
C ALA A 28 6.80 -3.94 7.71
N THR A 29 5.73 -3.42 7.17
CA THR A 29 5.73 -2.01 6.71
C THR A 29 4.39 -1.37 7.08
N ARG A 30 4.41 -0.17 7.59
CA ARG A 30 3.13 0.48 7.95
C ARG A 30 2.62 1.30 6.77
N TRP A 31 1.51 0.91 6.21
CA TRP A 31 0.96 1.67 5.04
C TRP A 31 -0.10 2.62 5.51
N ASP A 32 -0.69 3.33 4.59
CA ASP A 32 -1.78 4.25 4.93
C ASP A 32 -2.67 4.34 3.70
N PHE A 33 -3.77 3.66 3.69
CA PHE A 33 -4.62 3.67 2.47
C PHE A 33 -5.45 4.96 2.44
N GLY A 34 -6.30 5.16 3.40
CA GLY A 34 -7.15 6.39 3.40
C GLY A 34 -8.49 6.05 2.74
N ASP A 35 -8.80 4.80 2.58
CA ASP A 35 -10.10 4.41 1.98
C ASP A 35 -11.01 3.99 3.13
N GLY A 36 -11.21 2.73 3.32
CA GLY A 36 -12.03 2.28 4.47
C GLY A 36 -11.11 2.17 5.69
N SER A 37 -9.81 2.13 5.48
CA SER A 37 -8.87 2.03 6.63
C SER A 37 -7.70 2.99 6.40
N ALA A 38 -7.40 3.80 7.38
CA ALA A 38 -6.28 4.77 7.23
C ALA A 38 -4.95 4.08 7.50
N GLU A 39 -4.54 4.04 8.74
CA GLU A 39 -3.24 3.39 9.10
C GLU A 39 -3.23 1.93 8.63
N VAL A 40 -2.06 1.41 8.34
CA VAL A 40 -1.98 0.01 7.85
C VAL A 40 -0.78 -0.72 8.46
N ASP A 41 -0.99 -1.92 8.92
CA ASP A 41 0.13 -2.72 9.49
C ASP A 41 0.34 -3.94 8.59
N ALA A 42 1.20 -3.81 7.61
CA ALA A 42 1.42 -4.93 6.65
C ALA A 42 2.61 -5.80 7.08
N ALA A 43 2.60 -7.05 6.69
CA ALA A 43 3.72 -7.97 7.04
C ALA A 43 4.79 -7.90 5.95
N GLY A 44 6.03 -8.13 6.30
CA GLY A 44 7.13 -8.06 5.31
C GLY A 44 6.97 -6.78 4.51
N PRO A 45 7.53 -6.76 3.34
CA PRO A 45 7.42 -5.60 2.44
C PRO A 45 6.15 -5.72 1.57
N ALA A 46 5.05 -6.17 2.11
CA ALA A 46 3.84 -6.30 1.22
C ALA A 46 2.54 -5.98 1.98
N ALA A 47 1.58 -5.43 1.27
CA ALA A 47 0.25 -5.09 1.88
C ALA A 47 -0.80 -5.10 0.78
N SER A 48 -1.98 -4.64 1.07
CA SER A 48 -3.05 -4.61 0.02
C SER A 48 -4.01 -3.47 0.31
N HIS A 49 -4.54 -2.85 -0.71
CA HIS A 49 -5.46 -1.70 -0.49
C HIS A 49 -6.91 -2.11 -0.74
N ARG A 50 -7.79 -1.67 0.11
CA ARG A 50 -9.24 -2.00 -0.07
C ARG A 50 -9.99 -0.73 -0.50
N TYR A 51 -10.05 -0.50 -1.79
CA TYR A 51 -10.75 0.73 -2.28
C TYR A 51 -12.20 0.41 -2.57
N VAL A 52 -13.11 1.05 -1.88
CA VAL A 52 -14.56 0.77 -2.08
C VAL A 52 -15.25 1.91 -2.85
N LEU A 53 -14.77 3.12 -2.72
CA LEU A 53 -15.44 4.25 -3.43
C LEU A 53 -14.69 4.54 -4.75
N PRO A 54 -15.42 4.94 -5.74
CA PRO A 54 -14.86 5.28 -7.06
C PRO A 54 -14.21 6.67 -7.00
N GLY A 55 -12.96 6.76 -7.35
CA GLY A 55 -12.27 8.09 -7.31
C GLY A 55 -10.76 7.88 -7.23
N ARG A 56 -10.04 8.87 -6.79
CA ARG A 56 -8.56 8.72 -6.68
C ARG A 56 -8.13 8.69 -5.22
N TYR A 57 -7.42 7.68 -4.82
CA TYR A 57 -6.95 7.59 -3.41
C TYR A 57 -5.44 7.84 -3.34
N HIS A 58 -4.95 8.23 -2.21
CA HIS A 58 -3.48 8.47 -2.06
C HIS A 58 -2.91 7.41 -1.11
N VAL A 59 -1.90 6.71 -1.52
CA VAL A 59 -1.31 5.64 -0.65
C VAL A 59 0.04 6.09 -0.10
N THR A 60 0.38 5.62 1.06
CA THR A 60 1.71 5.96 1.67
C THR A 60 2.17 4.76 2.50
N ALA A 61 3.44 4.61 2.73
CA ALA A 61 3.89 3.44 3.53
C ALA A 61 5.21 3.76 4.24
N VAL A 62 5.56 2.94 5.19
CA VAL A 62 6.84 3.13 5.91
C VAL A 62 7.43 1.74 6.16
N LEU A 63 8.67 1.55 5.85
CA LEU A 63 9.27 0.20 6.04
C LEU A 63 9.82 0.10 7.46
N ALA A 64 9.67 -1.02 8.09
CA ALA A 64 10.23 -1.12 9.46
C ALA A 64 11.06 -2.39 9.59
N LEU A 65 12.33 -2.21 9.65
CA LEU A 65 13.26 -3.36 9.79
C LEU A 65 13.80 -3.38 11.21
N GLY A 66 13.54 -2.34 11.96
CA GLY A 66 14.07 -2.26 13.34
C GLY A 66 15.26 -1.31 13.33
N ALA A 67 16.16 -1.49 12.40
CA ALA A 67 17.34 -0.61 12.29
C ALA A 67 17.30 0.15 10.95
N GLY A 68 16.35 -0.17 10.10
CA GLY A 68 16.26 0.53 8.78
C GLY A 68 14.79 0.74 8.42
N SER A 69 14.51 1.72 7.60
CA SER A 69 13.10 1.99 7.22
C SER A 69 13.05 2.60 5.82
N ALA A 70 11.88 2.88 5.33
CA ALA A 70 11.75 3.50 3.98
C ALA A 70 10.42 4.26 3.91
N LEU A 71 10.21 5.02 2.87
CA LEU A 71 8.93 5.78 2.77
C LEU A 71 8.23 5.44 1.46
N LEU A 72 6.94 5.23 1.52
CA LEU A 72 6.19 4.89 0.28
C LEU A 72 5.12 5.95 0.03
N GLY A 73 4.67 6.05 -1.20
CA GLY A 73 3.62 7.05 -1.53
C GLY A 73 3.09 6.80 -2.95
N THR A 74 2.01 6.08 -3.08
CA THR A 74 1.45 5.80 -4.43
C THR A 74 0.07 6.46 -4.58
N ASP A 75 -0.62 6.17 -5.66
CA ASP A 75 -1.98 6.76 -5.87
C ASP A 75 -2.80 5.77 -6.71
N VAL A 76 -4.10 5.73 -6.52
CA VAL A 76 -4.91 4.77 -7.32
C VAL A 76 -6.14 5.48 -7.88
N GLN A 77 -6.67 5.01 -8.99
CA GLN A 77 -7.87 5.63 -9.58
C GLN A 77 -8.98 4.58 -9.70
N VAL A 78 -9.78 4.43 -8.68
CA VAL A 78 -10.86 3.41 -8.71
C VAL A 78 -12.05 3.95 -9.52
N GLU A 79 -12.71 3.09 -10.26
CA GLU A 79 -13.87 3.55 -11.07
C GLU A 79 -15.15 2.87 -10.58
N ALA A 80 -16.29 3.27 -11.09
CA ALA A 80 -17.56 2.65 -10.64
C ALA A 80 -18.41 2.25 -11.86
N ALA A 1 11.62 2.67 -0.11
CA ALA A 1 11.48 1.45 -0.93
C ALA A 1 10.73 1.81 -2.22
N THR A 2 10.91 1.05 -3.26
CA THR A 2 10.22 1.37 -4.54
C THR A 2 8.74 1.09 -4.40
N LEU A 3 7.95 1.84 -5.10
CA LEU A 3 6.47 1.70 -5.02
C LEU A 3 5.98 0.67 -6.03
N VAL A 4 5.53 -0.47 -5.59
CA VAL A 4 5.03 -1.49 -6.55
C VAL A 4 3.62 -1.89 -6.15
N GLY A 5 2.62 -1.42 -6.84
CA GLY A 5 1.22 -1.78 -6.47
C GLY A 5 0.56 -2.57 -7.60
N PRO A 6 0.86 -3.84 -7.66
CA PRO A 6 0.32 -4.74 -8.70
C PRO A 6 -1.17 -5.07 -8.46
N HIS A 7 -1.87 -5.24 -9.54
CA HIS A 7 -3.32 -5.58 -9.51
C HIS A 7 -3.90 -5.33 -10.90
N GLY A 8 -5.12 -5.73 -11.13
CA GLY A 8 -5.75 -5.49 -12.46
C GLY A 8 -6.53 -4.18 -12.38
N PRO A 9 -7.80 -4.25 -12.70
CA PRO A 9 -8.68 -3.07 -12.66
C PRO A 9 -9.12 -2.80 -11.22
N LEU A 10 -9.40 -1.57 -10.89
CA LEU A 10 -9.83 -1.25 -9.50
C LEU A 10 -11.20 -0.59 -9.54
N ALA A 11 -12.25 -1.36 -9.50
CA ALA A 11 -13.61 -0.77 -9.51
C ALA A 11 -14.04 -0.52 -8.06
N SER A 12 -15.08 0.23 -7.86
CA SER A 12 -15.53 0.51 -6.48
C SER A 12 -15.69 -0.80 -5.71
N GLY A 13 -14.93 -0.98 -4.66
CA GLY A 13 -15.03 -2.24 -3.87
C GLY A 13 -14.03 -3.25 -4.42
N GLN A 14 -12.81 -2.83 -4.64
CA GLN A 14 -11.78 -3.78 -5.18
C GLN A 14 -10.61 -3.93 -4.21
N LEU A 15 -9.91 -5.04 -4.31
CA LEU A 15 -8.75 -5.30 -3.42
C LEU A 15 -7.46 -5.35 -4.25
N ALA A 16 -6.74 -4.26 -4.31
CA ALA A 16 -5.47 -4.27 -5.09
C ALA A 16 -4.39 -4.89 -4.20
N ALA A 17 -3.30 -5.35 -4.74
CA ALA A 17 -2.26 -5.95 -3.84
C ALA A 17 -0.95 -5.20 -4.06
N PHE A 18 -0.52 -4.45 -3.07
CA PHE A 18 0.72 -3.64 -3.21
C PHE A 18 1.92 -4.31 -2.54
N HIS A 19 3.09 -3.80 -2.84
CA HIS A 19 4.34 -4.30 -2.21
C HIS A 19 5.44 -3.25 -2.47
N ILE A 20 6.40 -3.18 -1.59
CA ILE A 20 7.49 -2.16 -1.75
C ILE A 20 8.80 -2.87 -1.99
N ALA A 21 9.80 -2.21 -2.52
CA ALA A 21 11.08 -2.93 -2.80
C ALA A 21 12.32 -2.10 -2.42
N ALA A 22 13.12 -2.60 -1.54
CA ALA A 22 14.37 -1.88 -1.15
C ALA A 22 15.07 -2.66 -0.02
N PRO A 23 14.51 -2.62 1.17
CA PRO A 23 15.07 -3.35 2.31
C PRO A 23 14.70 -4.82 2.18
N LEU A 24 15.39 -5.53 1.33
CA LEU A 24 15.09 -6.99 1.10
C LEU A 24 14.60 -7.68 2.38
N PRO A 25 15.37 -7.60 3.42
CA PRO A 25 15.01 -8.22 4.72
C PRO A 25 14.04 -7.34 5.51
N VAL A 26 12.78 -7.31 5.14
CA VAL A 26 11.79 -6.47 5.90
C VAL A 26 10.95 -7.38 6.78
N THR A 27 10.51 -6.90 7.91
CA THR A 27 9.68 -7.75 8.81
C THR A 27 8.26 -7.19 8.91
N ALA A 28 8.12 -5.90 8.75
CA ALA A 28 6.76 -5.30 8.83
C ALA A 28 6.77 -3.91 8.21
N THR A 29 5.69 -3.55 7.56
CA THR A 29 5.62 -2.21 6.92
C THR A 29 4.34 -1.53 7.39
N ARG A 30 4.26 -0.24 7.24
CA ARG A 30 3.03 0.48 7.66
C ARG A 30 2.49 1.26 6.47
N TRP A 31 1.46 0.76 5.85
CA TRP A 31 0.91 1.49 4.67
C TRP A 31 -0.12 2.50 5.12
N ASP A 32 -0.67 3.19 4.18
CA ASP A 32 -1.73 4.18 4.49
C ASP A 32 -2.65 4.22 3.28
N PHE A 33 -3.77 3.56 3.37
CA PHE A 33 -4.67 3.53 2.18
C PHE A 33 -5.48 4.83 2.13
N GLY A 34 -6.12 5.20 3.20
CA GLY A 34 -6.92 6.45 3.19
C GLY A 34 -8.28 6.17 2.54
N ASP A 35 -8.68 4.93 2.52
CA ASP A 35 -10.01 4.58 1.95
C ASP A 35 -10.93 4.25 3.12
N GLY A 36 -11.20 3.01 3.34
CA GLY A 36 -12.03 2.64 4.52
C GLY A 36 -11.10 2.58 5.74
N SER A 37 -9.81 2.52 5.50
CA SER A 37 -8.83 2.46 6.62
C SER A 37 -7.62 3.35 6.29
N ALA A 38 -7.22 4.20 7.18
CA ALA A 38 -6.06 5.08 6.91
C ALA A 38 -4.76 4.32 7.16
N GLU A 39 -4.32 4.31 8.38
CA GLU A 39 -3.06 3.59 8.75
C GLU A 39 -3.16 2.12 8.33
N VAL A 40 -2.04 1.51 8.04
CA VAL A 40 -2.07 0.08 7.61
C VAL A 40 -0.92 -0.70 8.23
N ASP A 41 -1.22 -1.77 8.91
CA ASP A 41 -0.14 -2.61 9.51
C ASP A 41 0.03 -3.86 8.65
N ALA A 42 1.11 -3.98 7.94
CA ALA A 42 1.30 -5.17 7.06
C ALA A 42 2.60 -5.90 7.41
N ALA A 43 2.75 -7.09 6.90
CA ALA A 43 3.99 -7.87 7.17
C ALA A 43 5.01 -7.67 6.05
N GLY A 44 6.27 -7.82 6.35
CA GLY A 44 7.32 -7.62 5.31
C GLY A 44 7.02 -6.35 4.54
N PRO A 45 7.51 -6.28 3.34
CA PRO A 45 7.29 -5.14 2.46
C PRO A 45 6.03 -5.35 1.62
N ALA A 46 4.96 -5.91 2.17
CA ALA A 46 3.77 -6.13 1.28
C ALA A 46 2.45 -5.85 2.01
N ALA A 47 1.46 -5.45 1.26
CA ALA A 47 0.10 -5.16 1.83
C ALA A 47 -0.87 -4.92 0.68
N SER A 48 -2.13 -5.17 0.87
CA SER A 48 -3.09 -4.94 -0.24
C SER A 48 -3.99 -3.74 0.07
N HIS A 49 -4.61 -3.18 -0.94
CA HIS A 49 -5.49 -2.00 -0.72
C HIS A 49 -6.96 -2.40 -0.91
N ARG A 50 -7.80 -1.97 0.00
CA ARG A 50 -9.25 -2.29 -0.12
C ARG A 50 -10.00 -1.00 -0.44
N TYR A 51 -10.20 -0.70 -1.68
CA TYR A 51 -10.92 0.56 -2.04
C TYR A 51 -12.41 0.27 -2.20
N VAL A 52 -13.24 1.08 -1.62
CA VAL A 52 -14.71 0.84 -1.72
C VAL A 52 -15.41 1.99 -2.43
N LEU A 53 -14.89 3.19 -2.37
CA LEU A 53 -15.57 4.33 -3.06
C LEU A 53 -14.91 4.56 -4.43
N PRO A 54 -15.72 4.91 -5.38
CA PRO A 54 -15.25 5.18 -6.76
C PRO A 54 -14.64 6.58 -6.84
N GLY A 55 -13.40 6.67 -7.21
CA GLY A 55 -12.75 8.01 -7.31
C GLY A 55 -11.23 7.86 -7.25
N ARG A 56 -10.56 8.78 -6.61
CA ARG A 56 -9.07 8.68 -6.53
C ARG A 56 -8.66 8.43 -5.09
N TYR A 57 -7.53 7.83 -4.89
CA TYR A 57 -7.05 7.55 -3.51
C TYR A 57 -5.55 7.81 -3.43
N HIS A 58 -5.01 7.86 -2.24
CA HIS A 58 -3.55 8.11 -2.10
C HIS A 58 -2.95 6.98 -1.25
N VAL A 59 -1.75 6.57 -1.55
CA VAL A 59 -1.13 5.46 -0.75
C VAL A 59 0.23 5.87 -0.22
N THR A 60 0.60 5.36 0.93
CA THR A 60 1.93 5.67 1.52
C THR A 60 2.37 4.46 2.34
N ALA A 61 3.64 4.35 2.64
CA ALA A 61 4.10 3.18 3.45
C ALA A 61 5.31 3.54 4.30
N VAL A 62 5.54 2.79 5.35
CA VAL A 62 6.69 3.05 6.24
C VAL A 62 7.18 1.69 6.77
N LEU A 63 8.29 1.21 6.28
CA LEU A 63 8.76 -0.12 6.77
C LEU A 63 9.62 0.08 8.01
N ALA A 64 9.52 -0.81 8.95
CA ALA A 64 10.36 -0.66 10.18
C ALA A 64 11.10 -1.96 10.45
N LEU A 65 12.38 -1.91 10.35
CA LEU A 65 13.21 -3.11 10.61
C LEU A 65 13.89 -2.97 11.96
N GLY A 66 13.87 -1.79 12.52
CA GLY A 66 14.53 -1.56 13.83
C GLY A 66 15.76 -0.69 13.58
N ALA A 67 16.55 -1.04 12.59
CA ALA A 67 17.75 -0.23 12.27
C ALA A 67 17.62 0.36 10.87
N GLY A 68 16.58 0.01 10.15
CA GLY A 68 16.40 0.56 8.78
C GLY A 68 14.91 0.74 8.48
N SER A 69 14.57 1.63 7.60
CA SER A 69 13.13 1.86 7.28
C SER A 69 12.99 2.34 5.84
N ALA A 70 11.79 2.47 5.35
CA ALA A 70 11.59 2.94 3.96
C ALA A 70 10.25 3.66 3.84
N LEU A 71 10.22 4.80 3.19
CA LEU A 71 8.95 5.56 3.07
C LEU A 71 8.33 5.31 1.70
N LEU A 72 7.02 5.23 1.65
CA LEU A 72 6.33 4.97 0.36
C LEU A 72 5.25 6.03 0.13
N GLY A 73 4.87 6.23 -1.10
CA GLY A 73 3.82 7.23 -1.41
C GLY A 73 3.32 7.02 -2.85
N THR A 74 2.39 6.12 -3.04
CA THR A 74 1.87 5.87 -4.42
C THR A 74 0.49 6.54 -4.60
N ASP A 75 -0.07 6.44 -5.77
CA ASP A 75 -1.40 7.04 -6.03
C ASP A 75 -2.37 5.94 -6.47
N VAL A 76 -3.66 6.15 -6.33
CA VAL A 76 -4.63 5.08 -6.73
C VAL A 76 -5.82 5.71 -7.46
N GLN A 77 -6.33 5.03 -8.46
CA GLN A 77 -7.49 5.56 -9.22
C GLN A 77 -8.55 4.45 -9.37
N VAL A 78 -9.58 4.49 -8.58
CA VAL A 78 -10.64 3.45 -8.66
C VAL A 78 -11.87 4.01 -9.39
N GLU A 79 -12.50 3.22 -10.22
CA GLU A 79 -13.69 3.70 -10.96
C GLU A 79 -14.96 3.10 -10.36
N ALA A 80 -16.09 3.35 -10.96
CA ALA A 80 -17.37 2.79 -10.41
C ALA A 80 -18.16 2.10 -11.53
N ALA A 1 11.79 3.35 -1.11
CA ALA A 1 11.65 1.95 -1.62
C ALA A 1 10.91 1.98 -2.96
N THR A 2 10.74 0.84 -3.57
CA THR A 2 10.02 0.80 -4.86
C THR A 2 8.54 0.65 -4.57
N LEU A 3 7.73 1.31 -5.34
CA LEU A 3 6.26 1.27 -5.12
C LEU A 3 5.63 0.25 -6.06
N VAL A 4 5.49 -0.98 -5.65
CA VAL A 4 4.85 -1.98 -6.55
C VAL A 4 3.40 -2.18 -6.11
N GLY A 5 2.47 -1.87 -6.96
CA GLY A 5 1.03 -2.04 -6.59
C GLY A 5 0.33 -2.92 -7.62
N PRO A 6 0.64 -4.18 -7.58
CA PRO A 6 0.05 -5.17 -8.51
C PRO A 6 -1.42 -5.47 -8.17
N HIS A 7 -2.18 -5.75 -9.19
CA HIS A 7 -3.64 -6.07 -9.03
C HIS A 7 -4.35 -5.82 -10.36
N GLY A 8 -3.90 -4.83 -11.08
CA GLY A 8 -4.55 -4.49 -12.37
C GLY A 8 -5.36 -3.21 -12.18
N PRO A 9 -6.49 -3.15 -12.83
CA PRO A 9 -7.39 -1.99 -12.72
C PRO A 9 -8.15 -2.08 -11.39
N LEU A 10 -8.47 -0.97 -10.81
CA LEU A 10 -9.20 -1.02 -9.51
C LEU A 10 -10.61 -0.49 -9.69
N ALA A 11 -11.59 -1.34 -9.60
CA ALA A 11 -13.00 -0.88 -9.75
C ALA A 11 -13.54 -0.57 -8.36
N SER A 12 -14.68 0.06 -8.29
CA SER A 12 -15.25 0.39 -6.95
C SER A 12 -15.50 -0.90 -6.17
N GLY A 13 -14.92 -1.02 -5.01
CA GLY A 13 -15.12 -2.26 -4.19
C GLY A 13 -14.10 -3.32 -4.62
N GLN A 14 -12.86 -2.95 -4.73
CA GLN A 14 -11.82 -3.95 -5.15
C GLN A 14 -10.68 -4.01 -4.14
N LEU A 15 -9.96 -5.11 -4.13
CA LEU A 15 -8.81 -5.28 -3.18
C LEU A 15 -7.51 -5.33 -3.99
N ALA A 16 -6.75 -4.28 -4.00
CA ALA A 16 -5.47 -4.30 -4.75
C ALA A 16 -4.39 -4.88 -3.84
N ALA A 17 -3.34 -5.44 -4.37
CA ALA A 17 -2.30 -6.00 -3.47
C ALA A 17 -0.98 -5.29 -3.73
N PHE A 18 -0.56 -4.46 -2.82
CA PHE A 18 0.69 -3.66 -3.00
C PHE A 18 1.89 -4.34 -2.35
N HIS A 19 3.07 -3.84 -2.64
CA HIS A 19 4.31 -4.37 -2.03
C HIS A 19 5.44 -3.35 -2.25
N ILE A 20 6.28 -3.16 -1.27
CA ILE A 20 7.39 -2.16 -1.38
C ILE A 20 8.72 -2.87 -1.54
N ALA A 21 9.69 -2.27 -2.18
CA ALA A 21 10.99 -2.98 -2.36
C ALA A 21 12.19 -2.06 -2.06
N ALA A 22 13.03 -2.45 -1.13
CA ALA A 22 14.24 -1.63 -0.82
C ALA A 22 15.06 -2.34 0.27
N PRO A 23 14.51 -2.42 1.47
CA PRO A 23 15.18 -3.10 2.59
C PRO A 23 14.96 -4.62 2.47
N LEU A 24 15.43 -5.20 1.39
CA LEU A 24 15.28 -6.68 1.11
C LEU A 24 14.69 -7.46 2.30
N PRO A 25 15.42 -7.56 3.38
CA PRO A 25 14.96 -8.30 4.57
C PRO A 25 13.96 -7.47 5.38
N VAL A 26 12.78 -7.22 4.86
CA VAL A 26 11.78 -6.42 5.63
C VAL A 26 10.90 -7.35 6.47
N THR A 27 10.46 -6.88 7.61
CA THR A 27 9.59 -7.72 8.47
C THR A 27 8.18 -7.10 8.57
N ALA A 28 8.05 -5.85 8.23
CA ALA A 28 6.71 -5.21 8.31
C ALA A 28 6.79 -3.76 7.82
N THR A 29 5.71 -3.24 7.30
CA THR A 29 5.70 -1.82 6.83
C THR A 29 4.36 -1.19 7.21
N ARG A 30 4.36 0.04 7.64
CA ARG A 30 3.07 0.69 8.01
C ARG A 30 2.53 1.46 6.80
N TRP A 31 1.49 0.95 6.20
CA TRP A 31 0.91 1.66 5.02
C TRP A 31 -0.17 2.63 5.49
N ASP A 32 -0.75 3.32 4.56
CA ASP A 32 -1.85 4.24 4.89
C ASP A 32 -2.75 4.31 3.66
N PHE A 33 -3.86 3.62 3.69
CA PHE A 33 -4.73 3.62 2.48
C PHE A 33 -5.56 4.90 2.44
N GLY A 34 -6.36 5.13 3.43
CA GLY A 34 -7.21 6.35 3.42
C GLY A 34 -8.56 6.03 2.78
N ASP A 35 -8.91 4.76 2.72
CA ASP A 35 -10.21 4.37 2.14
C ASP A 35 -11.11 3.95 3.30
N GLY A 36 -11.32 2.69 3.48
CA GLY A 36 -12.12 2.24 4.64
C GLY A 36 -11.20 2.18 5.85
N SER A 37 -9.90 2.13 5.63
CA SER A 37 -8.95 2.08 6.76
C SER A 37 -7.79 3.06 6.50
N ALA A 38 -7.47 3.90 7.44
CA ALA A 38 -6.37 4.87 7.23
C ALA A 38 -5.02 4.19 7.48
N GLU A 39 -4.59 4.17 8.71
CA GLU A 39 -3.28 3.54 9.09
C GLU A 39 -3.27 2.08 8.66
N VAL A 40 -2.10 1.54 8.40
CA VAL A 40 -2.02 0.11 7.95
C VAL A 40 -0.82 -0.59 8.57
N ASP A 41 -1.06 -1.71 9.20
CA ASP A 41 0.07 -2.49 9.79
C ASP A 41 0.30 -3.71 8.89
N ALA A 42 1.17 -3.58 7.91
CA ALA A 42 1.40 -4.71 6.97
C ALA A 42 2.60 -5.56 7.39
N ALA A 43 2.60 -6.80 6.98
CA ALA A 43 3.73 -7.72 7.31
C ALA A 43 4.77 -7.68 6.17
N GLY A 44 6.01 -7.96 6.50
CA GLY A 44 7.08 -7.93 5.47
C GLY A 44 6.94 -6.64 4.67
N PRO A 45 7.48 -6.64 3.49
CA PRO A 45 7.39 -5.49 2.59
C PRO A 45 6.11 -5.58 1.74
N ALA A 46 4.98 -6.02 2.29
CA ALA A 46 3.77 -6.13 1.42
C ALA A 46 2.48 -5.79 2.18
N ALA A 47 1.50 -5.30 1.46
CA ALA A 47 0.17 -4.96 2.07
C ALA A 47 -0.84 -4.79 0.95
N SER A 48 -2.11 -4.97 1.24
CA SER A 48 -3.12 -4.81 0.15
C SER A 48 -4.02 -3.60 0.44
N HIS A 49 -4.69 -3.11 -0.56
CA HIS A 49 -5.57 -1.93 -0.37
C HIS A 49 -7.03 -2.30 -0.60
N ARG A 50 -7.92 -1.80 0.20
CA ARG A 50 -9.36 -2.11 0.03
C ARG A 50 -10.08 -0.82 -0.41
N TYR A 51 -10.27 -0.64 -1.68
CA TYR A 51 -10.95 0.60 -2.16
C TYR A 51 -12.42 0.29 -2.44
N VAL A 52 -13.31 1.10 -1.92
CA VAL A 52 -14.76 0.84 -2.12
C VAL A 52 -15.43 1.98 -2.88
N LEU A 53 -14.93 3.19 -2.77
CA LEU A 53 -15.58 4.33 -3.49
C LEU A 53 -14.81 4.63 -4.77
N PRO A 54 -15.52 5.03 -5.79
CA PRO A 54 -14.93 5.38 -7.10
C PRO A 54 -14.29 6.77 -7.02
N GLY A 55 -13.02 6.85 -7.35
CA GLY A 55 -12.34 8.17 -7.29
C GLY A 55 -10.81 7.95 -7.25
N ARG A 56 -10.08 8.85 -6.65
CA ARG A 56 -8.61 8.68 -6.59
C ARG A 56 -8.16 8.69 -5.13
N TYR A 57 -7.54 7.61 -4.69
CA TYR A 57 -7.07 7.55 -3.28
C TYR A 57 -5.55 7.76 -3.23
N HIS A 58 -5.05 8.24 -2.13
CA HIS A 58 -3.58 8.43 -2.02
C HIS A 58 -3.03 7.38 -1.06
N VAL A 59 -1.97 6.71 -1.43
CA VAL A 59 -1.39 5.64 -0.56
C VAL A 59 -0.01 6.06 -0.05
N THR A 60 0.36 5.58 1.11
CA THR A 60 1.69 5.90 1.68
C THR A 60 2.17 4.70 2.50
N ALA A 61 3.44 4.53 2.70
CA ALA A 61 3.91 3.35 3.49
C ALA A 61 5.21 3.66 4.24
N VAL A 62 5.45 2.95 5.29
CA VAL A 62 6.70 3.14 6.08
C VAL A 62 7.34 1.77 6.24
N LEU A 63 8.58 1.61 5.87
CA LEU A 63 9.20 0.26 6.00
C LEU A 63 9.80 0.14 7.39
N ALA A 64 9.75 -1.03 7.97
CA ALA A 64 10.36 -1.18 9.30
C ALA A 64 11.22 -2.43 9.33
N LEU A 65 12.49 -2.23 9.32
CA LEU A 65 13.44 -3.37 9.37
C LEU A 65 14.01 -3.47 10.78
N GLY A 66 13.75 -2.48 11.59
CA GLY A 66 14.30 -2.47 12.97
C GLY A 66 15.44 -1.45 13.01
N ALA A 67 16.32 -1.52 12.05
CA ALA A 67 17.45 -0.55 12.00
C ALA A 67 17.35 0.31 10.73
N GLY A 68 16.41 0.01 9.87
CA GLY A 68 16.26 0.79 8.61
C GLY A 68 14.79 0.93 8.24
N SER A 69 14.45 1.91 7.46
CA SER A 69 13.03 2.10 7.07
C SER A 69 12.97 2.69 5.66
N ALA A 70 11.79 2.97 5.18
CA ALA A 70 11.64 3.55 3.82
C ALA A 70 10.31 4.30 3.74
N LEU A 71 10.15 5.16 2.76
CA LEU A 71 8.86 5.90 2.66
C LEU A 71 8.15 5.55 1.36
N LEU A 72 6.89 5.26 1.43
CA LEU A 72 6.12 4.89 0.21
C LEU A 72 5.04 5.93 -0.04
N GLY A 73 4.59 6.02 -1.26
CA GLY A 73 3.52 7.01 -1.58
C GLY A 73 2.97 6.73 -2.98
N THR A 74 1.89 6.02 -3.09
CA THR A 74 1.30 5.73 -4.43
C THR A 74 -0.09 6.38 -4.54
N ASP A 75 -0.81 6.08 -5.60
CA ASP A 75 -2.17 6.65 -5.78
C ASP A 75 -3.00 5.66 -6.61
N VAL A 76 -4.27 5.57 -6.39
CA VAL A 76 -5.07 4.61 -7.18
C VAL A 76 -6.33 5.29 -7.74
N GLN A 77 -6.67 5.01 -8.97
CA GLN A 77 -7.88 5.62 -9.56
C GLN A 77 -8.98 4.57 -9.63
N VAL A 78 -9.77 4.46 -8.60
CA VAL A 78 -10.86 3.45 -8.60
C VAL A 78 -12.01 3.93 -9.50
N GLU A 79 -12.46 3.08 -10.38
CA GLU A 79 -13.57 3.48 -11.29
C GLU A 79 -14.82 2.66 -10.98
N ALA A 80 -15.97 3.24 -11.09
CA ALA A 80 -17.23 2.48 -10.82
C ALA A 80 -17.73 1.85 -12.12
N ALA A 1 11.84 3.24 -0.59
CA ALA A 1 11.64 1.91 -1.23
C ALA A 1 10.88 2.09 -2.54
N THR A 2 10.68 1.04 -3.26
CA THR A 2 9.94 1.16 -4.55
C THR A 2 8.47 0.85 -4.29
N LEU A 3 7.61 1.51 -5.03
CA LEU A 3 6.14 1.33 -4.86
C LEU A 3 5.63 0.24 -5.79
N VAL A 4 5.62 -1.00 -5.37
CA VAL A 4 5.10 -2.06 -6.25
C VAL A 4 3.65 -2.36 -5.87
N GLY A 5 2.71 -1.83 -6.60
CA GLY A 5 1.29 -2.08 -6.24
C GLY A 5 0.58 -2.82 -7.38
N PRO A 6 0.80 -4.11 -7.46
CA PRO A 6 0.18 -4.96 -8.48
C PRO A 6 -1.30 -5.22 -8.18
N HIS A 7 -2.08 -5.38 -9.22
CA HIS A 7 -3.53 -5.64 -9.05
C HIS A 7 -4.21 -5.63 -10.43
N GLY A 8 -5.39 -6.19 -10.52
CA GLY A 8 -6.10 -6.19 -11.84
C GLY A 8 -6.81 -4.85 -12.01
N PRO A 9 -8.07 -4.91 -12.35
CA PRO A 9 -8.87 -3.70 -12.52
C PRO A 9 -9.29 -3.18 -11.15
N LEU A 10 -9.43 -1.89 -11.01
CA LEU A 10 -9.83 -1.33 -9.69
C LEU A 10 -11.21 -0.70 -9.83
N ALA A 11 -12.24 -1.49 -9.71
CA ALA A 11 -13.61 -0.94 -9.82
C ALA A 11 -14.13 -0.66 -8.42
N SER A 12 -15.22 0.04 -8.29
CA SER A 12 -15.75 0.35 -6.94
C SER A 12 -15.99 -0.95 -6.18
N GLY A 13 -15.18 -1.23 -5.20
CA GLY A 13 -15.35 -2.48 -4.41
C GLY A 13 -14.25 -3.48 -4.79
N GLN A 14 -13.06 -3.00 -5.03
CA GLN A 14 -11.95 -3.92 -5.42
C GLN A 14 -10.74 -3.68 -4.52
N LEU A 15 -9.90 -4.67 -4.35
CA LEU A 15 -8.71 -4.48 -3.48
C LEU A 15 -7.43 -4.69 -4.30
N ALA A 16 -6.52 -3.75 -4.21
CA ALA A 16 -5.24 -3.87 -4.97
C ALA A 16 -4.21 -4.48 -4.03
N ALA A 17 -3.30 -5.27 -4.51
CA ALA A 17 -2.30 -5.84 -3.58
C ALA A 17 -1.01 -5.05 -3.73
N PHE A 18 -0.47 -4.59 -2.65
CA PHE A 18 0.76 -3.76 -2.74
C PHE A 18 1.98 -4.48 -2.17
N HIS A 19 3.15 -3.94 -2.44
CA HIS A 19 4.42 -4.50 -1.91
C HIS A 19 5.52 -3.45 -2.09
N ILE A 20 6.31 -3.22 -1.07
CA ILE A 20 7.38 -2.19 -1.17
C ILE A 20 8.73 -2.87 -1.37
N ALA A 21 9.65 -2.25 -2.05
CA ALA A 21 10.97 -2.93 -2.29
C ALA A 21 12.16 -2.01 -2.01
N ALA A 22 13.05 -2.42 -1.14
CA ALA A 22 14.26 -1.61 -0.84
C ALA A 22 15.11 -2.32 0.22
N PRO A 23 14.59 -2.43 1.42
CA PRO A 23 15.28 -3.11 2.52
C PRO A 23 15.10 -4.62 2.37
N LEU A 24 15.69 -5.20 1.35
CA LEU A 24 15.57 -6.68 1.06
C LEU A 24 14.91 -7.46 2.21
N PRO A 25 15.58 -7.54 3.34
CA PRO A 25 15.03 -8.28 4.50
C PRO A 25 13.99 -7.43 5.25
N VAL A 26 12.76 -7.44 4.81
CA VAL A 26 11.71 -6.65 5.52
C VAL A 26 10.80 -7.59 6.31
N THR A 27 10.37 -7.18 7.46
CA THR A 27 9.48 -8.05 8.28
C THR A 27 8.12 -7.37 8.51
N ALA A 28 8.03 -6.09 8.25
CA ALA A 28 6.73 -5.39 8.45
C ALA A 28 6.80 -3.95 7.95
N THR A 29 5.71 -3.44 7.45
CA THR A 29 5.70 -2.03 6.96
C THR A 29 4.35 -1.41 7.30
N ARG A 30 4.34 -0.20 7.77
CA ARG A 30 3.04 0.44 8.10
C ARG A 30 2.57 1.26 6.90
N TRP A 31 1.51 0.85 6.27
CA TRP A 31 1.01 1.61 5.09
C TRP A 31 -0.07 2.58 5.55
N ASP A 32 -0.64 3.28 4.62
CA ASP A 32 -1.73 4.22 4.94
C ASP A 32 -2.62 4.29 3.71
N PHE A 33 -3.75 3.64 3.74
CA PHE A 33 -4.60 3.65 2.52
C PHE A 33 -5.39 4.95 2.44
N GLY A 34 -6.25 5.19 3.38
CA GLY A 34 -7.07 6.44 3.32
C GLY A 34 -8.44 6.10 2.71
N ASP A 35 -8.74 4.84 2.53
CA ASP A 35 -10.06 4.47 1.98
C ASP A 35 -10.97 4.20 3.17
N GLY A 36 -11.19 2.96 3.50
CA GLY A 36 -12.00 2.66 4.69
C GLY A 36 -11.06 2.60 5.89
N SER A 37 -9.82 2.22 5.66
CA SER A 37 -8.84 2.15 6.77
C SER A 37 -7.70 3.13 6.51
N ALA A 38 -7.37 3.94 7.48
CA ALA A 38 -6.26 4.91 7.31
C ALA A 38 -4.91 4.21 7.51
N GLU A 39 -4.49 4.12 8.75
CA GLU A 39 -3.20 3.46 9.07
C GLU A 39 -3.22 2.01 8.62
N VAL A 40 -2.06 1.44 8.36
CA VAL A 40 -2.01 0.03 7.87
C VAL A 40 -0.82 -0.72 8.49
N ASP A 41 -1.05 -1.93 8.92
CA ASP A 41 0.05 -2.75 9.50
C ASP A 41 0.25 -3.96 8.59
N ALA A 42 1.14 -3.86 7.64
CA ALA A 42 1.35 -4.99 6.68
C ALA A 42 2.52 -5.88 7.10
N ALA A 43 2.42 -7.15 6.76
CA ALA A 43 3.52 -8.10 7.11
C ALA A 43 4.60 -8.03 6.03
N GLY A 44 5.85 -8.22 6.41
CA GLY A 44 6.96 -8.13 5.42
C GLY A 44 6.76 -6.86 4.60
N PRO A 45 7.35 -6.82 3.45
CA PRO A 45 7.22 -5.68 2.55
C PRO A 45 5.96 -5.84 1.67
N ALA A 46 4.85 -6.30 2.21
CA ALA A 46 3.67 -6.47 1.32
C ALA A 46 2.36 -6.14 2.06
N ALA A 47 1.44 -5.51 1.36
CA ALA A 47 0.12 -5.15 1.98
C ALA A 47 -0.94 -5.22 0.88
N SER A 48 -2.10 -4.69 1.13
CA SER A 48 -3.19 -4.71 0.12
C SER A 48 -4.16 -3.57 0.40
N HIS A 49 -4.58 -2.87 -0.61
CA HIS A 49 -5.50 -1.71 -0.40
C HIS A 49 -6.94 -2.10 -0.69
N ARG A 50 -7.84 -1.77 0.20
CA ARG A 50 -9.28 -2.08 -0.02
C ARG A 50 -9.96 -0.82 -0.59
N TYR A 51 -10.09 -0.73 -1.89
CA TYR A 51 -10.72 0.47 -2.48
C TYR A 51 -12.18 0.16 -2.84
N VAL A 52 -13.10 0.67 -2.06
CA VAL A 52 -14.54 0.39 -2.33
C VAL A 52 -15.26 1.62 -2.88
N LEU A 53 -14.62 2.78 -2.88
CA LEU A 53 -15.33 3.99 -3.41
C LEU A 53 -14.74 4.34 -4.77
N PRO A 54 -15.59 4.85 -5.63
CA PRO A 54 -15.20 5.25 -6.99
C PRO A 54 -14.48 6.60 -6.95
N GLY A 55 -13.29 6.65 -7.47
CA GLY A 55 -12.52 7.93 -7.47
C GLY A 55 -11.02 7.63 -7.40
N ARG A 56 -10.26 8.42 -6.70
CA ARG A 56 -8.80 8.17 -6.61
C ARG A 56 -8.38 8.14 -5.14
N TYR A 57 -7.26 7.53 -4.85
CA TYR A 57 -6.79 7.46 -3.43
C TYR A 57 -5.30 7.76 -3.38
N HIS A 58 -4.83 8.23 -2.25
CA HIS A 58 -3.37 8.51 -2.10
C HIS A 58 -2.79 7.49 -1.11
N VAL A 59 -1.92 6.63 -1.57
CA VAL A 59 -1.35 5.60 -0.67
C VAL A 59 0.00 6.07 -0.11
N THR A 60 0.32 5.63 1.07
CA THR A 60 1.63 5.99 1.70
C THR A 60 2.11 4.81 2.52
N ALA A 61 3.38 4.70 2.79
CA ALA A 61 3.84 3.53 3.60
C ALA A 61 5.15 3.83 4.30
N VAL A 62 5.48 3.00 5.26
CA VAL A 62 6.75 3.18 6.00
C VAL A 62 7.32 1.79 6.28
N LEU A 63 8.55 1.55 5.92
CA LEU A 63 9.12 0.21 6.14
C LEU A 63 9.74 0.16 7.52
N ALA A 64 9.62 -0.94 8.20
CA ALA A 64 10.25 -1.02 9.55
C ALA A 64 11.06 -2.29 9.68
N LEU A 65 12.33 -2.13 9.63
CA LEU A 65 13.25 -3.28 9.77
C LEU A 65 13.85 -3.26 11.18
N GLY A 66 13.64 -2.19 11.89
CA GLY A 66 14.23 -2.05 13.24
C GLY A 66 15.40 -1.08 13.16
N ALA A 67 16.27 -1.28 12.21
CA ALA A 67 17.43 -0.37 12.04
C ALA A 67 17.33 0.34 10.68
N GLY A 68 16.37 -0.01 9.87
CA GLY A 68 16.23 0.64 8.53
C GLY A 68 14.75 0.83 8.21
N SER A 69 14.44 1.77 7.36
CA SER A 69 13.01 2.02 7.00
C SER A 69 12.92 2.55 5.56
N ALA A 70 11.74 2.84 5.11
CA ALA A 70 11.57 3.38 3.72
C ALA A 70 10.23 4.11 3.64
N LEU A 71 10.17 5.21 2.94
CA LEU A 71 8.88 5.96 2.86
C LEU A 71 8.18 5.64 1.53
N LEU A 72 6.90 5.40 1.58
CA LEU A 72 6.15 5.07 0.33
C LEU A 72 5.04 6.10 0.10
N GLY A 73 4.62 6.24 -1.12
CA GLY A 73 3.55 7.22 -1.45
C GLY A 73 3.02 6.93 -2.86
N THR A 74 2.02 6.09 -2.99
CA THR A 74 1.48 5.78 -4.36
C THR A 74 0.11 6.45 -4.54
N ASP A 75 -0.56 6.14 -5.63
CA ASP A 75 -1.90 6.74 -5.90
C ASP A 75 -2.72 5.74 -6.73
N VAL A 76 -4.00 5.68 -6.55
CA VAL A 76 -4.81 4.72 -7.35
C VAL A 76 -6.03 5.43 -7.95
N GLN A 77 -6.59 4.88 -9.00
CA GLN A 77 -7.78 5.50 -9.65
C GLN A 77 -8.86 4.43 -9.85
N VAL A 78 -9.74 4.28 -8.90
CA VAL A 78 -10.81 3.25 -9.02
C VAL A 78 -12.00 3.84 -9.79
N GLU A 79 -12.63 3.04 -10.62
CA GLU A 79 -13.79 3.56 -11.41
C GLU A 79 -15.10 2.95 -10.89
N ALA A 80 -16.21 3.37 -11.43
CA ALA A 80 -17.52 2.82 -10.98
C ALA A 80 -18.42 2.57 -12.20
N ALA A 1 11.52 2.37 -0.23
CA ALA A 1 11.32 1.13 -1.04
C ALA A 1 10.53 1.49 -2.30
N THR A 2 10.63 0.69 -3.33
CA THR A 2 9.89 0.99 -4.56
C THR A 2 8.41 0.66 -4.37
N LEU A 3 7.58 1.38 -5.06
CA LEU A 3 6.11 1.19 -4.95
C LEU A 3 5.64 0.09 -5.91
N VAL A 4 5.33 -1.07 -5.42
CA VAL A 4 4.85 -2.15 -6.32
C VAL A 4 3.44 -2.56 -5.92
N GLY A 5 2.44 -1.95 -6.49
CA GLY A 5 1.04 -2.30 -6.12
C GLY A 5 0.33 -2.96 -7.31
N PRO A 6 0.58 -4.23 -7.49
CA PRO A 6 -0.04 -5.01 -8.59
C PRO A 6 -1.52 -5.31 -8.33
N HIS A 7 -2.28 -5.40 -9.39
CA HIS A 7 -3.74 -5.68 -9.28
C HIS A 7 -4.39 -5.42 -10.63
N GLY A 8 -3.97 -4.38 -11.29
CA GLY A 8 -4.56 -4.01 -12.60
C GLY A 8 -5.42 -2.76 -12.41
N PRO A 9 -6.56 -2.74 -13.03
CA PRO A 9 -7.50 -1.62 -12.91
C PRO A 9 -8.23 -1.72 -11.58
N LEU A 10 -8.57 -0.61 -11.00
CA LEU A 10 -9.27 -0.66 -9.68
C LEU A 10 -10.74 -0.30 -9.87
N ALA A 11 -11.62 -1.26 -9.73
CA ALA A 11 -13.07 -0.98 -9.88
C ALA A 11 -13.65 -0.64 -8.51
N SER A 12 -14.71 0.14 -8.47
CA SER A 12 -15.31 0.48 -7.15
C SER A 12 -15.72 -0.79 -6.42
N GLY A 13 -15.05 -1.12 -5.36
CA GLY A 13 -15.40 -2.36 -4.60
C GLY A 13 -14.36 -3.45 -4.87
N GLN A 14 -13.12 -3.07 -5.03
CA GLN A 14 -12.07 -4.10 -5.30
C GLN A 14 -10.84 -3.83 -4.40
N LEU A 15 -10.00 -4.82 -4.23
CA LEU A 15 -8.80 -4.63 -3.37
C LEU A 15 -7.54 -4.80 -4.22
N ALA A 16 -6.66 -3.84 -4.18
CA ALA A 16 -5.40 -3.93 -4.96
C ALA A 16 -4.35 -4.59 -4.08
N ALA A 17 -3.46 -5.38 -4.60
CA ALA A 17 -2.46 -5.97 -3.70
C ALA A 17 -1.17 -5.16 -3.83
N PHE A 18 -0.61 -4.75 -2.73
CA PHE A 18 0.61 -3.91 -2.80
C PHE A 18 1.83 -4.63 -2.22
N HIS A 19 2.99 -4.12 -2.54
CA HIS A 19 4.26 -4.69 -2.01
C HIS A 19 5.37 -3.67 -2.28
N ILE A 20 6.26 -3.48 -1.35
CA ILE A 20 7.34 -2.47 -1.54
C ILE A 20 8.67 -3.19 -1.79
N ALA A 21 9.61 -2.57 -2.45
CA ALA A 21 10.89 -3.29 -2.72
C ALA A 21 12.14 -2.44 -2.43
N ALA A 22 13.01 -2.94 -1.58
CA ALA A 22 14.27 -2.20 -1.26
C ALA A 22 14.98 -2.89 -0.09
N PRO A 23 14.41 -2.80 1.08
CA PRO A 23 14.98 -3.44 2.28
C PRO A 23 14.71 -4.94 2.24
N LEU A 24 15.46 -5.66 1.47
CA LEU A 24 15.25 -7.15 1.33
C LEU A 24 14.77 -7.77 2.66
N PRO A 25 15.50 -7.54 3.74
CA PRO A 25 15.14 -8.11 5.05
C PRO A 25 14.05 -7.28 5.77
N VAL A 26 12.86 -7.20 5.21
CA VAL A 26 11.79 -6.42 5.91
C VAL A 26 11.04 -7.33 6.89
N THR A 27 10.57 -6.77 7.97
CA THR A 27 9.82 -7.59 8.97
C THR A 27 8.41 -7.04 9.12
N ALA A 28 8.25 -5.75 9.04
CA ALA A 28 6.90 -5.15 9.17
C ALA A 28 6.90 -3.80 8.45
N THR A 29 5.80 -3.46 7.85
CA THR A 29 5.71 -2.16 7.13
C THR A 29 4.46 -1.43 7.59
N ARG A 30 4.43 -0.14 7.46
CA ARG A 30 3.23 0.62 7.89
C ARG A 30 2.65 1.35 6.69
N TRP A 31 1.60 0.83 6.11
CA TRP A 31 1.01 1.52 4.92
C TRP A 31 -0.04 2.51 5.39
N ASP A 32 -0.62 3.19 4.46
CA ASP A 32 -1.69 4.15 4.80
C ASP A 32 -2.62 4.20 3.59
N PHE A 33 -3.73 3.53 3.66
CA PHE A 33 -4.63 3.52 2.47
C PHE A 33 -5.44 4.82 2.42
N GLY A 34 -6.24 5.06 3.42
CA GLY A 34 -7.06 6.29 3.42
C GLY A 34 -8.44 5.97 2.83
N ASP A 35 -8.79 4.71 2.75
CA ASP A 35 -10.12 4.33 2.22
C ASP A 35 -10.98 3.97 3.43
N GLY A 36 -11.21 2.73 3.66
CA GLY A 36 -11.99 2.33 4.86
C GLY A 36 -11.02 2.26 6.04
N SER A 37 -9.74 2.14 5.75
CA SER A 37 -8.73 2.07 6.85
C SER A 37 -7.57 3.02 6.53
N ALA A 38 -7.24 3.88 7.45
CA ALA A 38 -6.12 4.84 7.20
C ALA A 38 -4.78 4.14 7.44
N GLU A 39 -4.34 4.14 8.67
CA GLU A 39 -3.03 3.48 9.01
C GLU A 39 -3.07 2.02 8.60
N VAL A 40 -1.93 1.44 8.33
CA VAL A 40 -1.91 0.02 7.89
C VAL A 40 -0.73 -0.74 8.51
N ASP A 41 -1.01 -1.81 9.21
CA ASP A 41 0.08 -2.62 9.81
C ASP A 41 0.27 -3.88 8.96
N ALA A 42 1.25 -3.89 8.10
CA ALA A 42 1.44 -5.09 7.23
C ALA A 42 2.71 -5.84 7.62
N ALA A 43 2.88 -7.03 7.10
CA ALA A 43 4.08 -7.84 7.41
C ALA A 43 5.09 -7.74 6.25
N GLY A 44 6.36 -7.88 6.55
CA GLY A 44 7.38 -7.80 5.48
C GLY A 44 7.08 -6.59 4.60
N PRO A 45 7.55 -6.64 3.39
CA PRO A 45 7.32 -5.57 2.42
C PRO A 45 6.02 -5.80 1.65
N ALA A 46 4.94 -6.23 2.29
CA ALA A 46 3.70 -6.47 1.47
C ALA A 46 2.43 -6.08 2.22
N ALA A 47 1.40 -5.75 1.48
CA ALA A 47 0.08 -5.37 2.07
C ALA A 47 -0.98 -5.38 0.94
N SER A 48 -2.17 -4.91 1.22
CA SER A 48 -3.22 -4.88 0.16
C SER A 48 -4.17 -3.71 0.43
N HIS A 49 -4.63 -3.06 -0.61
CA HIS A 49 -5.54 -1.89 -0.41
C HIS A 49 -7.00 -2.26 -0.66
N ARG A 50 -7.87 -1.84 0.20
CA ARG A 50 -9.32 -2.12 0.01
C ARG A 50 -10.00 -0.86 -0.54
N TYR A 51 -10.15 -0.78 -1.84
CA TYR A 51 -10.79 0.43 -2.43
C TYR A 51 -12.24 0.11 -2.81
N VAL A 52 -13.17 0.71 -2.14
CA VAL A 52 -14.61 0.42 -2.44
C VAL A 52 -15.30 1.63 -3.09
N LEU A 53 -14.69 2.78 -3.11
CA LEU A 53 -15.37 3.94 -3.74
C LEU A 53 -14.60 4.39 -4.99
N PRO A 54 -15.32 4.86 -5.96
CA PRO A 54 -14.73 5.33 -7.23
C PRO A 54 -14.11 6.72 -7.02
N GLY A 55 -12.84 6.86 -7.31
CA GLY A 55 -12.18 8.18 -7.13
C GLY A 55 -10.67 7.98 -7.07
N ARG A 56 -9.96 8.91 -6.47
CA ARG A 56 -8.48 8.77 -6.40
C ARG A 56 -8.04 8.65 -4.94
N TYR A 57 -7.40 7.57 -4.59
CA TYR A 57 -6.93 7.41 -3.18
C TYR A 57 -5.43 7.67 -3.11
N HIS A 58 -4.94 8.04 -1.95
CA HIS A 58 -3.48 8.31 -1.80
C HIS A 58 -2.87 7.21 -0.90
N VAL A 59 -1.89 6.51 -1.37
CA VAL A 59 -1.27 5.42 -0.55
C VAL A 59 0.09 5.85 -0.03
N THR A 60 0.48 5.34 1.11
CA THR A 60 1.82 5.68 1.69
C THR A 60 2.32 4.47 2.49
N ALA A 61 3.60 4.37 2.74
CA ALA A 61 4.10 3.21 3.53
C ALA A 61 5.37 3.58 4.31
N VAL A 62 5.62 2.89 5.39
CA VAL A 62 6.84 3.16 6.20
C VAL A 62 7.31 1.81 6.76
N LEU A 63 8.36 1.26 6.22
CA LEU A 63 8.80 -0.07 6.73
C LEU A 63 9.79 0.13 7.87
N ALA A 64 9.83 -0.81 8.78
CA ALA A 64 10.79 -0.70 9.91
C ALA A 64 11.57 -2.01 10.01
N LEU A 65 12.84 -1.93 9.81
CA LEU A 65 13.70 -3.14 9.89
C LEU A 65 14.48 -3.12 11.20
N GLY A 66 14.49 -2.00 11.85
CA GLY A 66 15.25 -1.86 13.13
C GLY A 66 16.34 -0.83 12.93
N ALA A 67 17.14 -1.01 11.91
CA ALA A 67 18.23 -0.02 11.64
C ALA A 67 17.99 0.65 10.28
N GLY A 68 16.99 0.22 9.56
CA GLY A 68 16.70 0.83 8.23
C GLY A 68 15.18 0.95 8.04
N SER A 69 14.76 1.78 7.13
CA SER A 69 13.29 1.94 6.88
C SER A 69 13.06 2.35 5.42
N ALA A 70 11.84 2.34 4.98
CA ALA A 70 11.55 2.72 3.58
C ALA A 70 10.24 3.51 3.51
N LEU A 71 10.27 4.65 2.88
CA LEU A 71 9.02 5.48 2.78
C LEU A 71 8.31 5.19 1.46
N LEU A 72 7.00 5.13 1.49
CA LEU A 72 6.24 4.85 0.25
C LEU A 72 5.15 5.90 0.06
N GLY A 73 4.70 6.06 -1.16
CA GLY A 73 3.63 7.05 -1.45
C GLY A 73 3.04 6.78 -2.83
N THR A 74 2.07 5.91 -2.93
CA THR A 74 1.47 5.61 -4.26
C THR A 74 0.10 6.30 -4.38
N ASP A 75 -0.59 6.07 -5.47
CA ASP A 75 -1.93 6.68 -5.67
C ASP A 75 -2.76 5.75 -6.55
N VAL A 76 -4.06 5.69 -6.36
CA VAL A 76 -4.87 4.78 -7.21
C VAL A 76 -6.07 5.53 -7.75
N GLN A 77 -6.55 5.15 -8.90
CA GLN A 77 -7.73 5.83 -9.50
C GLN A 77 -8.85 4.80 -9.69
N VAL A 78 -9.65 4.60 -8.68
CA VAL A 78 -10.76 3.61 -8.79
C VAL A 78 -11.88 4.18 -9.65
N GLU A 79 -12.40 3.40 -10.57
CA GLU A 79 -13.49 3.89 -11.45
C GLU A 79 -14.80 3.19 -11.07
N ALA A 80 -15.87 3.55 -11.72
CA ALA A 80 -17.18 2.91 -11.40
C ALA A 80 -17.85 2.45 -12.70
#